data_2HQN
#
_entry.id   2HQN
#
_entity_poly.entity_id   1
_entity_poly.type   'polypeptide(L)'
_entity_poly.pdbx_seq_one_letter_code
;GSGSNVIEIGDLTISPDEEKIIYKGREVEVKGKPFEVLTHLARHRDQIVSKEQLLDAIWEEPEMVTPNVIEVAINQIRQK
MDKPLGISTVETVRRRGYRFCYPKPACEE
;
_entity_poly.pdbx_strand_id   A
#
# COMPACT_ATOMS: atom_id res chain seq x y z
N GLY A 1 -18.30 -0.51 22.12
CA GLY A 1 -17.90 -1.72 21.43
C GLY A 1 -18.35 -1.73 19.98
N SER A 2 -17.40 -1.75 19.07
CA SER A 2 -17.69 -1.77 17.64
C SER A 2 -17.01 -2.94 16.94
N GLY A 3 -17.66 -3.47 15.91
CA GLY A 3 -17.09 -4.59 15.19
C GLY A 3 -16.69 -4.22 13.76
N SER A 4 -15.45 -3.78 13.60
CA SER A 4 -14.94 -3.39 12.30
C SER A 4 -13.42 -3.51 12.23
N ASN A 5 -12.87 -3.34 11.03
CA ASN A 5 -11.43 -3.44 10.84
C ASN A 5 -10.81 -2.05 10.65
N VAL A 6 -9.74 -1.78 11.40
CA VAL A 6 -9.05 -0.50 11.31
C VAL A 6 -7.54 -0.67 11.51
N ILE A 7 -6.77 -0.28 10.50
CA ILE A 7 -5.33 -0.39 10.56
C ILE A 7 -4.66 0.95 10.24
N GLU A 8 -3.62 1.28 11.01
CA GLU A 8 -2.91 2.54 10.80
C GLU A 8 -1.41 2.28 10.56
N ILE A 9 -0.84 3.02 9.63
CA ILE A 9 0.58 2.87 9.31
C ILE A 9 1.32 4.19 9.46
N GLY A 10 2.12 4.30 10.51
CA GLY A 10 2.87 5.52 10.76
C GLY A 10 1.99 6.69 11.13
N ASP A 11 1.42 7.35 10.13
CA ASP A 11 0.54 8.49 10.36
C ASP A 11 -0.68 8.42 9.45
N LEU A 12 -0.89 7.28 8.84
CA LEU A 12 -2.03 7.08 7.94
C LEU A 12 -2.98 6.02 8.49
N THR A 13 -4.28 6.29 8.40
CA THR A 13 -5.29 5.36 8.88
C THR A 13 -6.16 4.85 7.74
N ILE A 14 -6.10 3.55 7.49
CA ILE A 14 -6.90 2.95 6.43
C ILE A 14 -7.66 1.73 6.94
N SER A 15 -8.87 1.54 6.42
CA SER A 15 -9.71 0.42 6.83
C SER A 15 -9.97 -0.52 5.65
N PRO A 16 -9.64 -1.81 5.84
CA PRO A 16 -9.82 -2.82 4.80
C PRO A 16 -11.29 -3.14 4.56
N ASP A 17 -12.06 -3.27 5.65
CA ASP A 17 -13.48 -3.57 5.56
C ASP A 17 -14.19 -2.58 4.64
N GLU A 18 -13.93 -1.30 4.87
CA GLU A 18 -14.55 -0.25 4.07
C GLU A 18 -13.60 0.23 2.98
N GLU A 19 -12.49 -0.47 2.81
CA GLU A 19 -11.49 -0.13 1.80
C GLU A 19 -11.36 1.39 1.67
N LYS A 20 -11.25 2.07 2.80
CA LYS A 20 -11.11 3.53 2.81
C LYS A 20 -9.75 3.94 3.34
N ILE A 21 -9.29 5.12 2.92
CA ILE A 21 -8.00 5.63 3.36
C ILE A 21 -8.13 7.03 3.94
N ILE A 22 -7.50 7.26 5.09
CA ILE A 22 -7.55 8.56 5.75
C ILE A 22 -6.15 9.13 5.94
N TYR A 23 -5.89 10.25 5.27
CA TYR A 23 -4.58 10.90 5.36
C TYR A 23 -4.74 12.42 5.53
N LYS A 24 -4.23 12.94 6.64
CA LYS A 24 -4.32 14.37 6.92
C LYS A 24 -5.77 14.83 6.95
N GLY A 25 -6.65 13.97 7.43
CA GLY A 25 -8.06 14.30 7.51
C GLY A 25 -8.78 14.10 6.19
N ARG A 26 -8.04 13.68 5.17
CA ARG A 26 -8.62 13.46 3.85
C ARG A 26 -9.02 12.00 3.68
N GLU A 27 -10.29 11.77 3.35
CA GLU A 27 -10.81 10.43 3.16
C GLU A 27 -10.88 10.08 1.68
N VAL A 28 -10.28 8.94 1.31
CA VAL A 28 -10.28 8.50 -0.08
C VAL A 28 -10.56 7.00 -0.18
N GLU A 29 -11.64 6.65 -0.86
CA GLU A 29 -12.03 5.26 -1.03
C GLU A 29 -11.39 4.66 -2.28
N VAL A 30 -10.65 3.57 -2.10
CA VAL A 30 -9.98 2.91 -3.22
C VAL A 30 -10.51 1.50 -3.40
N LYS A 31 -11.07 1.22 -4.58
CA LYS A 31 -11.61 -0.09 -4.89
C LYS A 31 -10.81 -0.76 -6.00
N GLY A 32 -9.50 -0.89 -5.81
CA GLY A 32 -8.65 -1.51 -6.81
C GLY A 32 -8.28 -2.93 -6.45
N LYS A 33 -7.70 -3.64 -7.41
CA LYS A 33 -7.29 -5.03 -7.19
C LYS A 33 -6.08 -5.10 -6.27
N PRO A 34 -5.05 -4.30 -6.58
CA PRO A 34 -3.82 -4.24 -5.79
C PRO A 34 -4.03 -3.62 -4.42
N PHE A 35 -5.13 -2.89 -4.27
CA PHE A 35 -5.46 -2.23 -3.01
C PHE A 35 -5.31 -3.19 -1.84
N GLU A 36 -5.49 -4.48 -2.12
CA GLU A 36 -5.38 -5.51 -1.09
C GLU A 36 -3.92 -5.75 -0.71
N VAL A 37 -3.11 -6.08 -1.71
CA VAL A 37 -1.69 -6.33 -1.50
C VAL A 37 -1.00 -5.14 -0.86
N LEU A 38 -1.36 -3.94 -1.31
CA LEU A 38 -0.78 -2.71 -0.79
C LEU A 38 -1.24 -2.47 0.65
N THR A 39 -2.54 -2.48 0.86
CA THR A 39 -3.11 -2.26 2.19
C THR A 39 -2.55 -3.26 3.19
N HIS A 40 -2.69 -4.54 2.88
CA HIS A 40 -2.20 -5.61 3.76
C HIS A 40 -0.73 -5.39 4.10
N LEU A 41 0.07 -5.06 3.08
CA LEU A 41 1.50 -4.82 3.28
C LEU A 41 1.73 -3.51 4.03
N ALA A 42 0.76 -2.61 3.96
CA ALA A 42 0.86 -1.32 4.64
C ALA A 42 0.72 -1.49 6.15
N ARG A 43 -0.01 -2.51 6.56
CA ARG A 43 -0.23 -2.78 7.98
C ARG A 43 0.54 -4.02 8.43
N HIS A 44 1.03 -4.79 7.46
CA HIS A 44 1.78 -6.00 7.75
C HIS A 44 3.28 -5.79 7.51
N ARG A 45 3.60 -5.09 6.42
CA ARG A 45 4.99 -4.81 6.07
C ARG A 45 5.44 -3.49 6.67
N ASP A 46 4.64 -2.45 6.46
CA ASP A 46 4.96 -1.12 6.97
C ASP A 46 6.48 -0.93 7.08
N GLN A 47 7.18 -1.13 5.97
CA GLN A 47 8.63 -0.98 5.94
C GLN A 47 9.19 -1.45 4.62
N ILE A 48 10.51 -1.70 4.59
CA ILE A 48 11.17 -2.16 3.38
C ILE A 48 10.91 -3.65 3.15
N VAL A 49 10.38 -3.97 1.97
CA VAL A 49 10.08 -5.36 1.62
C VAL A 49 10.65 -5.70 0.25
N SER A 50 10.89 -6.99 0.02
CA SER A 50 11.43 -7.46 -1.26
C SER A 50 10.31 -7.87 -2.20
N LYS A 51 10.56 -7.72 -3.50
CA LYS A 51 9.57 -8.08 -4.51
C LYS A 51 9.06 -9.50 -4.29
N GLU A 52 9.98 -10.45 -4.15
CA GLU A 52 9.62 -11.84 -3.93
C GLU A 52 8.89 -12.01 -2.60
N GLN A 53 9.39 -11.35 -1.56
CA GLN A 53 8.78 -11.43 -0.23
C GLN A 53 7.31 -11.03 -0.29
N LEU A 54 7.04 -9.87 -0.87
CA LEU A 54 5.67 -9.37 -0.99
C LEU A 54 4.81 -10.32 -1.81
N LEU A 55 5.34 -10.76 -2.95
CA LEU A 55 4.62 -11.67 -3.82
C LEU A 55 4.13 -12.89 -3.06
N ASP A 56 5.03 -13.51 -2.30
CA ASP A 56 4.69 -14.69 -1.51
C ASP A 56 3.92 -14.29 -0.25
N ALA A 57 4.04 -13.03 0.13
CA ALA A 57 3.36 -12.52 1.32
C ALA A 57 1.85 -12.49 1.11
N ILE A 58 1.43 -12.01 -0.06
CA ILE A 58 0.01 -11.92 -0.38
C ILE A 58 -0.41 -13.04 -1.32
N TRP A 59 0.36 -13.23 -2.39
CA TRP A 59 0.07 -14.28 -3.36
C TRP A 59 -1.44 -14.53 -3.47
N GLU A 60 -2.20 -13.46 -3.65
CA GLU A 60 -3.65 -13.56 -3.76
C GLU A 60 -4.05 -14.18 -5.09
N GLU A 61 -3.38 -13.78 -6.17
CA GLU A 61 -3.67 -14.30 -7.49
C GLU A 61 -3.11 -15.71 -7.65
N PRO A 62 -3.64 -16.45 -8.64
CA PRO A 62 -3.20 -17.82 -8.92
C PRO A 62 -1.80 -17.88 -9.51
N GLU A 63 -1.45 -19.02 -10.10
CA GLU A 63 -0.14 -19.20 -10.70
C GLU A 63 0.11 -18.15 -11.79
N MET A 64 -0.97 -17.55 -12.27
CA MET A 64 -0.88 -16.53 -13.32
C MET A 64 -0.53 -15.18 -12.71
N VAL A 65 -0.30 -15.14 -11.40
CA VAL A 65 0.05 -13.92 -10.72
C VAL A 65 1.34 -13.31 -11.26
N THR A 66 2.34 -14.17 -11.46
CA THR A 66 3.63 -13.73 -11.97
C THR A 66 4.29 -12.73 -11.02
N PRO A 67 5.63 -12.66 -11.08
CA PRO A 67 6.41 -11.74 -10.25
C PRO A 67 6.21 -10.29 -10.63
N ASN A 68 5.58 -10.07 -11.79
CA ASN A 68 5.33 -8.71 -12.27
C ASN A 68 4.12 -8.10 -11.57
N VAL A 69 3.35 -8.93 -10.89
CA VAL A 69 2.16 -8.47 -10.18
C VAL A 69 2.51 -7.40 -9.16
N ILE A 70 3.74 -7.45 -8.65
CA ILE A 70 4.20 -6.48 -7.67
C ILE A 70 4.31 -5.10 -8.28
N GLU A 71 5.09 -4.98 -9.36
CA GLU A 71 5.27 -3.70 -10.04
C GLU A 71 3.94 -3.16 -10.55
N VAL A 72 3.05 -4.06 -10.93
CA VAL A 72 1.73 -3.67 -11.44
C VAL A 72 0.87 -3.09 -10.32
N ALA A 73 0.97 -3.68 -9.14
CA ALA A 73 0.20 -3.21 -7.98
C ALA A 73 0.70 -1.86 -7.50
N ILE A 74 2.03 -1.68 -7.53
CA ILE A 74 2.64 -0.44 -7.08
C ILE A 74 2.31 0.70 -8.03
N ASN A 75 2.47 0.46 -9.32
CA ASN A 75 2.19 1.46 -10.34
C ASN A 75 0.70 1.84 -10.34
N GLN A 76 -0.16 0.84 -10.42
CA GLN A 76 -1.59 1.07 -10.42
C GLN A 76 -2.03 1.81 -9.16
N ILE A 77 -1.61 1.30 -8.01
CA ILE A 77 -1.96 1.92 -6.73
C ILE A 77 -1.41 3.33 -6.64
N ARG A 78 -0.13 3.48 -6.93
CA ARG A 78 0.53 4.79 -6.88
C ARG A 78 -0.26 5.82 -7.69
N GLN A 79 -0.74 5.41 -8.86
CA GLN A 79 -1.51 6.30 -9.72
C GLN A 79 -2.93 6.46 -9.20
N LYS A 80 -3.37 5.51 -8.38
CA LYS A 80 -4.72 5.55 -7.81
C LYS A 80 -4.68 6.06 -6.37
N MET A 81 -3.50 6.44 -5.91
CA MET A 81 -3.33 6.95 -4.55
C MET A 81 -2.31 8.07 -4.51
N ASP A 82 -1.04 7.72 -4.74
CA ASP A 82 0.04 8.71 -4.73
C ASP A 82 -0.27 9.84 -5.70
N LYS A 83 -1.02 9.55 -6.75
CA LYS A 83 -1.38 10.55 -7.74
C LYS A 83 -2.40 11.54 -7.18
N PRO A 84 -3.57 11.01 -6.78
CA PRO A 84 -4.65 11.82 -6.21
C PRO A 84 -4.30 12.38 -4.83
N LEU A 85 -3.34 11.73 -4.17
CA LEU A 85 -2.92 12.16 -2.85
C LEU A 85 -1.58 12.90 -2.92
N GLY A 86 -0.98 12.92 -4.10
CA GLY A 86 0.29 13.60 -4.28
C GLY A 86 1.29 13.26 -3.18
N ILE A 87 1.22 12.02 -2.70
CA ILE A 87 2.13 11.57 -1.64
C ILE A 87 2.87 10.30 -2.06
N SER A 88 3.74 9.82 -1.18
CA SER A 88 4.52 8.63 -1.46
C SER A 88 4.14 7.49 -0.51
N THR A 89 3.91 6.31 -1.07
CA THR A 89 3.53 5.15 -0.28
C THR A 89 4.60 4.05 -0.38
N VAL A 90 4.83 3.57 -1.59
CA VAL A 90 5.81 2.52 -1.81
C VAL A 90 6.99 3.03 -2.65
N GLU A 91 8.19 2.93 -2.10
CA GLU A 91 9.39 3.40 -2.79
C GLU A 91 10.14 2.22 -3.40
N THR A 92 10.22 2.20 -4.72
CA THR A 92 10.91 1.13 -5.44
C THR A 92 12.42 1.30 -5.35
N VAL A 93 13.07 0.36 -4.66
CA VAL A 93 14.52 0.40 -4.50
C VAL A 93 15.18 -0.80 -5.14
N ARG A 94 16.32 -0.57 -5.80
CA ARG A 94 17.05 -1.65 -6.45
C ARG A 94 17.67 -2.60 -5.43
N ARG A 95 17.65 -2.19 -4.16
CA ARG A 95 18.21 -3.00 -3.09
C ARG A 95 17.31 -4.19 -2.78
N ARG A 96 16.19 -3.91 -2.10
CA ARG A 96 15.25 -4.96 -1.74
C ARG A 96 14.15 -5.09 -2.80
N GLY A 97 13.57 -3.97 -3.18
CA GLY A 97 12.52 -3.98 -4.18
C GLY A 97 11.51 -2.86 -3.98
N TYR A 98 10.71 -2.97 -2.92
CA TYR A 98 9.69 -1.97 -2.62
C TYR A 98 9.56 -1.78 -1.11
N ARG A 99 9.52 -0.52 -0.69
CA ARG A 99 9.38 -0.19 0.73
C ARG A 99 8.10 0.59 1.00
N PHE A 100 7.26 0.06 1.87
CA PHE A 100 6.00 0.70 2.20
C PHE A 100 6.15 1.55 3.47
N CYS A 101 6.20 2.87 3.28
CA CYS A 101 6.33 3.79 4.40
C CYS A 101 5.56 5.08 4.14
N TYR A 102 4.42 5.22 4.82
CA TYR A 102 3.59 6.41 4.66
C TYR A 102 4.11 7.56 5.51
N PRO A 103 4.60 8.62 4.84
CA PRO A 103 5.13 9.80 5.51
C PRO A 103 4.04 10.62 6.20
N LYS A 104 4.36 11.89 6.50
CA LYS A 104 3.41 12.77 7.16
C LYS A 104 3.85 14.22 7.05
N PRO A 105 5.03 14.52 7.60
CA PRO A 105 5.59 15.88 7.58
C PRO A 105 6.04 16.29 6.19
N ALA A 106 6.26 15.30 5.32
CA ALA A 106 6.69 15.57 3.95
C ALA A 106 7.87 16.52 3.92
N CYS A 107 8.84 16.27 4.80
CA CYS A 107 10.03 17.12 4.87
C CYS A 107 11.22 16.45 4.18
N GLU A 108 11.57 16.95 3.00
CA GLU A 108 12.68 16.39 2.24
C GLU A 108 13.93 17.26 2.37
N GLU A 109 15.06 16.75 1.91
CA GLU A 109 16.31 17.49 1.99
C GLU A 109 16.29 18.70 1.07
N GLY A 1 -18.12 -0.52 21.50
CA GLY A 1 -17.84 -1.71 20.71
C GLY A 1 -18.11 -1.50 19.23
N SER A 2 -17.98 -0.26 18.78
CA SER A 2 -18.21 0.06 17.38
C SER A 2 -16.89 0.19 16.62
N GLY A 3 -16.87 -0.31 15.39
CA GLY A 3 -15.66 -0.25 14.59
C GLY A 3 -14.65 -1.30 14.98
N SER A 4 -14.36 -2.21 14.05
CA SER A 4 -13.40 -3.28 14.31
C SER A 4 -12.37 -3.37 13.19
N ASN A 5 -12.83 -3.20 11.96
CA ASN A 5 -11.96 -3.26 10.79
C ASN A 5 -11.24 -1.93 10.58
N VAL A 6 -10.17 -1.72 11.33
CA VAL A 6 -9.39 -0.48 11.24
C VAL A 6 -7.91 -0.74 11.53
N ILE A 7 -7.06 -0.41 10.57
CA ILE A 7 -5.62 -0.59 10.74
C ILE A 7 -4.87 0.71 10.54
N GLU A 8 -3.88 0.96 11.40
CA GLU A 8 -3.09 2.17 11.31
C GLU A 8 -1.61 1.84 11.07
N ILE A 9 -0.96 2.63 10.22
CA ILE A 9 0.44 2.43 9.91
C ILE A 9 1.23 3.72 10.08
N GLY A 10 2.04 3.79 11.13
CA GLY A 10 2.84 4.97 11.38
C GLY A 10 2.00 6.18 11.74
N ASP A 11 1.57 6.91 10.71
CA ASP A 11 0.76 8.10 10.92
C ASP A 11 -0.45 8.10 9.99
N LEU A 12 -0.61 7.01 9.24
CA LEU A 12 -1.72 6.88 8.31
C LEU A 12 -2.72 5.84 8.79
N THR A 13 -4.01 6.16 8.66
CA THR A 13 -5.07 5.25 9.09
C THR A 13 -5.91 4.80 7.92
N ILE A 14 -5.90 3.49 7.65
CA ILE A 14 -6.67 2.94 6.54
C ILE A 14 -7.52 1.77 7.01
N SER A 15 -8.72 1.64 6.42
CA SER A 15 -9.63 0.57 6.78
C SER A 15 -9.84 -0.38 5.61
N PRO A 16 -9.56 -1.68 5.85
CA PRO A 16 -9.70 -2.72 4.83
C PRO A 16 -11.16 -3.00 4.49
N ASP A 17 -12.00 -3.08 5.51
CA ASP A 17 -13.42 -3.34 5.32
C ASP A 17 -14.06 -2.27 4.44
N GLU A 18 -13.77 -1.01 4.74
CA GLU A 18 -14.31 0.11 3.97
C GLU A 18 -13.35 0.53 2.87
N GLU A 19 -12.27 -0.24 2.71
CA GLU A 19 -11.27 0.06 1.69
C GLU A 19 -11.08 1.57 1.53
N LYS A 20 -10.87 2.25 2.65
CA LYS A 20 -10.68 3.69 2.64
C LYS A 20 -9.33 4.06 3.28
N ILE A 21 -8.83 5.24 2.92
CA ILE A 21 -7.56 5.72 3.46
C ILE A 21 -7.70 7.11 4.08
N ILE A 22 -7.13 7.27 5.27
CA ILE A 22 -7.19 8.55 5.97
C ILE A 22 -5.80 9.09 6.26
N TYR A 23 -5.48 10.24 5.68
CA TYR A 23 -4.17 10.86 5.87
C TYR A 23 -4.31 12.36 6.13
N LYS A 24 -3.83 12.80 7.29
CA LYS A 24 -3.89 14.21 7.65
C LYS A 24 -5.34 14.72 7.59
N GLY A 25 -6.28 13.85 7.93
CA GLY A 25 -7.68 14.23 7.92
C GLY A 25 -8.30 14.10 6.54
N ARG A 26 -7.49 13.68 5.56
CA ARG A 26 -7.97 13.51 4.19
C ARG A 26 -8.41 12.08 3.95
N GLU A 27 -9.67 11.91 3.52
CA GLU A 27 -10.22 10.59 3.25
C GLU A 27 -10.21 10.30 1.75
N VAL A 28 -9.65 9.15 1.39
CA VAL A 28 -9.57 8.75 -0.01
C VAL A 28 -9.92 7.28 -0.18
N GLU A 29 -10.99 7.01 -0.92
CA GLU A 29 -11.43 5.63 -1.15
C GLU A 29 -10.80 5.06 -2.42
N VAL A 30 -10.09 3.94 -2.27
CA VAL A 30 -9.44 3.30 -3.40
C VAL A 30 -10.00 1.91 -3.65
N LYS A 31 -10.53 1.70 -4.86
CA LYS A 31 -11.11 0.41 -5.22
C LYS A 31 -10.31 -0.24 -6.35
N GLY A 32 -9.01 -0.38 -6.14
CA GLY A 32 -8.16 -0.99 -7.15
C GLY A 32 -7.86 -2.45 -6.85
N LYS A 33 -7.31 -3.15 -7.84
CA LYS A 33 -6.97 -4.56 -7.67
C LYS A 33 -5.82 -4.74 -6.69
N PRO A 34 -4.74 -3.97 -6.88
CA PRO A 34 -3.56 -4.02 -6.01
C PRO A 34 -3.84 -3.44 -4.63
N PHE A 35 -4.92 -2.68 -4.52
CA PHE A 35 -5.28 -2.06 -3.25
C PHE A 35 -5.25 -3.08 -2.12
N GLU A 36 -5.46 -4.35 -2.46
CA GLU A 36 -5.45 -5.42 -1.48
C GLU A 36 -4.02 -5.73 -1.02
N VAL A 37 -3.15 -6.03 -1.98
CA VAL A 37 -1.75 -6.34 -1.68
C VAL A 37 -1.08 -5.18 -0.95
N LEU A 38 -1.43 -3.96 -1.33
CA LEU A 38 -0.86 -2.77 -0.72
C LEU A 38 -1.35 -2.60 0.72
N THR A 39 -2.67 -2.65 0.89
CA THR A 39 -3.26 -2.52 2.21
C THR A 39 -2.74 -3.59 3.16
N HIS A 40 -2.89 -4.85 2.77
CA HIS A 40 -2.43 -5.97 3.59
C HIS A 40 -0.98 -5.77 4.01
N LEU A 41 -0.12 -5.48 3.04
CA LEU A 41 1.30 -5.27 3.31
C LEU A 41 1.51 -4.01 4.13
N ALA A 42 0.56 -3.08 4.05
CA ALA A 42 0.65 -1.83 4.79
C ALA A 42 0.56 -2.07 6.29
N ARG A 43 -0.23 -3.07 6.68
CA ARG A 43 -0.40 -3.40 8.08
C ARG A 43 0.29 -4.71 8.43
N HIS A 44 0.81 -5.39 7.40
CA HIS A 44 1.50 -6.66 7.60
C HIS A 44 3.02 -6.48 7.46
N ARG A 45 3.43 -5.73 6.43
CA ARG A 45 4.84 -5.48 6.19
C ARG A 45 5.27 -4.16 6.83
N ASP A 46 4.50 -3.11 6.57
CA ASP A 46 4.81 -1.78 7.12
C ASP A 46 6.32 -1.60 7.26
N GLN A 47 7.03 -1.78 6.16
CA GLN A 47 8.49 -1.63 6.16
C GLN A 47 9.08 -2.11 4.85
N ILE A 48 10.39 -2.39 4.86
CA ILE A 48 11.08 -2.86 3.67
C ILE A 48 10.78 -4.33 3.41
N VAL A 49 10.27 -4.63 2.22
CA VAL A 49 9.93 -6.00 1.84
C VAL A 49 10.54 -6.36 0.50
N SER A 50 10.72 -7.65 0.27
CA SER A 50 11.30 -8.14 -0.99
C SER A 50 10.22 -8.46 -2.01
N LYS A 51 10.53 -8.25 -3.28
CA LYS A 51 9.58 -8.53 -4.35
C LYS A 51 9.00 -9.93 -4.22
N GLU A 52 9.88 -10.92 -4.07
CA GLU A 52 9.45 -12.31 -3.94
C GLU A 52 8.62 -12.50 -2.66
N GLN A 53 9.11 -11.93 -1.56
CA GLN A 53 8.43 -12.05 -0.28
C GLN A 53 6.98 -11.56 -0.39
N LEU A 54 6.81 -10.34 -0.89
CA LEU A 54 5.48 -9.75 -1.05
C LEU A 54 4.62 -10.61 -1.96
N LEU A 55 5.18 -11.02 -3.10
CA LEU A 55 4.47 -11.84 -4.07
C LEU A 55 3.84 -13.06 -3.38
N ASP A 56 4.65 -13.79 -2.62
CA ASP A 56 4.17 -14.96 -1.90
C ASP A 56 3.37 -14.57 -0.68
N ALA A 57 3.57 -13.34 -0.21
CA ALA A 57 2.85 -12.84 0.95
C ALA A 57 1.36 -12.73 0.68
N ILE A 58 1.01 -12.19 -0.48
CA ILE A 58 -0.39 -12.03 -0.86
C ILE A 58 -0.80 -13.06 -1.91
N TRP A 59 0.02 -13.20 -2.95
CA TRP A 59 -0.25 -14.16 -4.01
C TRP A 59 -1.76 -14.38 -4.18
N GLU A 60 -2.50 -13.28 -4.35
CA GLU A 60 -3.94 -13.35 -4.52
C GLU A 60 -4.30 -13.86 -5.90
N GLU A 61 -3.58 -13.39 -6.91
CA GLU A 61 -3.83 -13.79 -8.29
C GLU A 61 -3.28 -15.19 -8.55
N PRO A 62 -3.84 -15.87 -9.55
CA PRO A 62 -3.42 -17.23 -9.93
C PRO A 62 -2.03 -17.25 -10.55
N GLU A 63 -1.71 -18.35 -11.23
CA GLU A 63 -0.41 -18.50 -11.88
C GLU A 63 -0.16 -17.37 -12.86
N MET A 64 -1.24 -16.72 -13.29
CA MET A 64 -1.13 -15.61 -14.23
C MET A 64 -0.74 -14.32 -13.52
N VAL A 65 -0.49 -14.42 -12.22
CA VAL A 65 -0.11 -13.27 -11.42
C VAL A 65 1.18 -12.64 -11.95
N THR A 66 2.14 -13.47 -12.30
CA THR A 66 3.41 -12.99 -12.82
C THR A 66 4.16 -12.18 -11.78
N PRO A 67 5.49 -12.12 -11.92
CA PRO A 67 6.36 -11.37 -10.99
C PRO A 67 6.18 -9.86 -11.13
N ASN A 68 5.51 -9.44 -12.21
CA ASN A 68 5.27 -8.02 -12.46
C ASN A 68 4.12 -7.51 -11.61
N VAL A 69 3.40 -8.44 -10.99
CA VAL A 69 2.26 -8.08 -10.14
C VAL A 69 2.66 -7.08 -9.06
N ILE A 70 3.90 -7.22 -8.57
CA ILE A 70 4.41 -6.33 -7.54
C ILE A 70 4.62 -4.93 -8.07
N GLU A 71 5.41 -4.81 -9.14
CA GLU A 71 5.69 -3.52 -9.75
C GLU A 71 4.41 -2.86 -10.23
N VAL A 72 3.49 -3.67 -10.76
CA VAL A 72 2.22 -3.17 -11.28
C VAL A 72 1.35 -2.66 -10.13
N ALA A 73 1.45 -3.30 -8.98
CA ALA A 73 0.67 -2.91 -7.81
C ALA A 73 1.15 -1.58 -7.25
N ILE A 74 2.46 -1.42 -7.16
CA ILE A 74 3.05 -0.19 -6.63
C ILE A 74 2.82 0.97 -7.57
N ASN A 75 3.06 0.75 -8.86
CA ASN A 75 2.89 1.78 -9.87
C ASN A 75 1.41 2.18 -9.97
N GLN A 76 0.55 1.19 -10.15
CA GLN A 76 -0.89 1.45 -10.27
C GLN A 76 -1.41 2.18 -9.04
N ILE A 77 -1.08 1.66 -7.86
CA ILE A 77 -1.51 2.27 -6.60
C ILE A 77 -0.93 3.67 -6.44
N ARG A 78 0.39 3.79 -6.67
CA ARG A 78 1.07 5.07 -6.55
C ARG A 78 0.36 6.15 -7.36
N GLN A 79 0.01 5.81 -8.60
CA GLN A 79 -0.68 6.75 -9.48
C GLN A 79 -2.14 6.90 -9.09
N LYS A 80 -2.65 5.94 -8.33
CA LYS A 80 -4.03 5.95 -7.88
C LYS A 80 -4.13 6.42 -6.43
N MET A 81 -2.99 6.81 -5.86
CA MET A 81 -2.95 7.28 -4.48
C MET A 81 -1.87 8.34 -4.30
N ASP A 82 -0.62 7.93 -4.44
CA ASP A 82 0.50 8.85 -4.30
C ASP A 82 0.37 10.03 -5.25
N LYS A 83 -0.33 9.81 -6.36
CA LYS A 83 -0.53 10.86 -7.36
C LYS A 83 -1.51 11.91 -6.85
N PRO A 84 -2.75 11.48 -6.55
CA PRO A 84 -3.80 12.36 -6.05
C PRO A 84 -3.52 12.85 -4.63
N LEU A 85 -2.69 12.10 -3.91
CA LEU A 85 -2.35 12.47 -2.53
C LEU A 85 -0.95 13.06 -2.47
N GLY A 86 -0.25 13.07 -3.61
CA GLY A 86 1.09 13.62 -3.66
C GLY A 86 1.94 13.17 -2.49
N ILE A 87 1.74 11.93 -2.06
CA ILE A 87 2.50 11.38 -0.94
C ILE A 87 3.08 10.00 -1.30
N SER A 88 4.27 9.72 -0.78
CA SER A 88 4.93 8.45 -1.04
C SER A 88 4.38 7.35 -0.12
N THR A 89 4.27 6.15 -0.67
CA THR A 89 3.76 5.02 0.10
C THR A 89 4.70 3.81 -0.01
N VAL A 90 5.24 3.60 -1.21
CA VAL A 90 6.16 2.49 -1.43
C VAL A 90 7.40 2.95 -2.17
N GLU A 91 8.57 2.63 -1.60
CA GLU A 91 9.85 3.02 -2.20
C GLU A 91 10.55 1.81 -2.80
N THR A 92 10.61 1.78 -4.14
CA THR A 92 11.25 0.67 -4.84
C THR A 92 12.77 0.78 -4.76
N VAL A 93 13.39 -0.18 -4.07
CA VAL A 93 14.84 -0.20 -3.91
C VAL A 93 15.45 -1.44 -4.54
N ARG A 94 16.58 -1.27 -5.20
CA ARG A 94 17.26 -2.38 -5.85
C ARG A 94 17.86 -3.34 -4.81
N ARG A 95 17.87 -2.90 -3.56
CA ARG A 95 18.41 -3.71 -2.47
C ARG A 95 17.50 -4.88 -2.15
N ARG A 96 16.31 -4.58 -1.63
CA ARG A 96 15.34 -5.60 -1.28
C ARG A 96 14.24 -5.69 -2.33
N GLY A 97 13.75 -4.53 -2.76
CA GLY A 97 12.70 -4.51 -3.76
C GLY A 97 11.73 -3.36 -3.56
N TYR A 98 10.88 -3.46 -2.56
CA TYR A 98 9.90 -2.42 -2.27
C TYR A 98 9.71 -2.26 -0.77
N ARG A 99 9.61 -1.02 -0.31
CA ARG A 99 9.42 -0.72 1.10
C ARG A 99 8.16 0.10 1.32
N PHE A 100 7.25 -0.42 2.14
CA PHE A 100 5.99 0.27 2.44
C PHE A 100 6.11 1.07 3.73
N CYS A 101 6.24 2.39 3.60
CA CYS A 101 6.35 3.26 4.76
C CYS A 101 5.68 4.60 4.50
N TYR A 102 4.57 4.84 5.21
CA TYR A 102 3.83 6.08 5.05
C TYR A 102 4.48 7.22 5.85
N PRO A 103 5.03 8.21 5.14
CA PRO A 103 5.69 9.35 5.76
C PRO A 103 4.70 10.29 6.46
N LYS A 104 5.12 11.52 6.71
CA LYS A 104 4.27 12.51 7.37
C LYS A 104 4.45 13.88 6.73
N PRO A 105 5.64 14.45 6.89
CA PRO A 105 5.97 15.77 6.33
C PRO A 105 6.05 15.76 4.81
N ALA A 106 5.92 14.58 4.22
CA ALA A 106 5.97 14.43 2.78
C ALA A 106 5.09 15.47 2.08
N CYS A 107 5.70 16.26 1.20
CA CYS A 107 4.97 17.29 0.47
C CYS A 107 5.27 17.21 -1.02
N GLU A 108 4.82 18.23 -1.76
CA GLU A 108 5.04 18.27 -3.20
C GLU A 108 6.33 19.01 -3.54
N GLU A 109 7.02 18.56 -4.58
CA GLU A 109 8.27 19.18 -5.00
C GLU A 109 8.06 20.65 -5.31
N GLY A 1 -19.12 -0.33 20.68
CA GLY A 1 -19.17 -1.41 19.71
C GLY A 1 -18.55 -1.02 18.38
N SER A 2 -18.06 -2.01 17.64
CA SER A 2 -17.44 -1.75 16.35
C SER A 2 -17.78 -2.86 15.35
N GLY A 3 -17.81 -2.50 14.07
CA GLY A 3 -18.14 -3.47 13.04
C GLY A 3 -17.30 -3.28 11.78
N SER A 4 -15.99 -3.14 11.96
CA SER A 4 -15.08 -2.94 10.84
C SER A 4 -13.63 -2.91 11.31
N ASN A 5 -12.71 -3.19 10.40
CA ASN A 5 -11.29 -3.19 10.73
C ASN A 5 -10.69 -1.80 10.56
N VAL A 6 -9.65 -1.51 11.33
CA VAL A 6 -8.98 -0.22 11.27
C VAL A 6 -7.48 -0.36 11.52
N ILE A 7 -6.68 -0.10 10.49
CA ILE A 7 -5.24 -0.19 10.60
C ILE A 7 -4.58 1.17 10.41
N GLU A 8 -3.58 1.47 11.24
CA GLU A 8 -2.88 2.74 11.17
C GLU A 8 -1.39 2.52 10.91
N ILE A 9 -0.86 3.22 9.91
CA ILE A 9 0.55 3.09 9.56
C ILE A 9 1.26 4.44 9.65
N GLY A 10 2.08 4.60 10.69
CA GLY A 10 2.81 5.84 10.88
C GLY A 10 1.90 6.99 11.24
N ASP A 11 1.30 7.61 10.23
CA ASP A 11 0.40 8.73 10.45
C ASP A 11 -0.82 8.64 9.54
N LEU A 12 -0.99 7.49 8.89
CA LEU A 12 -2.11 7.28 7.99
C LEU A 12 -3.02 6.17 8.50
N THR A 13 -4.33 6.40 8.42
CA THR A 13 -5.31 5.42 8.88
C THR A 13 -6.18 4.94 7.73
N ILE A 14 -6.12 3.64 7.45
CA ILE A 14 -6.91 3.05 6.37
C ILE A 14 -7.69 1.84 6.87
N SER A 15 -8.88 1.65 6.31
CA SER A 15 -9.73 0.52 6.70
C SER A 15 -9.85 -0.48 5.56
N PRO A 16 -9.45 -1.73 5.83
CA PRO A 16 -9.51 -2.82 4.84
C PRO A 16 -10.93 -3.24 4.52
N ASP A 17 -11.75 -3.35 5.55
CA ASP A 17 -13.15 -3.74 5.38
C ASP A 17 -13.91 -2.73 4.54
N GLU A 18 -13.71 -1.45 4.86
CA GLU A 18 -14.38 -0.38 4.14
C GLU A 18 -13.51 0.13 2.99
N GLU A 19 -12.38 -0.53 2.79
CA GLU A 19 -11.46 -0.14 1.71
C GLU A 19 -11.42 1.37 1.55
N LYS A 20 -11.10 2.07 2.65
CA LYS A 20 -11.02 3.52 2.62
C LYS A 20 -9.69 3.99 3.22
N ILE A 21 -9.29 5.20 2.85
CA ILE A 21 -8.05 5.78 3.35
C ILE A 21 -8.28 7.15 3.96
N ILE A 22 -7.74 7.36 5.16
CA ILE A 22 -7.90 8.63 5.85
C ILE A 22 -6.54 9.22 6.21
N TYR A 23 -6.21 10.36 5.60
CA TYR A 23 -4.93 11.03 5.85
C TYR A 23 -5.12 12.54 5.92
N LYS A 24 -4.67 13.14 7.01
CA LYS A 24 -4.77 14.58 7.20
C LYS A 24 -6.22 15.03 7.08
N GLY A 25 -7.15 14.18 7.51
CA GLY A 25 -8.55 14.51 7.46
C GLY A 25 -9.15 14.28 6.08
N ARG A 26 -8.31 13.81 5.15
CA ARG A 26 -8.76 13.55 3.78
C ARG A 26 -9.17 12.08 3.63
N GLU A 27 -10.40 11.88 3.16
CA GLU A 27 -10.92 10.52 2.97
C GLU A 27 -10.89 10.15 1.49
N VAL A 28 -10.29 9.00 1.19
CA VAL A 28 -10.19 8.52 -0.18
C VAL A 28 -10.50 7.02 -0.27
N GLU A 29 -11.55 6.68 -0.99
CA GLU A 29 -11.95 5.28 -1.15
C GLU A 29 -11.33 4.68 -2.40
N VAL A 30 -10.57 3.60 -2.22
CA VAL A 30 -9.92 2.93 -3.34
C VAL A 30 -10.43 1.50 -3.49
N LYS A 31 -10.99 1.20 -4.67
CA LYS A 31 -11.52 -0.13 -4.94
C LYS A 31 -10.72 -0.80 -6.04
N GLY A 32 -9.41 -0.90 -5.85
CA GLY A 32 -8.56 -1.53 -6.85
C GLY A 32 -8.20 -2.96 -6.47
N LYS A 33 -7.59 -3.66 -7.41
CA LYS A 33 -7.19 -5.05 -7.18
C LYS A 33 -5.99 -5.13 -6.23
N PRO A 34 -4.95 -4.32 -6.53
CA PRO A 34 -3.73 -4.28 -5.72
C PRO A 34 -3.96 -3.63 -4.36
N PHE A 35 -5.07 -2.91 -4.23
CA PHE A 35 -5.41 -2.24 -2.98
C PHE A 35 -5.26 -3.19 -1.80
N GLU A 36 -5.43 -4.48 -2.07
CA GLU A 36 -5.32 -5.50 -1.02
C GLU A 36 -3.86 -5.71 -0.63
N VAL A 37 -3.03 -6.04 -1.62
CA VAL A 37 -1.61 -6.28 -1.39
C VAL A 37 -0.95 -5.06 -0.76
N LEU A 38 -1.34 -3.87 -1.21
CA LEU A 38 -0.78 -2.63 -0.70
C LEU A 38 -1.22 -2.40 0.75
N THR A 39 -2.53 -2.43 0.98
CA THR A 39 -3.08 -2.23 2.31
C THR A 39 -2.49 -3.22 3.31
N HIS A 40 -2.62 -4.50 2.99
CA HIS A 40 -2.10 -5.56 3.86
C HIS A 40 -0.64 -5.31 4.20
N LEU A 41 0.17 -5.11 3.17
CA LEU A 41 1.60 -4.86 3.37
C LEU A 41 1.84 -3.54 4.10
N ALA A 42 0.85 -2.66 4.03
CA ALA A 42 0.94 -1.36 4.70
C ALA A 42 0.98 -1.52 6.21
N ARG A 43 0.16 -2.42 6.74
CA ARG A 43 0.11 -2.67 8.16
C ARG A 43 0.80 -3.98 8.52
N HIS A 44 1.24 -4.71 7.50
CA HIS A 44 1.93 -5.98 7.70
C HIS A 44 3.43 -5.84 7.45
N ARG A 45 3.77 -5.12 6.39
CA ARG A 45 5.18 -4.90 6.04
C ARG A 45 5.69 -3.58 6.64
N ASP A 46 4.93 -2.51 6.42
CA ASP A 46 5.31 -1.20 6.93
C ASP A 46 6.83 -1.06 7.01
N GLN A 47 7.49 -1.29 5.88
CA GLN A 47 8.95 -1.19 5.81
C GLN A 47 9.47 -1.68 4.46
N ILE A 48 10.77 -1.94 4.39
CA ILE A 48 11.38 -2.40 3.16
C ILE A 48 11.11 -3.89 2.93
N VAL A 49 10.54 -4.20 1.78
CA VAL A 49 10.22 -5.59 1.44
C VAL A 49 10.74 -5.94 0.05
N SER A 50 10.99 -7.23 -0.18
CA SER A 50 11.48 -7.70 -1.46
C SER A 50 10.34 -8.07 -2.39
N LYS A 51 10.56 -7.92 -3.69
CA LYS A 51 9.54 -8.25 -4.69
C LYS A 51 8.99 -9.65 -4.46
N GLU A 52 9.89 -10.62 -4.34
CA GLU A 52 9.49 -12.00 -4.12
C GLU A 52 8.77 -12.17 -2.78
N GLN A 53 9.33 -11.54 -1.75
CA GLN A 53 8.74 -11.61 -0.41
C GLN A 53 7.29 -11.16 -0.42
N LEU A 54 7.04 -10.01 -1.05
CA LEU A 54 5.69 -9.47 -1.14
C LEU A 54 4.78 -10.40 -1.94
N LEU A 55 5.27 -10.84 -3.10
CA LEU A 55 4.50 -11.73 -3.95
C LEU A 55 4.01 -12.96 -3.18
N ASP A 56 4.93 -13.59 -2.45
CA ASP A 56 4.60 -14.76 -1.67
C ASP A 56 3.87 -14.38 -0.38
N ALA A 57 4.03 -13.12 0.02
CA ALA A 57 3.38 -12.62 1.23
C ALA A 57 1.87 -12.55 1.05
N ILE A 58 1.43 -12.06 -0.10
CA ILE A 58 0.00 -11.95 -0.38
C ILE A 58 -0.46 -13.05 -1.32
N TRP A 59 0.27 -13.25 -2.40
CA TRP A 59 -0.05 -14.28 -3.39
C TRP A 59 -1.56 -14.51 -3.43
N GLU A 60 -2.32 -13.43 -3.61
CA GLU A 60 -3.77 -13.52 -3.68
C GLU A 60 -4.22 -14.09 -5.02
N GLU A 61 -3.58 -13.64 -6.09
CA GLU A 61 -3.92 -14.09 -7.43
C GLU A 61 -3.41 -15.51 -7.66
N PRO A 62 -3.98 -16.20 -8.66
CA PRO A 62 -3.61 -17.57 -9.01
C PRO A 62 -2.22 -17.65 -9.64
N GLU A 63 -1.93 -18.78 -10.27
CA GLU A 63 -0.63 -18.98 -10.91
C GLU A 63 -0.37 -17.91 -11.96
N MET A 64 -1.44 -17.25 -12.40
CA MET A 64 -1.33 -16.20 -13.41
C MET A 64 -0.91 -14.87 -12.77
N VAL A 65 -0.66 -14.91 -11.46
CA VAL A 65 -0.25 -13.72 -10.73
C VAL A 65 1.05 -13.15 -11.29
N THR A 66 2.00 -14.03 -11.54
CA THR A 66 3.30 -13.61 -12.08
C THR A 66 4.03 -12.68 -11.11
N PRO A 67 5.37 -12.67 -11.20
CA PRO A 67 6.19 -11.82 -10.34
C PRO A 67 6.05 -10.34 -10.66
N ASN A 68 5.46 -10.05 -11.81
CA ASN A 68 5.27 -8.67 -12.25
C ASN A 68 4.07 -8.04 -11.54
N VAL A 69 3.27 -8.88 -10.87
CA VAL A 69 2.10 -8.41 -10.15
C VAL A 69 2.48 -7.35 -9.12
N ILE A 70 3.70 -7.44 -8.61
CA ILE A 70 4.19 -6.49 -7.62
C ILE A 70 4.32 -5.10 -8.20
N GLU A 71 5.10 -4.99 -9.27
CA GLU A 71 5.31 -3.70 -9.93
C GLU A 71 3.99 -3.12 -10.42
N VAL A 72 3.08 -3.99 -10.83
CA VAL A 72 1.78 -3.57 -11.32
C VAL A 72 0.91 -3.02 -10.19
N ALA A 73 1.06 -3.60 -9.01
CA ALA A 73 0.29 -3.16 -7.85
C ALA A 73 0.79 -1.81 -7.34
N ILE A 74 2.10 -1.64 -7.27
CA ILE A 74 2.70 -0.40 -6.82
C ILE A 74 2.41 0.74 -7.79
N ASN A 75 2.62 0.48 -9.07
CA ASN A 75 2.38 1.48 -10.10
C ASN A 75 0.90 1.85 -10.18
N GLN A 76 0.04 0.83 -10.29
CA GLN A 76 -1.40 1.06 -10.37
C GLN A 76 -1.89 1.82 -9.14
N ILE A 77 -1.51 1.36 -7.96
CA ILE A 77 -1.91 2.01 -6.72
C ILE A 77 -1.34 3.42 -6.62
N ARG A 78 -0.05 3.55 -6.92
CA ARG A 78 0.63 4.84 -6.86
C ARG A 78 -0.14 5.88 -7.67
N GLN A 79 -0.55 5.51 -8.87
CA GLN A 79 -1.30 6.42 -9.74
C GLN A 79 -2.75 6.53 -9.30
N LYS A 80 -3.20 5.57 -8.50
CA LYS A 80 -4.57 5.57 -8.00
C LYS A 80 -4.63 6.08 -6.57
N MET A 81 -3.48 6.51 -6.05
CA MET A 81 -3.40 7.03 -4.69
C MET A 81 -2.34 8.12 -4.58
N ASP A 82 -1.09 7.75 -4.80
CA ASP A 82 0.02 8.70 -4.73
C ASP A 82 -0.21 9.86 -5.70
N LYS A 83 -0.91 9.59 -6.78
CA LYS A 83 -1.20 10.60 -7.79
C LYS A 83 -2.21 11.63 -7.26
N PRO A 84 -3.40 11.14 -6.89
CA PRO A 84 -4.47 12.00 -6.37
C PRO A 84 -4.15 12.53 -4.98
N LEU A 85 -3.25 11.84 -4.27
CA LEU A 85 -2.87 12.24 -2.92
C LEU A 85 -1.50 12.91 -2.94
N GLY A 86 -0.88 12.96 -4.11
CA GLY A 86 0.44 13.56 -4.24
C GLY A 86 1.37 13.17 -3.11
N ILE A 87 1.26 11.93 -2.66
CA ILE A 87 2.10 11.43 -1.57
C ILE A 87 2.83 10.15 -1.98
N SER A 88 3.64 9.61 -1.08
CA SER A 88 4.40 8.40 -1.35
C SER A 88 4.00 7.29 -0.40
N THR A 89 3.76 6.10 -0.95
CA THR A 89 3.36 4.95 -0.15
C THR A 89 4.37 3.82 -0.27
N VAL A 90 4.91 3.64 -1.48
CA VAL A 90 5.89 2.59 -1.73
C VAL A 90 7.07 3.13 -2.54
N GLU A 91 8.29 2.82 -2.07
CA GLU A 91 9.49 3.28 -2.74
C GLU A 91 10.25 2.11 -3.36
N THR A 92 10.25 2.04 -4.68
CA THR A 92 10.93 0.96 -5.39
C THR A 92 12.45 1.15 -5.35
N VAL A 93 13.14 0.24 -4.69
CA VAL A 93 14.59 0.30 -4.57
C VAL A 93 15.24 -0.91 -5.23
N ARG A 94 16.35 -0.66 -5.92
CA ARG A 94 17.08 -1.73 -6.60
C ARG A 94 17.70 -2.70 -5.59
N ARG A 95 17.90 -2.22 -4.37
CA ARG A 95 18.49 -3.03 -3.32
C ARG A 95 17.60 -4.24 -3.01
N ARG A 96 16.42 -3.98 -2.46
CA ARG A 96 15.49 -5.05 -2.12
C ARG A 96 14.41 -5.18 -3.18
N GLY A 97 13.64 -4.11 -3.37
CA GLY A 97 12.58 -4.14 -4.36
C GLY A 97 11.55 -3.04 -4.13
N TYR A 98 10.78 -3.17 -3.06
CA TYR A 98 9.75 -2.19 -2.74
C TYR A 98 9.64 -1.99 -1.23
N ARG A 99 9.60 -0.73 -0.80
CA ARG A 99 9.50 -0.41 0.62
C ARG A 99 8.22 0.38 0.90
N PHE A 100 7.39 -0.15 1.79
CA PHE A 100 6.14 0.50 2.16
C PHE A 100 6.31 1.35 3.41
N CYS A 101 6.36 2.67 3.22
CA CYS A 101 6.52 3.60 4.34
C CYS A 101 5.73 4.88 4.10
N TYR A 102 4.61 5.01 4.81
CA TYR A 102 3.76 6.20 4.68
C TYR A 102 4.30 7.35 5.51
N PRO A 103 4.76 8.41 4.83
CA PRO A 103 5.30 9.60 5.49
C PRO A 103 4.23 10.41 6.21
N LYS A 104 4.52 11.68 6.46
CA LYS A 104 3.58 12.56 7.14
C LYS A 104 4.03 14.01 7.04
N PRO A 105 5.25 14.29 7.55
CA PRO A 105 5.82 15.64 7.53
C PRO A 105 6.20 16.09 6.13
N ALA A 106 6.37 15.13 5.23
CA ALA A 106 6.74 15.43 3.85
C ALA A 106 7.90 16.41 3.79
N CYS A 107 9.01 16.06 4.43
CA CYS A 107 10.18 16.92 4.44
C CYS A 107 11.44 16.13 4.07
N GLU A 108 11.87 16.28 2.83
CA GLU A 108 13.06 15.58 2.34
C GLU A 108 13.95 16.51 1.52
N GLU A 109 15.16 16.04 1.20
CA GLU A 109 16.10 16.84 0.42
C GLU A 109 16.50 16.10 -0.85
N GLY A 1 -17.87 2.49 20.27
CA GLY A 1 -17.47 1.10 20.44
C GLY A 1 -16.75 0.56 19.22
N SER A 2 -16.17 -0.62 19.37
CA SER A 2 -15.44 -1.25 18.28
C SER A 2 -16.36 -2.15 17.46
N GLY A 3 -16.01 -2.33 16.18
CA GLY A 3 -16.82 -3.16 15.31
C GLY A 3 -16.13 -3.44 13.98
N SER A 4 -16.05 -2.42 13.13
CA SER A 4 -15.42 -2.57 11.82
C SER A 4 -13.90 -2.68 11.96
N ASN A 5 -13.23 -3.00 10.86
CA ASN A 5 -11.78 -3.13 10.85
C ASN A 5 -11.11 -1.78 10.68
N VAL A 6 -9.97 -1.60 11.35
CA VAL A 6 -9.23 -0.35 11.27
C VAL A 6 -7.73 -0.58 11.50
N ILE A 7 -6.93 -0.28 10.49
CA ILE A 7 -5.49 -0.45 10.59
C ILE A 7 -4.76 0.87 10.37
N GLU A 8 -3.74 1.12 11.18
CA GLU A 8 -2.96 2.34 11.09
C GLU A 8 -1.52 2.05 10.66
N ILE A 9 -1.02 2.83 9.72
CA ILE A 9 0.35 2.65 9.22
C ILE A 9 1.13 3.95 9.30
N GLY A 10 2.04 4.03 10.26
CA GLY A 10 2.85 5.22 10.42
C GLY A 10 2.02 6.44 10.79
N ASP A 11 1.51 7.14 9.80
CA ASP A 11 0.71 8.33 10.03
C ASP A 11 -0.54 8.33 9.14
N LEU A 12 -0.91 7.14 8.66
CA LEU A 12 -2.07 7.00 7.81
C LEU A 12 -3.02 5.93 8.34
N THR A 13 -4.31 6.23 8.35
CA THR A 13 -5.31 5.28 8.84
C THR A 13 -6.21 4.81 7.71
N ILE A 14 -6.19 3.50 7.44
CA ILE A 14 -7.01 2.93 6.39
C ILE A 14 -7.82 1.74 6.91
N SER A 15 -9.03 1.58 6.38
CA SER A 15 -9.90 0.49 6.80
C SER A 15 -10.14 -0.48 5.65
N PRO A 16 -9.81 -1.76 5.88
CA PRO A 16 -9.97 -2.82 4.89
C PRO A 16 -11.45 -3.14 4.61
N ASP A 17 -12.23 -3.22 5.68
CA ASP A 17 -13.66 -3.52 5.56
C ASP A 17 -14.33 -2.55 4.60
N GLU A 18 -14.08 -1.27 4.78
CA GLU A 18 -14.67 -0.24 3.93
C GLU A 18 -13.69 0.20 2.84
N GLU A 19 -12.57 -0.52 2.75
CA GLU A 19 -11.55 -0.20 1.75
C GLU A 19 -11.43 1.30 1.56
N LYS A 20 -11.28 2.03 2.67
CA LYS A 20 -11.15 3.49 2.62
C LYS A 20 -9.82 3.93 3.21
N ILE A 21 -9.39 5.14 2.85
CA ILE A 21 -8.14 5.68 3.35
C ILE A 21 -8.34 7.05 3.97
N ILE A 22 -7.81 7.25 5.18
CA ILE A 22 -7.93 8.52 5.87
C ILE A 22 -6.56 9.08 6.23
N TYR A 23 -6.22 10.22 5.62
CA TYR A 23 -4.94 10.86 5.88
C TYR A 23 -5.09 12.37 5.95
N LYS A 24 -4.66 12.96 7.06
CA LYS A 24 -4.74 14.40 7.25
C LYS A 24 -6.18 14.88 7.14
N GLY A 25 -7.12 14.04 7.59
CA GLY A 25 -8.52 14.40 7.53
C GLY A 25 -9.12 14.18 6.15
N ARG A 26 -8.29 13.73 5.22
CA ARG A 26 -8.75 13.49 3.85
C ARG A 26 -9.16 12.04 3.67
N GLU A 27 -10.39 11.83 3.20
CA GLU A 27 -10.91 10.49 2.98
C GLU A 27 -10.87 10.11 1.51
N VAL A 28 -10.28 8.96 1.20
CA VAL A 28 -10.18 8.49 -0.17
C VAL A 28 -10.50 7.00 -0.28
N GLU A 29 -11.56 6.69 -1.01
CA GLU A 29 -11.97 5.30 -1.19
C GLU A 29 -11.36 4.70 -2.45
N VAL A 30 -10.60 3.62 -2.27
CA VAL A 30 -9.95 2.96 -3.40
C VAL A 30 -10.46 1.52 -3.56
N LYS A 31 -11.03 1.23 -4.73
CA LYS A 31 -11.56 -0.10 -5.01
C LYS A 31 -10.75 -0.77 -6.12
N GLY A 32 -9.44 -0.85 -5.93
CA GLY A 32 -8.58 -1.48 -6.92
C GLY A 32 -8.22 -2.91 -6.55
N LYS A 33 -7.62 -3.61 -7.49
CA LYS A 33 -7.21 -5.00 -7.26
C LYS A 33 -6.01 -5.07 -6.33
N PRO A 34 -4.98 -4.27 -6.63
CA PRO A 34 -3.76 -4.22 -5.82
C PRO A 34 -3.98 -3.58 -4.46
N PHE A 35 -5.09 -2.86 -4.33
CA PHE A 35 -5.42 -2.19 -3.07
C PHE A 35 -5.26 -3.15 -1.89
N GLU A 36 -5.42 -4.44 -2.16
CA GLU A 36 -5.30 -5.45 -1.12
C GLU A 36 -3.84 -5.67 -0.73
N VAL A 37 -3.02 -6.00 -1.72
CA VAL A 37 -1.60 -6.23 -1.50
C VAL A 37 -0.94 -5.02 -0.86
N LEU A 38 -1.33 -3.83 -1.33
CA LEU A 38 -0.77 -2.59 -0.80
C LEU A 38 -1.23 -2.35 0.63
N THR A 39 -2.54 -2.38 0.86
CA THR A 39 -3.09 -2.18 2.18
C THR A 39 -2.56 -3.20 3.18
N HIS A 40 -2.71 -4.48 2.85
CA HIS A 40 -2.24 -5.55 3.71
C HIS A 40 -0.78 -5.34 4.08
N LEU A 41 0.05 -5.02 3.09
CA LEU A 41 1.47 -4.80 3.33
C LEU A 41 1.70 -3.49 4.08
N ALA A 42 0.73 -2.58 3.98
CA ALA A 42 0.82 -1.29 4.65
C ALA A 42 0.72 -1.45 6.16
N ARG A 43 0.00 -2.48 6.58
CA ARG A 43 -0.19 -2.75 8.01
C ARG A 43 0.55 -4.02 8.43
N HIS A 44 1.00 -4.79 7.44
CA HIS A 44 1.72 -6.03 7.70
C HIS A 44 3.21 -5.85 7.45
N ARG A 45 3.56 -5.13 6.40
CA ARG A 45 4.95 -4.90 6.05
C ARG A 45 5.46 -3.62 6.71
N ASP A 46 4.71 -2.53 6.54
CA ASP A 46 5.09 -1.24 7.11
C ASP A 46 6.60 -1.12 7.22
N GLN A 47 7.29 -1.29 6.10
CA GLN A 47 8.75 -1.20 6.07
C GLN A 47 9.30 -1.62 4.71
N ILE A 48 10.59 -1.91 4.66
CA ILE A 48 11.24 -2.33 3.43
C ILE A 48 11.02 -3.81 3.16
N VAL A 49 10.49 -4.12 1.98
CA VAL A 49 10.22 -5.50 1.60
C VAL A 49 10.79 -5.81 0.23
N SER A 50 11.02 -7.09 -0.04
CA SER A 50 11.56 -7.52 -1.33
C SER A 50 10.45 -7.94 -2.28
N LYS A 51 10.72 -7.84 -3.58
CA LYS A 51 9.75 -8.19 -4.60
C LYS A 51 9.16 -9.58 -4.33
N GLU A 52 10.04 -10.54 -4.10
CA GLU A 52 9.60 -11.91 -3.82
C GLU A 52 8.87 -11.99 -2.49
N GLN A 53 9.36 -11.26 -1.50
CA GLN A 53 8.76 -11.25 -0.17
C GLN A 53 7.28 -10.85 -0.25
N LEU A 54 7.02 -9.71 -0.89
CA LEU A 54 5.66 -9.21 -1.04
C LEU A 54 4.82 -10.17 -1.88
N LEU A 55 5.38 -10.61 -2.99
CA LEU A 55 4.70 -11.53 -3.90
C LEU A 55 4.22 -12.77 -3.14
N ASP A 56 5.12 -13.37 -2.37
CA ASP A 56 4.79 -14.57 -1.59
C ASP A 56 3.98 -14.20 -0.35
N ALA A 57 4.08 -12.93 0.05
CA ALA A 57 3.36 -12.46 1.23
C ALA A 57 1.86 -12.45 0.99
N ILE A 58 1.45 -11.96 -0.17
CA ILE A 58 0.04 -11.90 -0.53
C ILE A 58 -0.33 -13.01 -1.50
N TRP A 59 0.46 -13.17 -2.56
CA TRP A 59 0.22 -14.20 -3.55
C TRP A 59 -1.27 -14.51 -3.66
N GLU A 60 -2.08 -13.48 -3.91
CA GLU A 60 -3.51 -13.65 -4.03
C GLU A 60 -3.88 -14.24 -5.37
N GLU A 61 -3.22 -13.78 -6.43
CA GLU A 61 -3.47 -14.26 -7.78
C GLU A 61 -2.88 -15.66 -7.98
N PRO A 62 -3.43 -16.40 -8.94
CA PRO A 62 -2.96 -17.76 -9.26
C PRO A 62 -1.58 -17.76 -9.90
N GLU A 63 -1.22 -18.88 -10.51
CA GLU A 63 0.07 -19.02 -11.17
C GLU A 63 0.26 -17.93 -12.23
N MET A 64 -0.85 -17.34 -12.67
CA MET A 64 -0.80 -16.29 -13.67
C MET A 64 -0.47 -14.95 -13.04
N VAL A 65 -0.20 -14.96 -11.74
CA VAL A 65 0.13 -13.74 -11.02
C VAL A 65 1.38 -13.08 -11.61
N THR A 66 2.40 -13.89 -11.88
CA THR A 66 3.65 -13.38 -12.45
C THR A 66 4.33 -12.43 -11.47
N PRO A 67 5.65 -12.27 -11.64
CA PRO A 67 6.46 -11.39 -10.79
C PRO A 67 6.16 -9.91 -11.04
N ASN A 68 5.54 -9.63 -12.19
CA ASN A 68 5.20 -8.25 -12.54
C ASN A 68 4.01 -7.75 -11.71
N VAL A 69 3.37 -8.67 -11.00
CA VAL A 69 2.23 -8.33 -10.16
C VAL A 69 2.60 -7.25 -9.15
N ILE A 70 3.84 -7.28 -8.69
CA ILE A 70 4.32 -6.31 -7.71
C ILE A 70 4.43 -4.92 -8.33
N GLU A 71 5.19 -4.82 -9.41
CA GLU A 71 5.38 -3.55 -10.09
C GLU A 71 4.04 -2.97 -10.54
N VAL A 72 3.12 -3.85 -10.91
CA VAL A 72 1.79 -3.44 -11.36
C VAL A 72 0.97 -2.87 -10.21
N ALA A 73 1.09 -3.51 -9.04
CA ALA A 73 0.37 -3.07 -7.86
C ALA A 73 0.84 -1.70 -7.40
N ILE A 74 2.15 -1.50 -7.40
CA ILE A 74 2.74 -0.23 -6.98
C ILE A 74 2.40 0.88 -7.97
N ASN A 75 2.59 0.60 -9.26
CA ASN A 75 2.30 1.58 -10.30
C ASN A 75 0.81 1.90 -10.35
N GLN A 76 -0.01 0.87 -10.44
CA GLN A 76 -1.46 1.04 -10.49
C GLN A 76 -1.96 1.81 -9.27
N ILE A 77 -1.55 1.37 -8.09
CA ILE A 77 -1.96 2.02 -6.85
C ILE A 77 -1.42 3.44 -6.78
N ARG A 78 -0.15 3.61 -7.12
CA ARG A 78 0.48 4.92 -7.09
C ARG A 78 -0.33 5.95 -7.88
N GLN A 79 -0.70 5.58 -9.10
CA GLN A 79 -1.48 6.47 -9.96
C GLN A 79 -2.94 6.51 -9.50
N LYS A 80 -3.32 5.52 -8.70
CA LYS A 80 -4.69 5.45 -8.19
C LYS A 80 -4.77 5.94 -6.75
N MET A 81 -3.65 6.44 -6.25
CA MET A 81 -3.60 6.96 -4.88
C MET A 81 -2.58 8.09 -4.76
N ASP A 82 -1.31 7.77 -4.99
CA ASP A 82 -0.25 8.76 -4.91
C ASP A 82 -0.49 9.90 -5.90
N LYS A 83 -1.20 9.60 -6.98
CA LYS A 83 -1.50 10.60 -8.00
C LYS A 83 -2.48 11.63 -7.47
N PRO A 84 -3.68 11.17 -7.07
CA PRO A 84 -4.73 12.04 -6.53
C PRO A 84 -4.37 12.59 -5.16
N LEU A 85 -3.77 11.76 -4.33
CA LEU A 85 -3.38 12.15 -2.98
C LEU A 85 -2.04 12.89 -3.00
N GLY A 86 -1.37 12.87 -4.15
CA GLY A 86 -0.10 13.54 -4.28
C GLY A 86 0.85 13.21 -3.13
N ILE A 87 1.05 11.92 -2.90
CA ILE A 87 1.94 11.47 -1.82
C ILE A 87 2.71 10.21 -2.23
N SER A 88 3.53 9.71 -1.33
CA SER A 88 4.32 8.51 -1.58
C SER A 88 3.96 7.40 -0.59
N THR A 89 3.79 6.19 -1.11
CA THR A 89 3.46 5.05 -0.28
C THR A 89 4.54 3.98 -0.34
N VAL A 90 4.89 3.58 -1.55
CA VAL A 90 5.92 2.56 -1.76
C VAL A 90 7.12 3.12 -2.50
N GLU A 91 8.32 2.83 -2.01
CA GLU A 91 9.54 3.32 -2.63
C GLU A 91 10.34 2.16 -3.22
N THR A 92 10.40 2.11 -4.55
CA THR A 92 11.13 1.06 -5.25
C THR A 92 12.64 1.27 -5.14
N VAL A 93 13.31 0.36 -4.44
CA VAL A 93 14.76 0.44 -4.27
C VAL A 93 15.46 -0.75 -4.91
N ARG A 94 16.58 -0.48 -5.56
CA ARG A 94 17.35 -1.53 -6.22
C ARG A 94 17.98 -2.47 -5.19
N ARG A 95 17.99 -2.04 -3.94
CA ARG A 95 18.56 -2.85 -2.86
C ARG A 95 17.67 -4.05 -2.56
N ARG A 96 16.48 -3.80 -2.04
CA ARG A 96 15.54 -4.86 -1.72
C ARG A 96 14.50 -5.04 -2.82
N GLY A 97 13.75 -3.98 -3.09
CA GLY A 97 12.72 -4.04 -4.12
C GLY A 97 11.66 -2.98 -3.94
N TYR A 98 10.84 -3.13 -2.91
CA TYR A 98 9.77 -2.17 -2.64
C TYR A 98 9.58 -1.97 -1.14
N ARG A 99 9.63 -0.73 -0.69
CA ARG A 99 9.47 -0.41 0.72
C ARG A 99 8.19 0.39 0.95
N PHE A 100 7.34 -0.12 1.85
CA PHE A 100 6.07 0.55 2.15
C PHE A 100 6.21 1.40 3.41
N CYS A 101 6.26 2.72 3.22
CA CYS A 101 6.38 3.66 4.33
C CYS A 101 5.61 4.94 4.06
N TYR A 102 4.48 5.09 4.73
CA TYR A 102 3.64 6.28 4.55
C TYR A 102 4.17 7.44 5.37
N PRO A 103 4.65 8.49 4.68
CA PRO A 103 5.20 9.68 5.32
C PRO A 103 4.12 10.52 6.00
N LYS A 104 4.43 11.78 6.27
CA LYS A 104 3.49 12.68 6.92
C LYS A 104 3.94 14.13 6.76
N PRO A 105 5.12 14.45 7.30
CA PRO A 105 5.69 15.80 7.24
C PRO A 105 6.12 16.18 5.82
N ALA A 106 6.31 15.18 4.98
CA ALA A 106 6.72 15.41 3.60
C ALA A 106 7.92 16.35 3.54
N CYS A 107 8.83 16.21 4.50
CA CYS A 107 10.03 17.05 4.56
C CYS A 107 11.26 16.26 4.15
N GLU A 108 11.91 16.70 3.07
CA GLU A 108 13.11 16.04 2.59
C GLU A 108 14.23 17.04 2.32
N GLU A 109 15.41 16.54 2.00
CA GLU A 109 16.56 17.39 1.72
C GLU A 109 16.50 17.94 0.30
N GLY A 1 -18.63 4.77 19.02
CA GLY A 1 -18.83 4.04 17.77
C GLY A 1 -17.55 3.45 17.23
N SER A 2 -17.63 2.24 16.71
CA SER A 2 -16.45 1.56 16.15
C SER A 2 -16.81 0.85 14.86
N GLY A 3 -15.81 0.69 13.99
CA GLY A 3 -16.05 0.01 12.72
C GLY A 3 -15.66 -1.46 12.77
N SER A 4 -15.41 -2.04 11.59
CA SER A 4 -15.04 -3.44 11.51
C SER A 4 -13.54 -3.63 11.66
N ASN A 5 -12.78 -3.09 10.70
CA ASN A 5 -11.33 -3.19 10.73
C ASN A 5 -10.69 -1.81 10.56
N VAL A 6 -9.57 -1.60 11.24
CA VAL A 6 -8.86 -0.33 11.15
C VAL A 6 -7.36 -0.52 11.43
N ILE A 7 -6.54 -0.10 10.49
CA ILE A 7 -5.09 -0.22 10.63
C ILE A 7 -4.41 1.12 10.42
N GLU A 8 -3.42 1.42 11.25
CA GLU A 8 -2.68 2.67 11.16
C GLU A 8 -1.19 2.42 10.91
N ILE A 9 -0.67 3.05 9.86
CA ILE A 9 0.74 2.88 9.50
C ILE A 9 1.48 4.22 9.59
N GLY A 10 2.33 4.34 10.61
CA GLY A 10 3.09 5.57 10.80
C GLY A 10 2.22 6.74 11.18
N ASP A 11 1.61 7.38 10.18
CA ASP A 11 0.75 8.52 10.42
C ASP A 11 -0.49 8.48 9.51
N LEU A 12 -0.74 7.32 8.93
CA LEU A 12 -1.87 7.13 8.03
C LEU A 12 -2.79 6.03 8.54
N THR A 13 -4.10 6.28 8.48
CA THR A 13 -5.09 5.31 8.93
C THR A 13 -5.98 4.85 7.78
N ILE A 14 -5.93 3.56 7.49
CA ILE A 14 -6.74 2.99 6.40
C ILE A 14 -7.53 1.78 6.89
N SER A 15 -8.75 1.63 6.37
CA SER A 15 -9.60 0.52 6.74
C SER A 15 -9.78 -0.45 5.58
N PRO A 16 -9.39 -1.71 5.79
CA PRO A 16 -9.49 -2.76 4.78
C PRO A 16 -10.94 -3.16 4.51
N ASP A 17 -11.72 -3.30 5.58
CA ASP A 17 -13.12 -3.68 5.45
C ASP A 17 -13.89 -2.66 4.62
N GLU A 18 -13.70 -1.38 4.94
CA GLU A 18 -14.37 -0.31 4.23
C GLU A 18 -13.53 0.18 3.04
N GLU A 19 -12.35 -0.40 2.89
CA GLU A 19 -11.45 -0.03 1.81
C GLU A 19 -11.33 1.48 1.69
N LYS A 20 -11.21 2.14 2.84
CA LYS A 20 -11.09 3.60 2.87
C LYS A 20 -9.72 4.01 3.39
N ILE A 21 -9.28 5.20 2.99
CA ILE A 21 -7.98 5.72 3.42
C ILE A 21 -8.12 7.11 4.02
N ILE A 22 -7.65 7.27 5.25
CA ILE A 22 -7.72 8.55 5.94
C ILE A 22 -6.32 9.09 6.24
N TYR A 23 -5.97 10.21 5.62
CA TYR A 23 -4.67 10.81 5.82
C TYR A 23 -4.78 12.34 5.90
N LYS A 24 -4.30 12.90 7.01
CA LYS A 24 -4.35 14.34 7.21
C LYS A 24 -5.78 14.86 7.10
N GLY A 25 -6.73 14.05 7.54
CA GLY A 25 -8.12 14.44 7.48
C GLY A 25 -8.74 14.22 6.11
N ARG A 26 -7.94 13.70 5.18
CA ARG A 26 -8.40 13.44 3.83
C ARG A 26 -8.87 12.00 3.69
N GLU A 27 -10.12 11.83 3.25
CA GLU A 27 -10.69 10.50 3.07
C GLU A 27 -10.70 10.11 1.59
N VAL A 28 -10.13 8.95 1.29
CA VAL A 28 -10.08 8.46 -0.08
C VAL A 28 -10.42 6.97 -0.15
N GLU A 29 -11.50 6.64 -0.85
CA GLU A 29 -11.93 5.25 -0.99
C GLU A 29 -11.34 4.63 -2.25
N VAL A 30 -10.52 3.60 -2.07
CA VAL A 30 -9.89 2.91 -3.20
C VAL A 30 -10.33 1.45 -3.26
N LYS A 31 -10.93 1.07 -4.37
CA LYS A 31 -11.40 -0.30 -4.57
C LYS A 31 -10.72 -0.94 -5.77
N GLY A 32 -9.40 -0.92 -5.78
CA GLY A 32 -8.65 -1.51 -6.87
C GLY A 32 -8.24 -2.94 -6.59
N LYS A 33 -7.63 -3.59 -7.58
CA LYS A 33 -7.19 -4.97 -7.44
C LYS A 33 -6.02 -5.07 -6.47
N PRO A 34 -4.98 -4.26 -6.72
CA PRO A 34 -3.77 -4.25 -5.87
C PRO A 34 -4.04 -3.64 -4.50
N PHE A 35 -5.15 -2.91 -4.39
CA PHE A 35 -5.52 -2.27 -3.13
C PHE A 35 -5.41 -3.26 -1.97
N GLU A 36 -5.60 -4.54 -2.27
CA GLU A 36 -5.52 -5.59 -1.26
C GLU A 36 -4.07 -5.84 -0.83
N VAL A 37 -3.22 -6.11 -1.82
CA VAL A 37 -1.81 -6.37 -1.54
C VAL A 37 -1.15 -5.15 -0.92
N LEU A 38 -1.57 -3.97 -1.33
CA LEU A 38 -1.02 -2.72 -0.80
C LEU A 38 -1.42 -2.52 0.66
N THR A 39 -2.72 -2.61 0.92
CA THR A 39 -3.23 -2.44 2.29
C THR A 39 -2.61 -3.46 3.23
N HIS A 40 -2.76 -4.74 2.89
CA HIS A 40 -2.22 -5.81 3.73
C HIS A 40 -0.74 -5.56 4.04
N LEU A 41 0.04 -5.28 3.01
CA LEU A 41 1.47 -5.01 3.18
C LEU A 41 1.69 -3.70 3.92
N ALA A 42 0.71 -2.81 3.83
CA ALA A 42 0.80 -1.51 4.50
C ALA A 42 0.82 -1.66 6.01
N ARG A 43 0.20 -2.73 6.50
CA ARG A 43 0.16 -3.00 7.94
C ARG A 43 0.95 -4.25 8.29
N HIS A 44 1.35 -4.99 7.27
CA HIS A 44 2.12 -6.21 7.47
C HIS A 44 3.59 -6.00 7.11
N ARG A 45 3.82 -5.26 6.03
CA ARG A 45 5.18 -4.98 5.57
C ARG A 45 5.81 -3.87 6.40
N ASP A 46 5.12 -2.74 6.49
CA ASP A 46 5.61 -1.60 7.25
C ASP A 46 7.13 -1.62 7.35
N GLN A 47 7.79 -1.68 6.20
CA GLN A 47 9.25 -1.70 6.15
C GLN A 47 9.73 -2.10 4.76
N ILE A 48 11.02 -2.43 4.67
CA ILE A 48 11.62 -2.82 3.40
C ILE A 48 11.45 -4.32 3.15
N VAL A 49 10.80 -4.67 2.04
CA VAL A 49 10.58 -6.06 1.69
C VAL A 49 10.99 -6.34 0.26
N SER A 50 11.27 -7.61 -0.05
CA SER A 50 11.70 -8.00 -1.38
C SER A 50 10.49 -8.37 -2.23
N LYS A 51 10.61 -8.19 -3.55
CA LYS A 51 9.53 -8.51 -4.48
C LYS A 51 8.99 -9.91 -4.23
N GLU A 52 9.89 -10.88 -4.15
CA GLU A 52 9.49 -12.27 -3.91
C GLU A 52 8.69 -12.39 -2.61
N GLN A 53 9.15 -11.71 -1.58
CA GLN A 53 8.49 -11.73 -0.28
C GLN A 53 7.02 -11.33 -0.42
N LEU A 54 6.78 -10.18 -1.02
CA LEU A 54 5.42 -9.68 -1.21
C LEU A 54 4.61 -10.65 -2.06
N LEU A 55 5.22 -11.15 -3.13
CA LEU A 55 4.55 -12.09 -4.02
C LEU A 55 3.94 -13.25 -3.24
N ASP A 56 4.76 -13.91 -2.44
CA ASP A 56 4.30 -15.03 -1.63
C ASP A 56 3.52 -14.55 -0.42
N ALA A 57 3.72 -13.29 -0.05
CA ALA A 57 3.04 -12.70 1.10
C ALA A 57 1.53 -12.63 0.86
N ILE A 58 1.15 -12.18 -0.33
CA ILE A 58 -0.27 -12.06 -0.69
C ILE A 58 -0.68 -13.17 -1.64
N TRP A 59 0.10 -13.39 -2.68
CA TRP A 59 -0.18 -14.42 -3.67
C TRP A 59 -1.68 -14.66 -3.78
N GLU A 60 -2.42 -13.60 -4.02
CA GLU A 60 -3.88 -13.69 -4.15
C GLU A 60 -4.27 -14.29 -5.50
N GLU A 61 -3.57 -13.86 -6.55
CA GLU A 61 -3.85 -14.35 -7.90
C GLU A 61 -3.24 -15.73 -8.11
N PRO A 62 -3.76 -16.47 -9.10
CA PRO A 62 -3.29 -17.82 -9.42
C PRO A 62 -1.89 -17.81 -10.04
N GLU A 63 -1.53 -18.92 -10.66
CA GLU A 63 -0.22 -19.04 -11.30
C GLU A 63 0.00 -17.93 -12.32
N MET A 64 -1.10 -17.34 -12.78
CA MET A 64 -1.03 -16.26 -13.76
C MET A 64 -0.69 -14.94 -13.09
N VAL A 65 -0.45 -14.98 -11.79
CA VAL A 65 -0.12 -13.77 -11.03
C VAL A 65 1.17 -13.15 -11.54
N THR A 66 2.19 -13.98 -11.77
CA THR A 66 3.48 -13.51 -12.25
C THR A 66 4.08 -12.50 -11.28
N PRO A 67 5.41 -12.30 -11.39
CA PRO A 67 6.14 -11.36 -10.55
C PRO A 67 5.80 -9.90 -10.85
N ASN A 68 5.32 -9.66 -12.06
CA ASN A 68 4.95 -8.31 -12.48
C ASN A 68 3.79 -7.79 -11.66
N VAL A 69 3.12 -8.69 -10.93
CA VAL A 69 1.99 -8.32 -10.09
C VAL A 69 2.40 -7.31 -9.04
N ILE A 70 3.62 -7.43 -8.54
CA ILE A 70 4.14 -6.52 -7.52
C ILE A 70 4.32 -5.12 -8.08
N GLU A 71 5.10 -5.01 -9.16
CA GLU A 71 5.36 -3.73 -9.78
C GLU A 71 4.05 -3.07 -10.22
N VAL A 72 3.17 -3.86 -10.82
CA VAL A 72 1.88 -3.34 -11.29
C VAL A 72 1.04 -2.84 -10.12
N ALA A 73 1.14 -3.51 -8.97
CA ALA A 73 0.40 -3.12 -7.79
C ALA A 73 0.87 -1.78 -7.26
N ILE A 74 2.18 -1.60 -7.17
CA ILE A 74 2.75 -0.35 -6.68
C ILE A 74 2.49 0.79 -7.65
N ASN A 75 2.64 0.52 -8.94
CA ASN A 75 2.42 1.53 -9.97
C ASN A 75 0.94 1.88 -10.06
N GLN A 76 0.09 0.87 -10.20
CA GLN A 76 -1.34 1.08 -10.31
C GLN A 76 -1.86 1.86 -9.10
N ILE A 77 -1.50 1.40 -7.91
CA ILE A 77 -1.94 2.06 -6.68
C ILE A 77 -1.37 3.47 -6.57
N ARG A 78 -0.09 3.60 -6.90
CA ARG A 78 0.58 4.89 -6.84
C ARG A 78 -0.19 5.94 -7.66
N GLN A 79 -0.59 5.56 -8.87
CA GLN A 79 -1.32 6.46 -9.74
C GLN A 79 -2.77 6.57 -9.31
N LYS A 80 -3.23 5.60 -8.52
CA LYS A 80 -4.61 5.60 -8.03
C LYS A 80 -4.68 6.12 -6.60
N MET A 81 -3.53 6.55 -6.07
CA MET A 81 -3.47 7.07 -4.71
C MET A 81 -2.41 8.17 -4.61
N ASP A 82 -1.16 7.79 -4.80
CA ASP A 82 -0.06 8.74 -4.73
C ASP A 82 -0.27 9.91 -5.69
N LYS A 83 -0.98 9.63 -6.79
CA LYS A 83 -1.26 10.66 -7.79
C LYS A 83 -2.28 11.66 -7.27
N PRO A 84 -3.48 11.16 -6.94
CA PRO A 84 -4.57 12.00 -6.43
C PRO A 84 -4.30 12.52 -5.03
N LEU A 85 -3.37 11.86 -4.33
CA LEU A 85 -3.01 12.26 -2.97
C LEU A 85 -1.67 12.99 -2.95
N GLY A 86 -0.98 12.97 -4.09
CA GLY A 86 0.31 13.64 -4.19
C GLY A 86 1.23 13.29 -3.02
N ILE A 87 1.31 12.00 -2.71
CA ILE A 87 2.16 11.53 -1.61
C ILE A 87 2.87 10.23 -1.98
N SER A 88 3.68 9.73 -1.06
CA SER A 88 4.41 8.49 -1.29
C SER A 88 3.91 7.39 -0.36
N THR A 89 4.18 6.14 -0.73
CA THR A 89 3.76 5.00 0.07
C THR A 89 4.77 3.86 -0.02
N VAL A 90 5.21 3.57 -1.23
CA VAL A 90 6.18 2.49 -1.45
C VAL A 90 7.42 3.01 -2.17
N GLU A 91 8.57 2.49 -1.79
CA GLU A 91 9.84 2.91 -2.41
C GLU A 91 10.54 1.72 -3.07
N THR A 92 10.59 1.73 -4.39
CA THR A 92 11.23 0.66 -5.14
C THR A 92 12.75 0.80 -5.12
N VAL A 93 13.42 -0.15 -4.50
CA VAL A 93 14.88 -0.13 -4.41
C VAL A 93 15.49 -1.32 -5.13
N ARG A 94 16.59 -1.08 -5.82
CA ARG A 94 17.28 -2.14 -6.55
C ARG A 94 17.93 -3.14 -5.60
N ARG A 95 18.16 -2.71 -4.37
CA ARG A 95 18.78 -3.56 -3.37
C ARG A 95 17.85 -4.71 -2.98
N ARG A 96 16.73 -4.37 -2.33
CA ARG A 96 15.77 -5.38 -1.92
C ARG A 96 14.65 -5.52 -2.95
N GLY A 97 13.80 -4.51 -3.05
CA GLY A 97 12.71 -4.54 -4.00
C GLY A 97 11.72 -3.42 -3.78
N TYR A 98 10.86 -3.57 -2.77
CA TYR A 98 9.86 -2.56 -2.46
C TYR A 98 9.71 -2.38 -0.96
N ARG A 99 9.73 -1.13 -0.52
CA ARG A 99 9.61 -0.82 0.91
C ARG A 99 8.34 0.00 1.17
N PHE A 100 7.55 -0.47 2.13
CA PHE A 100 6.31 0.21 2.48
C PHE A 100 6.51 1.16 3.67
N CYS A 101 6.54 2.45 3.39
CA CYS A 101 6.74 3.45 4.44
C CYS A 101 5.90 4.70 4.15
N TYR A 102 4.84 4.87 4.92
CA TYR A 102 3.95 6.02 4.75
C TYR A 102 4.52 7.24 5.45
N PRO A 103 4.89 8.27 4.67
CA PRO A 103 5.45 9.51 5.19
C PRO A 103 4.41 10.34 5.94
N LYS A 104 4.70 11.63 6.12
CA LYS A 104 3.80 12.53 6.82
C LYS A 104 4.14 13.99 6.51
N PRO A 105 5.36 14.40 6.88
CA PRO A 105 5.84 15.77 6.66
C PRO A 105 6.08 16.06 5.18
N ALA A 106 6.41 15.02 4.42
CA ALA A 106 6.67 15.16 3.00
C ALA A 106 7.81 16.13 2.74
N CYS A 107 8.61 16.38 3.77
CA CYS A 107 9.75 17.30 3.66
C CYS A 107 9.32 18.61 3.03
N GLU A 108 8.25 19.20 3.55
CA GLU A 108 7.74 20.46 3.03
C GLU A 108 8.74 21.59 3.28
N GLU A 109 9.31 22.12 2.20
CA GLU A 109 10.28 23.20 2.30
C GLU A 109 9.82 24.42 1.50
N GLY A 1 -19.93 0.66 18.98
CA GLY A 1 -19.74 1.84 18.16
C GLY A 1 -18.34 1.96 17.60
N SER A 2 -17.39 1.26 18.23
CA SER A 2 -16.01 1.28 17.78
C SER A 2 -15.82 0.45 16.52
N GLY A 3 -14.82 0.80 15.72
CA GLY A 3 -14.55 0.06 14.50
C GLY A 3 -13.71 -1.17 14.75
N SER A 4 -14.12 -2.30 14.17
CA SER A 4 -13.40 -3.56 14.33
C SER A 4 -12.24 -3.64 13.35
N ASN A 5 -12.52 -3.30 12.09
CA ASN A 5 -11.50 -3.35 11.04
C ASN A 5 -10.89 -1.97 10.83
N VAL A 6 -9.80 -1.70 11.53
CA VAL A 6 -9.12 -0.42 11.41
C VAL A 6 -7.62 -0.57 11.70
N ILE A 7 -6.80 -0.20 10.72
CA ILE A 7 -5.35 -0.28 10.86
C ILE A 7 -4.69 1.07 10.63
N GLU A 8 -3.71 1.39 11.48
CA GLU A 8 -3.00 2.66 11.37
C GLU A 8 -1.52 2.43 11.12
N ILE A 9 -0.97 3.09 10.11
CA ILE A 9 0.44 2.96 9.77
C ILE A 9 1.15 4.30 9.87
N GLY A 10 1.96 4.46 10.92
CA GLY A 10 2.69 5.69 11.11
C GLY A 10 1.79 6.86 11.46
N ASP A 11 1.17 7.45 10.44
CA ASP A 11 0.28 8.59 10.64
C ASP A 11 -0.93 8.49 9.70
N LEU A 12 -1.09 7.34 9.07
CA LEU A 12 -2.21 7.11 8.16
C LEU A 12 -3.13 6.01 8.67
N THR A 13 -4.43 6.25 8.60
CA THR A 13 -5.41 5.27 9.05
C THR A 13 -6.26 4.76 7.89
N ILE A 14 -6.19 3.46 7.63
CA ILE A 14 -6.95 2.86 6.55
C ILE A 14 -7.74 1.65 7.05
N SER A 15 -8.92 1.45 6.48
CA SER A 15 -9.78 0.33 6.86
C SER A 15 -9.87 -0.70 5.75
N PRO A 16 -9.47 -1.95 6.06
CA PRO A 16 -9.49 -3.04 5.08
C PRO A 16 -10.92 -3.47 4.73
N ASP A 17 -11.77 -3.58 5.74
CA ASP A 17 -13.15 -3.98 5.54
C ASP A 17 -13.90 -2.96 4.68
N GLU A 18 -13.72 -1.68 5.00
CA GLU A 18 -14.37 -0.61 4.26
C GLU A 18 -13.49 -0.14 3.10
N GLU A 19 -12.35 -0.80 2.93
CA GLU A 19 -11.42 -0.44 1.86
C GLU A 19 -11.37 1.07 1.66
N LYS A 20 -11.06 1.79 2.74
CA LYS A 20 -10.98 3.24 2.68
C LYS A 20 -9.68 3.74 3.30
N ILE A 21 -9.28 4.96 2.94
CA ILE A 21 -8.05 5.55 3.47
C ILE A 21 -8.32 6.93 4.06
N ILE A 22 -7.82 7.14 5.28
CA ILE A 22 -8.01 8.42 5.96
C ILE A 22 -6.67 9.03 6.36
N TYR A 23 -6.34 10.16 5.74
CA TYR A 23 -5.08 10.84 6.02
C TYR A 23 -5.28 12.35 6.08
N LYS A 24 -4.88 12.96 7.19
CA LYS A 24 -5.02 14.41 7.37
C LYS A 24 -6.47 14.84 7.20
N GLY A 25 -7.40 13.97 7.61
CA GLY A 25 -8.80 14.29 7.50
C GLY A 25 -9.35 14.04 6.10
N ARG A 26 -8.49 13.56 5.21
CA ARG A 26 -8.87 13.28 3.84
C ARG A 26 -9.28 11.82 3.67
N GLU A 27 -10.49 11.60 3.17
CA GLU A 27 -10.99 10.24 2.97
C GLU A 27 -10.92 9.86 1.49
N VAL A 28 -10.30 8.72 1.21
CA VAL A 28 -10.17 8.24 -0.15
C VAL A 28 -10.43 6.73 -0.24
N GLU A 29 -11.46 6.36 -0.98
CA GLU A 29 -11.82 4.95 -1.13
C GLU A 29 -11.31 4.40 -2.46
N VAL A 30 -10.44 3.39 -2.38
CA VAL A 30 -9.88 2.77 -3.58
C VAL A 30 -10.29 1.31 -3.69
N LYS A 31 -10.97 0.98 -4.78
CA LYS A 31 -11.42 -0.39 -5.02
C LYS A 31 -10.63 -1.04 -6.14
N GLY A 32 -9.30 -1.03 -6.02
CA GLY A 32 -8.45 -1.62 -7.03
C GLY A 32 -8.04 -3.04 -6.70
N LYS A 33 -7.40 -3.71 -7.64
CA LYS A 33 -6.95 -5.08 -7.44
C LYS A 33 -5.80 -5.14 -6.44
N PRO A 34 -4.77 -4.31 -6.67
CA PRO A 34 -3.60 -4.25 -5.79
C PRO A 34 -3.92 -3.63 -4.43
N PHE A 35 -5.04 -2.92 -4.36
CA PHE A 35 -5.47 -2.28 -3.13
C PHE A 35 -5.34 -3.24 -1.95
N GLU A 36 -5.48 -4.53 -2.22
CA GLU A 36 -5.38 -5.54 -1.19
C GLU A 36 -3.94 -5.75 -0.76
N VAL A 37 -3.07 -6.04 -1.72
CA VAL A 37 -1.66 -6.26 -1.44
C VAL A 37 -1.03 -5.03 -0.80
N LEU A 38 -1.50 -3.85 -1.20
CA LEU A 38 -0.97 -2.60 -0.66
C LEU A 38 -1.41 -2.41 0.79
N THR A 39 -2.72 -2.50 1.03
CA THR A 39 -3.26 -2.34 2.37
C THR A 39 -2.67 -3.37 3.33
N HIS A 40 -2.79 -4.65 2.99
CA HIS A 40 -2.27 -5.72 3.82
C HIS A 40 -0.80 -5.47 4.17
N LEU A 41 0.00 -5.16 3.16
CA LEU A 41 1.42 -4.90 3.36
C LEU A 41 1.63 -3.59 4.11
N ALA A 42 0.64 -2.69 4.03
CA ALA A 42 0.71 -1.40 4.70
C ALA A 42 0.74 -1.57 6.21
N ARG A 43 0.09 -2.63 6.70
CA ARG A 43 0.04 -2.91 8.12
C ARG A 43 0.80 -4.18 8.46
N HIS A 44 1.21 -4.91 7.43
CA HIS A 44 1.95 -6.16 7.61
C HIS A 44 3.43 -5.97 7.29
N ARG A 45 3.70 -5.18 6.25
CA ARG A 45 5.08 -4.91 5.85
C ARG A 45 5.66 -3.73 6.60
N ASP A 46 4.94 -2.61 6.57
CA ASP A 46 5.38 -1.40 7.25
C ASP A 46 6.90 -1.36 7.38
N GLN A 47 7.58 -1.44 6.25
CA GLN A 47 9.05 -1.42 6.24
C GLN A 47 9.58 -1.84 4.88
N ILE A 48 10.88 -2.13 4.82
CA ILE A 48 11.52 -2.54 3.58
C ILE A 48 11.31 -4.02 3.32
N VAL A 49 10.75 -4.35 2.16
CA VAL A 49 10.49 -5.74 1.79
C VAL A 49 10.99 -6.03 0.38
N SER A 50 11.23 -7.30 0.10
CA SER A 50 11.70 -7.72 -1.22
C SER A 50 10.54 -8.07 -2.14
N LYS A 51 10.76 -7.92 -3.44
CA LYS A 51 9.72 -8.22 -4.42
C LYS A 51 9.21 -9.64 -4.24
N GLU A 52 10.12 -10.61 -4.17
CA GLU A 52 9.75 -12.01 -4.00
C GLU A 52 8.94 -12.19 -2.72
N GLN A 53 9.44 -11.65 -1.62
CA GLN A 53 8.75 -11.76 -0.34
C GLN A 53 7.31 -11.27 -0.44
N LEU A 54 7.13 -10.16 -1.14
CA LEU A 54 5.79 -9.57 -1.32
C LEU A 54 4.89 -10.51 -2.11
N LEU A 55 5.42 -11.06 -3.20
CA LEU A 55 4.66 -11.98 -4.04
C LEU A 55 4.13 -13.16 -3.23
N ASP A 56 5.01 -13.78 -2.44
CA ASP A 56 4.65 -14.92 -1.62
C ASP A 56 3.87 -14.46 -0.38
N ALA A 57 4.02 -13.18 -0.03
CA ALA A 57 3.35 -12.61 1.12
C ALA A 57 1.84 -12.54 0.89
N ILE A 58 1.45 -12.08 -0.29
CA ILE A 58 0.03 -11.97 -0.63
C ILE A 58 -0.40 -13.09 -1.57
N TRP A 59 0.36 -13.28 -2.64
CA TRP A 59 0.06 -14.33 -3.61
C TRP A 59 -1.45 -14.58 -3.69
N GLU A 60 -2.22 -13.51 -3.88
CA GLU A 60 -3.66 -13.62 -3.97
C GLU A 60 -4.09 -14.15 -5.34
N GLU A 61 -3.39 -13.70 -6.38
CA GLU A 61 -3.69 -14.13 -7.74
C GLU A 61 -3.15 -15.53 -8.00
N PRO A 62 -3.72 -16.21 -9.00
CA PRO A 62 -3.30 -17.56 -9.39
C PRO A 62 -1.92 -17.59 -10.03
N GLU A 63 -1.60 -18.70 -10.69
CA GLU A 63 -0.31 -18.84 -11.36
C GLU A 63 -0.09 -17.72 -12.36
N MET A 64 -1.18 -17.07 -12.77
CA MET A 64 -1.09 -15.98 -13.73
C MET A 64 -0.71 -14.67 -13.04
N VAL A 65 -0.44 -14.75 -11.75
CA VAL A 65 -0.06 -13.58 -10.97
C VAL A 65 1.22 -12.95 -11.52
N THR A 66 2.21 -13.80 -11.82
CA THR A 66 3.48 -13.33 -12.34
C THR A 66 4.19 -12.43 -11.34
N PRO A 67 5.53 -12.38 -11.44
CA PRO A 67 6.36 -11.57 -10.55
C PRO A 67 6.19 -10.07 -10.80
N ASN A 68 5.51 -9.74 -11.90
CA ASN A 68 5.28 -8.34 -12.26
C ASN A 68 4.09 -7.78 -11.47
N VAL A 69 3.35 -8.65 -10.81
CA VAL A 69 2.19 -8.24 -10.03
C VAL A 69 2.58 -7.20 -8.98
N ILE A 70 3.81 -7.29 -8.49
CA ILE A 70 4.30 -6.36 -7.49
C ILE A 70 4.46 -4.96 -8.07
N GLU A 71 5.24 -4.85 -9.15
CA GLU A 71 5.46 -3.57 -9.80
C GLU A 71 4.14 -2.97 -10.29
N VAL A 72 3.27 -3.82 -10.82
CA VAL A 72 1.98 -3.38 -11.33
C VAL A 72 1.09 -2.86 -10.19
N ALA A 73 1.24 -3.45 -9.02
CA ALA A 73 0.45 -3.05 -7.86
C ALA A 73 0.88 -1.67 -7.36
N ILE A 74 2.18 -1.45 -7.29
CA ILE A 74 2.71 -0.17 -6.85
C ILE A 74 2.38 0.95 -7.82
N ASN A 75 2.55 0.66 -9.11
CA ASN A 75 2.25 1.64 -10.15
C ASN A 75 0.77 1.98 -10.19
N GLN A 76 -0.06 0.94 -10.28
CA GLN A 76 -1.51 1.13 -10.32
C GLN A 76 -2.00 1.89 -9.10
N ILE A 77 -1.61 1.42 -7.92
CA ILE A 77 -2.01 2.05 -6.67
C ILE A 77 -1.50 3.49 -6.60
N ARG A 78 -0.24 3.68 -6.93
CA ARG A 78 0.37 5.02 -6.90
C ARG A 78 -0.48 6.01 -7.71
N GLN A 79 -0.92 5.59 -8.88
CA GLN A 79 -1.74 6.43 -9.74
C GLN A 79 -3.18 6.51 -9.23
N LYS A 80 -3.53 5.57 -8.37
CA LYS A 80 -4.89 5.52 -7.80
C LYS A 80 -4.89 6.07 -6.38
N MET A 81 -3.74 6.55 -5.93
CA MET A 81 -3.62 7.11 -4.58
C MET A 81 -2.59 8.24 -4.55
N ASP A 82 -1.34 7.89 -4.81
CA ASP A 82 -0.26 8.88 -4.80
C ASP A 82 -0.54 9.99 -5.82
N LYS A 83 -1.28 9.65 -6.87
CA LYS A 83 -1.62 10.62 -7.91
C LYS A 83 -2.60 11.66 -7.38
N PRO A 84 -3.77 11.19 -6.92
CA PRO A 84 -4.82 12.08 -6.38
C PRO A 84 -4.43 12.68 -5.04
N LEU A 85 -3.81 11.87 -4.18
CA LEU A 85 -3.38 12.33 -2.87
C LEU A 85 -2.04 13.05 -2.96
N GLY A 86 -1.41 12.99 -4.13
CA GLY A 86 -0.13 13.63 -4.32
C GLY A 86 0.84 13.33 -3.20
N ILE A 87 0.78 12.11 -2.69
CA ILE A 87 1.66 11.69 -1.60
C ILE A 87 2.41 10.41 -1.96
N SER A 88 3.27 9.96 -1.05
CA SER A 88 4.04 8.74 -1.27
C SER A 88 3.59 7.63 -0.33
N THR A 89 3.97 6.40 -0.65
CA THR A 89 3.61 5.25 0.17
C THR A 89 4.70 4.19 0.15
N VAL A 90 5.04 3.71 -1.04
CA VAL A 90 6.08 2.69 -1.19
C VAL A 90 7.23 3.22 -2.03
N GLU A 91 8.45 2.85 -1.65
CA GLU A 91 9.65 3.28 -2.37
C GLU A 91 10.37 2.09 -2.99
N THR A 92 10.58 2.14 -4.30
CA THR A 92 11.26 1.07 -5.02
C THR A 92 12.77 1.21 -4.90
N VAL A 93 13.41 0.24 -4.24
CA VAL A 93 14.85 0.24 -4.06
C VAL A 93 15.50 -0.95 -4.75
N ARG A 94 16.64 -0.71 -5.39
CA ARG A 94 17.35 -1.76 -6.09
C ARG A 94 17.96 -2.76 -5.10
N ARG A 95 18.17 -2.32 -3.87
CA ARG A 95 18.74 -3.17 -2.84
C ARG A 95 17.84 -4.38 -2.58
N ARG A 96 16.64 -4.12 -2.08
CA ARG A 96 15.69 -5.20 -1.80
C ARG A 96 14.59 -5.24 -2.85
N GLY A 97 13.79 -4.19 -2.92
CA GLY A 97 12.71 -4.14 -3.89
C GLY A 97 11.75 -2.99 -3.63
N TYR A 98 10.91 -3.15 -2.61
CA TYR A 98 9.94 -2.12 -2.26
C TYR A 98 9.82 -1.97 -0.75
N ARG A 99 9.66 -0.74 -0.30
CA ARG A 99 9.54 -0.46 1.13
C ARG A 99 8.26 0.34 1.42
N PHE A 100 7.43 -0.19 2.30
CA PHE A 100 6.18 0.47 2.67
C PHE A 100 6.40 1.42 3.85
N CYS A 101 6.41 2.73 3.55
CA CYS A 101 6.60 3.74 4.58
C CYS A 101 5.78 4.99 4.26
N TYR A 102 4.69 5.17 5.01
CA TYR A 102 3.81 6.32 4.81
C TYR A 102 4.43 7.58 5.43
N PRO A 103 4.79 8.54 4.56
CA PRO A 103 5.39 9.81 5.00
C PRO A 103 4.39 10.70 5.73
N LYS A 104 4.72 11.97 5.86
CA LYS A 104 3.84 12.93 6.53
C LYS A 104 4.21 14.36 6.15
N PRO A 105 5.43 14.78 6.51
CA PRO A 105 5.94 16.12 6.21
C PRO A 105 6.20 16.33 4.72
N ALA A 106 6.33 15.23 4.00
CA ALA A 106 6.58 15.29 2.56
C ALA A 106 7.75 16.22 2.25
N CYS A 107 8.80 16.14 3.06
CA CYS A 107 9.97 16.97 2.87
C CYS A 107 10.89 16.39 1.80
N GLU A 108 11.54 15.28 2.13
CA GLU A 108 12.44 14.61 1.19
C GLU A 108 12.22 13.10 1.20
N GLU A 109 12.08 12.53 0.00
CA GLU A 109 11.86 11.09 -0.14
C GLU A 109 13.19 10.35 -0.23
N GLY A 1 -17.09 5.81 18.40
CA GLY A 1 -16.52 5.38 17.12
C GLY A 1 -16.34 3.88 17.05
N SER A 2 -17.26 3.22 16.35
CA SER A 2 -17.20 1.76 16.20
C SER A 2 -16.40 1.37 14.97
N GLY A 3 -15.80 0.19 15.00
CA GLY A 3 -15.03 -0.29 13.87
C GLY A 3 -14.12 -1.45 14.23
N SER A 4 -14.25 -2.54 13.50
CA SER A 4 -13.45 -3.73 13.75
C SER A 4 -12.25 -3.79 12.80
N ASN A 5 -12.51 -3.58 11.51
CA ASN A 5 -11.46 -3.61 10.51
C ASN A 5 -10.81 -2.24 10.36
N VAL A 6 -9.74 -2.00 11.11
CA VAL A 6 -9.03 -0.73 11.06
C VAL A 6 -7.55 -0.91 11.37
N ILE A 7 -6.70 -0.50 10.44
CA ILE A 7 -5.26 -0.61 10.61
C ILE A 7 -4.59 0.75 10.52
N GLU A 8 -3.63 0.99 11.41
CA GLU A 8 -2.90 2.25 11.43
C GLU A 8 -1.41 2.03 11.19
N ILE A 9 -0.85 2.78 10.25
CA ILE A 9 0.57 2.67 9.92
C ILE A 9 1.27 4.01 10.09
N GLY A 10 2.09 4.11 11.14
CA GLY A 10 2.82 5.33 11.40
C GLY A 10 1.91 6.49 11.76
N ASP A 11 1.41 7.19 10.74
CA ASP A 11 0.52 8.33 10.95
C ASP A 11 -0.65 8.30 9.97
N LEU A 12 -0.89 7.12 9.39
CA LEU A 12 -1.98 6.96 8.43
C LEU A 12 -2.92 5.83 8.87
N THR A 13 -4.22 6.10 8.80
CA THR A 13 -5.22 5.10 9.18
C THR A 13 -6.06 4.68 7.98
N ILE A 14 -5.99 3.40 7.64
CA ILE A 14 -6.75 2.87 6.51
C ILE A 14 -7.58 1.65 6.93
N SER A 15 -8.76 1.52 6.34
CA SER A 15 -9.63 0.39 6.64
C SER A 15 -9.73 -0.57 5.45
N PRO A 16 -9.35 -1.84 5.70
CA PRO A 16 -9.39 -2.87 4.66
C PRO A 16 -10.81 -3.27 4.27
N ASP A 17 -11.67 -3.42 5.27
CA ASP A 17 -13.06 -3.79 5.03
C ASP A 17 -13.78 -2.70 4.23
N GLU A 18 -13.60 -1.45 4.67
CA GLU A 18 -14.25 -0.31 4.00
C GLU A 18 -13.36 0.22 2.87
N GLU A 19 -12.24 -0.45 2.65
CA GLU A 19 -11.30 -0.03 1.61
C GLU A 19 -11.23 1.49 1.51
N LYS A 20 -10.87 2.13 2.63
CA LYS A 20 -10.75 3.58 2.67
C LYS A 20 -9.44 4.01 3.32
N ILE A 21 -9.01 5.22 3.02
CA ILE A 21 -7.77 5.75 3.58
C ILE A 21 -8.00 7.10 4.25
N ILE A 22 -7.54 7.22 5.49
CA ILE A 22 -7.70 8.47 6.24
C ILE A 22 -6.34 9.00 6.70
N TYR A 23 -5.96 10.15 6.17
CA TYR A 23 -4.69 10.77 6.53
C TYR A 23 -4.84 12.29 6.67
N LYS A 24 -4.44 12.80 7.83
CA LYS A 24 -4.53 14.23 8.11
C LYS A 24 -5.96 14.73 7.93
N GLY A 25 -6.92 13.88 8.26
CA GLY A 25 -8.32 14.25 8.12
C GLY A 25 -8.83 14.11 6.71
N ARG A 26 -7.96 13.67 5.81
CA ARG A 26 -8.32 13.48 4.41
C ARG A 26 -8.76 12.05 4.14
N GLU A 27 -9.96 11.89 3.59
CA GLU A 27 -10.50 10.57 3.30
C GLU A 27 -10.37 10.27 1.80
N VAL A 28 -9.81 9.10 1.49
CA VAL A 28 -9.64 8.69 0.10
C VAL A 28 -10.00 7.22 -0.08
N GLU A 29 -11.02 6.97 -0.91
CA GLU A 29 -11.46 5.61 -1.18
C GLU A 29 -10.79 5.04 -2.42
N VAL A 30 -10.12 3.91 -2.25
CA VAL A 30 -9.42 3.27 -3.37
C VAL A 30 -10.00 1.88 -3.65
N LYS A 31 -10.50 1.70 -4.87
CA LYS A 31 -11.08 0.42 -5.27
C LYS A 31 -10.27 -0.22 -6.39
N GLY A 32 -8.97 -0.40 -6.15
CA GLY A 32 -8.11 -0.99 -7.15
C GLY A 32 -7.81 -2.45 -6.87
N LYS A 33 -7.18 -3.12 -7.82
CA LYS A 33 -6.84 -4.53 -7.67
C LYS A 33 -5.72 -4.70 -6.64
N PRO A 34 -4.64 -3.94 -6.82
CA PRO A 34 -3.48 -3.99 -5.91
C PRO A 34 -3.79 -3.41 -4.54
N PHE A 35 -4.87 -2.64 -4.45
CA PHE A 35 -5.28 -2.02 -3.20
C PHE A 35 -5.25 -3.03 -2.06
N GLU A 36 -5.44 -4.30 -2.39
CA GLU A 36 -5.44 -5.37 -1.40
C GLU A 36 -4.02 -5.66 -0.93
N VAL A 37 -3.13 -5.93 -1.88
CA VAL A 37 -1.73 -6.22 -1.56
C VAL A 37 -1.07 -5.05 -0.87
N LEU A 38 -1.46 -3.84 -1.25
CA LEU A 38 -0.90 -2.64 -0.65
C LEU A 38 -1.37 -2.47 0.79
N THR A 39 -2.68 -2.52 1.00
CA THR A 39 -3.25 -2.37 2.33
C THR A 39 -2.71 -3.43 3.28
N HIS A 40 -2.86 -4.70 2.90
CA HIS A 40 -2.38 -5.81 3.72
C HIS A 40 -0.92 -5.60 4.11
N LEU A 41 -0.09 -5.31 3.12
CA LEU A 41 1.34 -5.10 3.34
C LEU A 41 1.57 -3.81 4.12
N ALA A 42 0.60 -2.90 4.05
CA ALA A 42 0.71 -1.62 4.75
C ALA A 42 0.74 -1.83 6.25
N ARG A 43 0.04 -2.85 6.73
CA ARG A 43 -0.01 -3.15 8.16
C ARG A 43 0.68 -4.47 8.46
N HIS A 44 1.07 -5.18 7.40
CA HIS A 44 1.74 -6.46 7.56
C HIS A 44 3.24 -6.34 7.26
N ARG A 45 3.57 -5.48 6.29
CA ARG A 45 4.96 -5.26 5.90
C ARG A 45 5.57 -4.14 6.73
N ASP A 46 4.91 -2.99 6.75
CA ASP A 46 5.39 -1.83 7.49
C ASP A 46 6.91 -1.88 7.64
N GLN A 47 7.61 -1.95 6.51
CA GLN A 47 9.07 -2.00 6.51
C GLN A 47 9.61 -2.39 5.14
N ILE A 48 10.88 -2.75 5.09
CA ILE A 48 11.51 -3.15 3.84
C ILE A 48 11.26 -4.62 3.54
N VAL A 49 10.69 -4.90 2.37
CA VAL A 49 10.40 -6.26 1.96
C VAL A 49 10.92 -6.55 0.56
N SER A 50 11.13 -7.82 0.26
CA SER A 50 11.65 -8.22 -1.05
C SER A 50 10.49 -8.52 -2.02
N LYS A 51 10.77 -8.35 -3.31
CA LYS A 51 9.75 -8.59 -4.34
C LYS A 51 9.16 -10.00 -4.19
N GLU A 52 10.03 -11.00 -4.11
CA GLU A 52 9.59 -12.38 -3.97
C GLU A 52 8.76 -12.56 -2.69
N GLN A 53 9.27 -12.01 -1.59
CA GLN A 53 8.57 -12.11 -0.31
C GLN A 53 7.14 -11.59 -0.42
N LEU A 54 6.99 -10.40 -0.99
CA LEU A 54 5.68 -9.79 -1.14
C LEU A 54 4.77 -10.67 -2.00
N LEU A 55 5.30 -11.14 -3.13
CA LEU A 55 4.54 -11.99 -4.04
C LEU A 55 3.93 -13.17 -3.28
N ASP A 56 4.77 -13.87 -2.52
CA ASP A 56 4.32 -15.03 -1.75
C ASP A 56 3.52 -14.58 -0.53
N ALA A 57 3.70 -13.32 -0.14
CA ALA A 57 3.00 -12.78 1.02
C ALA A 57 1.51 -12.66 0.75
N ILE A 58 1.17 -12.15 -0.43
CA ILE A 58 -0.23 -11.98 -0.82
C ILE A 58 -0.66 -13.07 -1.79
N TRP A 59 0.12 -13.27 -2.85
CA TRP A 59 -0.19 -14.28 -3.85
C TRP A 59 -1.69 -14.49 -3.96
N GLU A 60 -2.42 -13.39 -4.15
CA GLU A 60 -3.88 -13.45 -4.28
C GLU A 60 -4.28 -13.97 -5.66
N GLU A 61 -3.58 -13.51 -6.69
CA GLU A 61 -3.85 -13.93 -8.05
C GLU A 61 -3.29 -15.33 -8.32
N PRO A 62 -3.85 -16.00 -9.33
CA PRO A 62 -3.43 -17.36 -9.72
C PRO A 62 -2.03 -17.37 -10.34
N GLU A 63 -1.70 -18.47 -11.01
CA GLU A 63 -0.40 -18.60 -11.65
C GLU A 63 -0.16 -17.46 -12.65
N MET A 64 -1.24 -16.80 -13.05
CA MET A 64 -1.14 -15.69 -13.99
C MET A 64 -0.76 -14.40 -13.28
N VAL A 65 -0.50 -14.51 -11.98
CA VAL A 65 -0.11 -13.35 -11.18
C VAL A 65 1.18 -12.73 -11.69
N THR A 66 2.15 -13.58 -12.02
CA THR A 66 3.44 -13.11 -12.53
C THR A 66 4.15 -12.26 -11.49
N PRO A 67 5.49 -12.20 -11.60
CA PRO A 67 6.33 -11.41 -10.68
C PRO A 67 6.15 -9.92 -10.87
N ASN A 68 5.54 -9.54 -11.99
CA ASN A 68 5.31 -8.13 -12.29
C ASN A 68 4.15 -7.58 -11.48
N VAL A 69 3.39 -8.48 -10.85
CA VAL A 69 2.26 -8.08 -10.03
C VAL A 69 2.66 -7.09 -8.94
N ILE A 70 3.89 -7.25 -8.44
CA ILE A 70 4.40 -6.37 -7.40
C ILE A 70 4.63 -4.96 -7.94
N GLU A 71 5.43 -4.86 -8.99
CA GLU A 71 5.73 -3.57 -9.61
C GLU A 71 4.45 -2.90 -10.11
N VAL A 72 3.56 -3.69 -10.69
CA VAL A 72 2.29 -3.17 -11.21
C VAL A 72 1.42 -2.64 -10.07
N ALA A 73 1.51 -3.29 -8.92
CA ALA A 73 0.72 -2.88 -7.75
C ALA A 73 1.20 -1.54 -7.21
N ILE A 74 2.52 -1.39 -7.09
CA ILE A 74 3.10 -0.16 -6.57
C ILE A 74 2.83 1.01 -7.52
N ASN A 75 3.08 0.80 -8.81
CA ASN A 75 2.86 1.83 -9.82
C ASN A 75 1.38 2.20 -9.91
N GLN A 76 0.54 1.18 -10.06
CA GLN A 76 -0.90 1.41 -10.16
C GLN A 76 -1.43 2.15 -8.94
N ILE A 77 -1.08 1.66 -7.76
CA ILE A 77 -1.52 2.28 -6.51
C ILE A 77 -0.95 3.69 -6.38
N ARG A 78 0.33 3.83 -6.67
CA ARG A 78 1.00 5.12 -6.58
C ARG A 78 0.24 6.18 -7.38
N GLN A 79 -0.08 5.86 -8.62
CA GLN A 79 -0.81 6.78 -9.49
C GLN A 79 -2.27 6.86 -9.09
N LYS A 80 -2.74 5.86 -8.34
CA LYS A 80 -4.12 5.83 -7.89
C LYS A 80 -4.24 6.29 -6.44
N MET A 81 -3.12 6.73 -5.88
CA MET A 81 -3.10 7.22 -4.50
C MET A 81 -2.06 8.33 -4.33
N ASP A 82 -0.79 7.96 -4.42
CA ASP A 82 0.30 8.92 -4.28
C ASP A 82 0.11 10.09 -5.24
N LYS A 83 -0.54 9.83 -6.37
CA LYS A 83 -0.78 10.86 -7.37
C LYS A 83 -1.85 11.84 -6.90
N PRO A 84 -3.06 11.33 -6.65
CA PRO A 84 -4.19 12.15 -6.20
C PRO A 84 -4.01 12.63 -4.77
N LEU A 85 -3.12 11.97 -4.03
CA LEU A 85 -2.85 12.34 -2.65
C LEU A 85 -1.52 13.08 -2.53
N GLY A 86 -0.75 13.07 -3.61
CA GLY A 86 0.54 13.75 -3.61
C GLY A 86 1.38 13.38 -2.40
N ILE A 87 1.58 12.08 -2.19
CA ILE A 87 2.37 11.61 -1.06
C ILE A 87 3.11 10.33 -1.42
N SER A 88 3.89 9.82 -0.47
CA SER A 88 4.66 8.59 -0.69
C SER A 88 4.13 7.45 0.18
N THR A 89 4.42 6.22 -0.23
CA THR A 89 3.97 5.05 0.52
C THR A 89 5.02 3.95 0.50
N VAL A 90 5.37 3.49 -0.71
CA VAL A 90 6.37 2.44 -0.85
C VAL A 90 7.56 2.92 -1.69
N GLU A 91 8.77 2.54 -1.27
CA GLU A 91 9.97 2.94 -1.99
C GLU A 91 10.65 1.73 -2.62
N THR A 92 10.90 1.81 -3.92
CA THR A 92 11.54 0.72 -4.64
C THR A 92 13.06 0.80 -4.52
N VAL A 93 13.64 -0.20 -3.86
CA VAL A 93 15.09 -0.25 -3.67
C VAL A 93 15.70 -1.45 -4.37
N ARG A 94 16.83 -1.24 -5.02
CA ARG A 94 17.51 -2.31 -5.74
C ARG A 94 18.05 -3.36 -4.76
N ARG A 95 18.08 -3.00 -3.48
CA ARG A 95 18.58 -3.91 -2.44
C ARG A 95 17.64 -5.10 -2.28
N ARG A 96 16.49 -4.87 -1.65
CA ARG A 96 15.52 -5.93 -1.42
C ARG A 96 14.43 -5.89 -2.48
N GLY A 97 13.83 -4.72 -2.68
CA GLY A 97 12.77 -4.57 -3.66
C GLY A 97 11.88 -3.38 -3.38
N TYR A 98 11.03 -3.51 -2.37
CA TYR A 98 10.10 -2.44 -2.01
C TYR A 98 9.96 -2.35 -0.49
N ARG A 99 9.79 -1.13 0.00
CA ARG A 99 9.64 -0.89 1.44
C ARG A 99 8.40 -0.06 1.72
N PHE A 100 7.53 -0.58 2.58
CA PHE A 100 6.29 0.11 2.94
C PHE A 100 6.52 1.03 4.14
N CYS A 101 6.57 2.33 3.88
CA CYS A 101 6.78 3.32 4.94
C CYS A 101 6.00 4.59 4.66
N TYR A 102 4.92 4.80 5.41
CA TYR A 102 4.09 5.98 5.24
C TYR A 102 4.70 7.18 5.95
N PRO A 103 5.17 8.16 5.16
CA PRO A 103 5.77 9.38 5.70
C PRO A 103 4.76 10.29 6.38
N LYS A 104 5.11 11.56 6.53
CA LYS A 104 4.23 12.54 7.16
C LYS A 104 4.39 13.91 6.52
N PRO A 105 5.59 14.50 6.69
CA PRO A 105 5.89 15.83 6.13
C PRO A 105 5.99 15.81 4.61
N ALA A 106 5.79 14.63 4.02
CA ALA A 106 5.86 14.48 2.57
C ALA A 106 5.13 15.62 1.87
N CYS A 107 5.90 16.53 1.26
CA CYS A 107 5.32 17.66 0.56
C CYS A 107 5.16 17.35 -0.92
N GLU A 108 4.68 18.34 -1.68
CA GLU A 108 4.47 18.17 -3.11
C GLU A 108 5.59 18.83 -3.91
N GLU A 109 6.11 18.10 -4.91
CA GLU A 109 7.19 18.61 -5.74
C GLU A 109 6.73 19.83 -6.54
N GLY A 1 -19.46 0.28 20.87
CA GLY A 1 -19.16 -0.71 19.86
C GLY A 1 -17.68 -0.82 19.58
N SER A 2 -17.04 -1.86 20.10
CA SER A 2 -15.61 -2.07 19.91
C SER A 2 -15.37 -3.15 18.85
N GLY A 3 -14.31 -2.95 18.06
CA GLY A 3 -13.97 -3.92 17.02
C GLY A 3 -14.42 -3.46 15.65
N SER A 4 -13.46 -3.31 14.75
CA SER A 4 -13.76 -2.87 13.39
C SER A 4 -12.51 -2.91 12.51
N ASN A 5 -12.70 -3.08 11.22
CA ASN A 5 -11.60 -3.15 10.27
C ASN A 5 -10.90 -1.80 10.16
N VAL A 6 -9.85 -1.61 10.95
CA VAL A 6 -9.10 -0.36 10.94
C VAL A 6 -7.62 -0.60 11.26
N ILE A 7 -6.76 -0.26 10.31
CA ILE A 7 -5.33 -0.44 10.49
C ILE A 7 -4.59 0.89 10.40
N GLU A 8 -3.62 1.10 11.28
CA GLU A 8 -2.83 2.33 11.30
C GLU A 8 -1.36 2.03 11.09
N ILE A 9 -0.73 2.77 10.18
CA ILE A 9 0.68 2.60 9.88
C ILE A 9 1.45 3.90 10.07
N GLY A 10 2.25 3.97 11.13
CA GLY A 10 3.02 5.16 11.41
C GLY A 10 2.16 6.35 11.76
N ASP A 11 1.70 7.07 10.75
CA ASP A 11 0.85 8.24 10.97
C ASP A 11 -0.32 8.26 9.99
N LEU A 12 -0.58 7.12 9.36
CA LEU A 12 -1.66 7.00 8.39
C LEU A 12 -2.65 5.91 8.81
N THR A 13 -3.93 6.23 8.68
CA THR A 13 -4.98 5.27 9.05
C THR A 13 -5.82 4.88 7.84
N ILE A 14 -5.80 3.61 7.49
CA ILE A 14 -6.56 3.11 6.35
C ILE A 14 -7.42 1.92 6.74
N SER A 15 -8.60 1.82 6.13
CA SER A 15 -9.52 0.73 6.42
C SER A 15 -9.64 -0.21 5.22
N PRO A 16 -9.32 -1.50 5.45
CA PRO A 16 -9.38 -2.52 4.40
C PRO A 16 -10.82 -2.85 4.00
N ASP A 17 -11.69 -2.99 4.99
CA ASP A 17 -13.09 -3.30 4.74
C ASP A 17 -13.77 -2.17 3.97
N GLU A 18 -13.53 -0.93 4.40
CA GLU A 18 -14.11 0.23 3.75
C GLU A 18 -13.21 0.74 2.63
N GLU A 19 -12.11 0.04 2.39
CA GLU A 19 -11.18 0.42 1.35
C GLU A 19 -11.05 1.94 1.26
N LYS A 20 -10.61 2.55 2.35
CA LYS A 20 -10.45 4.01 2.40
C LYS A 20 -9.14 4.38 3.09
N ILE A 21 -8.66 5.59 2.81
CA ILE A 21 -7.41 6.07 3.42
C ILE A 21 -7.62 7.42 4.10
N ILE A 22 -7.20 7.51 5.36
CA ILE A 22 -7.34 8.74 6.12
C ILE A 22 -5.98 9.23 6.61
N TYR A 23 -5.55 10.39 6.09
CA TYR A 23 -4.27 10.97 6.48
C TYR A 23 -4.38 12.48 6.63
N LYS A 24 -3.99 12.98 7.80
CA LYS A 24 -4.04 14.41 8.07
C LYS A 24 -5.45 14.95 7.85
N GLY A 25 -6.45 14.14 8.16
CA GLY A 25 -7.83 14.55 7.99
C GLY A 25 -8.31 14.41 6.55
N ARG A 26 -7.43 13.93 5.68
CA ARG A 26 -7.76 13.75 4.28
C ARG A 26 -8.25 12.34 4.01
N GLU A 27 -9.44 12.23 3.44
CA GLU A 27 -10.03 10.92 3.14
C GLU A 27 -9.91 10.62 1.64
N VAL A 28 -9.45 9.41 1.33
CA VAL A 28 -9.29 8.99 -0.06
C VAL A 28 -9.77 7.56 -0.26
N GLU A 29 -10.80 7.39 -1.09
CA GLU A 29 -11.36 6.07 -1.37
C GLU A 29 -10.70 5.45 -2.60
N VAL A 30 -10.05 4.31 -2.40
CA VAL A 30 -9.37 3.62 -3.48
C VAL A 30 -9.97 2.24 -3.71
N LYS A 31 -10.48 2.01 -4.91
CA LYS A 31 -11.08 0.72 -5.26
C LYS A 31 -10.28 0.02 -6.35
N GLY A 32 -8.99 -0.18 -6.10
CA GLY A 32 -8.14 -0.84 -7.09
C GLY A 32 -7.91 -2.31 -6.76
N LYS A 33 -7.33 -3.03 -7.71
CA LYS A 33 -7.05 -4.45 -7.51
C LYS A 33 -5.89 -4.65 -6.54
N PRO A 34 -4.79 -3.94 -6.79
CA PRO A 34 -3.59 -4.02 -5.94
C PRO A 34 -3.81 -3.40 -4.57
N PHE A 35 -4.85 -2.59 -4.45
CA PHE A 35 -5.16 -1.94 -3.18
C PHE A 35 -5.13 -2.93 -2.02
N GLU A 36 -5.38 -4.20 -2.34
CA GLU A 36 -5.38 -5.25 -1.33
C GLU A 36 -3.96 -5.58 -0.90
N VAL A 37 -3.11 -5.92 -1.87
CA VAL A 37 -1.73 -6.27 -1.59
C VAL A 37 -1.00 -5.13 -0.91
N LEU A 38 -1.31 -3.90 -1.33
CA LEU A 38 -0.68 -2.72 -0.75
C LEU A 38 -1.16 -2.50 0.69
N THR A 39 -2.48 -2.46 0.87
CA THR A 39 -3.06 -2.26 2.19
C THR A 39 -2.56 -3.30 3.18
N HIS A 40 -2.74 -4.58 2.84
CA HIS A 40 -2.30 -5.67 3.69
C HIS A 40 -0.83 -5.50 4.09
N LEU A 41 0.03 -5.35 3.09
CA LEU A 41 1.45 -5.18 3.33
C LEU A 41 1.73 -3.90 4.12
N ALA A 42 0.80 -2.95 4.03
CA ALA A 42 0.93 -1.68 4.74
C ALA A 42 0.90 -1.89 6.25
N ARG A 43 0.05 -2.80 6.70
CA ARG A 43 -0.08 -3.10 8.12
C ARG A 43 0.57 -4.43 8.46
N HIS A 44 1.04 -5.14 7.44
CA HIS A 44 1.68 -6.43 7.62
C HIS A 44 3.20 -6.31 7.47
N ARG A 45 3.63 -5.59 6.44
CA ARG A 45 5.06 -5.40 6.18
C ARG A 45 5.55 -4.10 6.81
N ASP A 46 4.80 -3.02 6.59
CA ASP A 46 5.17 -1.72 7.13
C ASP A 46 6.68 -1.56 7.19
N GLN A 47 7.35 -1.80 6.07
CA GLN A 47 8.80 -1.69 6.00
C GLN A 47 9.32 -2.18 4.66
N ILE A 48 10.61 -2.49 4.61
CA ILE A 48 11.23 -2.98 3.38
C ILE A 48 10.92 -4.45 3.15
N VAL A 49 10.36 -4.77 1.98
CA VAL A 49 10.02 -6.13 1.64
C VAL A 49 10.58 -6.52 0.27
N SER A 50 10.77 -7.81 0.06
CA SER A 50 11.30 -8.31 -1.20
C SER A 50 10.18 -8.65 -2.17
N LYS A 51 10.44 -8.52 -3.46
CA LYS A 51 9.45 -8.81 -4.48
C LYS A 51 8.86 -10.20 -4.28
N GLU A 52 9.73 -11.19 -4.14
CA GLU A 52 9.28 -12.57 -3.94
C GLU A 52 8.48 -12.70 -2.64
N GLN A 53 8.98 -12.08 -1.58
CA GLN A 53 8.31 -12.12 -0.28
C GLN A 53 6.87 -11.63 -0.40
N LEU A 54 6.70 -10.46 -0.99
CA LEU A 54 5.36 -9.88 -1.15
C LEU A 54 4.49 -10.77 -2.02
N LEU A 55 5.05 -11.29 -3.10
CA LEU A 55 4.32 -12.17 -4.01
C LEU A 55 3.68 -13.31 -3.25
N ASP A 56 4.48 -14.02 -2.46
CA ASP A 56 3.99 -15.15 -1.68
C ASP A 56 3.22 -14.66 -0.46
N ALA A 57 3.47 -13.41 -0.07
CA ALA A 57 2.80 -12.82 1.10
C ALA A 57 1.30 -12.69 0.85
N ILE A 58 0.94 -12.17 -0.32
CA ILE A 58 -0.47 -11.98 -0.68
C ILE A 58 -0.92 -13.05 -1.67
N TRP A 59 -0.13 -13.25 -2.72
CA TRP A 59 -0.47 -14.24 -3.73
C TRP A 59 -1.97 -14.44 -3.84
N GLU A 60 -2.69 -13.35 -4.06
CA GLU A 60 -4.14 -13.41 -4.17
C GLU A 60 -4.56 -13.95 -5.53
N GLU A 61 -3.88 -13.49 -6.58
CA GLU A 61 -4.18 -13.94 -7.94
C GLU A 61 -3.66 -15.36 -8.18
N PRO A 62 -4.25 -16.04 -9.16
CA PRO A 62 -3.87 -17.41 -9.52
C PRO A 62 -2.49 -17.48 -10.17
N GLU A 63 -2.21 -18.60 -10.82
CA GLU A 63 -0.92 -18.78 -11.49
C GLU A 63 -0.68 -17.68 -12.51
N MET A 64 -1.75 -17.01 -12.93
CA MET A 64 -1.66 -15.93 -13.90
C MET A 64 -1.22 -14.63 -13.23
N VAL A 65 -0.94 -14.71 -11.93
CA VAL A 65 -0.51 -13.54 -11.17
C VAL A 65 0.77 -12.95 -11.74
N THR A 66 1.71 -13.82 -12.09
CA THR A 66 2.99 -13.39 -12.64
C THR A 66 3.77 -12.55 -11.64
N PRO A 67 5.11 -12.53 -11.80
CA PRO A 67 6.00 -11.78 -10.92
C PRO A 67 5.85 -10.26 -11.10
N ASN A 68 5.19 -9.87 -12.19
CA ASN A 68 4.98 -8.46 -12.48
C ASN A 68 3.85 -7.89 -11.64
N VAL A 69 3.12 -8.77 -10.96
CA VAL A 69 2.01 -8.36 -10.12
C VAL A 69 2.46 -7.34 -9.08
N ILE A 70 3.69 -7.49 -8.59
CA ILE A 70 4.24 -6.59 -7.60
C ILE A 70 4.49 -5.21 -8.19
N GLU A 71 5.28 -5.16 -9.25
CA GLU A 71 5.59 -3.90 -9.90
C GLU A 71 4.31 -3.19 -10.39
N VAL A 72 3.38 -3.98 -10.89
CA VAL A 72 2.11 -3.44 -11.38
C VAL A 72 1.27 -2.88 -10.24
N ALA A 73 1.38 -3.51 -9.08
CA ALA A 73 0.62 -3.08 -7.91
C ALA A 73 1.14 -1.74 -7.39
N ILE A 74 2.46 -1.61 -7.32
CA ILE A 74 3.08 -0.39 -6.84
C ILE A 74 2.84 0.76 -7.81
N ASN A 75 3.10 0.51 -9.09
CA ASN A 75 2.91 1.53 -10.12
C ASN A 75 1.45 1.95 -10.20
N GLN A 76 0.56 0.98 -10.33
CA GLN A 76 -0.87 1.26 -10.41
C GLN A 76 -1.35 2.01 -9.17
N ILE A 77 -1.01 1.48 -8.01
CA ILE A 77 -1.42 2.10 -6.74
C ILE A 77 -0.86 3.52 -6.63
N ARG A 78 0.42 3.66 -6.93
CA ARG A 78 1.07 4.97 -6.86
C ARG A 78 0.36 5.98 -7.75
N GLN A 79 -0.03 5.54 -8.95
CA GLN A 79 -0.72 6.41 -9.89
C GLN A 79 -2.18 6.62 -9.47
N LYS A 80 -2.67 5.74 -8.61
CA LYS A 80 -4.05 5.83 -8.13
C LYS A 80 -4.10 6.29 -6.68
N MET A 81 -2.93 6.64 -6.13
CA MET A 81 -2.85 7.10 -4.75
C MET A 81 -1.78 8.17 -4.61
N ASP A 82 -0.52 7.80 -4.87
CA ASP A 82 0.59 8.73 -4.77
C ASP A 82 0.42 9.89 -5.75
N LYS A 83 -0.27 9.62 -6.86
CA LYS A 83 -0.50 10.65 -7.87
C LYS A 83 -1.48 11.70 -7.37
N PRO A 84 -2.69 11.26 -6.99
CA PRO A 84 -3.74 12.15 -6.49
C PRO A 84 -3.41 12.70 -5.10
N LEU A 85 -2.86 11.84 -4.24
CA LEU A 85 -2.50 12.25 -2.88
C LEU A 85 -1.13 12.93 -2.87
N GLY A 86 -0.43 12.86 -4.00
CA GLY A 86 0.88 13.47 -4.09
C GLY A 86 1.77 13.10 -2.91
N ILE A 87 1.97 11.81 -2.70
CA ILE A 87 2.80 11.34 -1.61
C ILE A 87 3.51 10.03 -1.98
N SER A 88 4.30 9.52 -1.05
CA SER A 88 5.04 8.27 -1.29
C SER A 88 4.66 7.21 -0.26
N THR A 89 4.38 6.01 -0.73
CA THR A 89 4.00 4.90 0.14
C THR A 89 4.94 3.72 -0.03
N VAL A 90 5.37 3.48 -1.26
CA VAL A 90 6.27 2.38 -1.55
C VAL A 90 7.53 2.86 -2.27
N GLU A 91 8.68 2.33 -1.88
CA GLU A 91 9.95 2.71 -2.48
C GLU A 91 10.62 1.51 -3.15
N THR A 92 10.65 1.52 -4.48
CA THR A 92 11.26 0.44 -5.24
C THR A 92 12.78 0.53 -5.20
N VAL A 93 13.40 -0.45 -4.55
CA VAL A 93 14.86 -0.48 -4.45
C VAL A 93 15.43 -1.73 -5.10
N ARG A 94 16.56 -1.57 -5.79
CA ARG A 94 17.20 -2.68 -6.48
C ARG A 94 17.82 -3.65 -5.47
N ARG A 95 17.88 -3.23 -4.21
CA ARG A 95 18.45 -4.06 -3.15
C ARG A 95 17.51 -5.22 -2.82
N ARG A 96 16.38 -4.89 -2.20
CA ARG A 96 15.40 -5.90 -1.81
C ARG A 96 14.28 -5.97 -2.83
N GLY A 97 13.69 -4.82 -3.14
CA GLY A 97 12.60 -4.78 -4.10
C GLY A 97 11.68 -3.59 -3.88
N TYR A 98 10.85 -3.67 -2.85
CA TYR A 98 9.92 -2.59 -2.54
C TYR A 98 9.78 -2.42 -1.03
N ARG A 99 9.73 -1.16 -0.60
CA ARG A 99 9.60 -0.84 0.83
C ARG A 99 8.36 0.01 1.08
N PHE A 100 7.49 -0.48 1.95
CA PHE A 100 6.26 0.25 2.28
C PHE A 100 6.39 0.95 3.63
N CYS A 101 6.60 2.26 3.58
CA CYS A 101 6.75 3.06 4.79
C CYS A 101 6.21 4.47 4.58
N TYR A 102 5.06 4.75 5.18
CA TYR A 102 4.44 6.06 5.05
C TYR A 102 5.26 7.13 5.77
N PRO A 103 5.84 8.05 4.99
CA PRO A 103 6.65 9.14 5.54
C PRO A 103 5.82 10.16 6.30
N LYS A 104 5.46 11.25 5.63
CA LYS A 104 4.68 12.31 6.25
C LYS A 104 4.71 13.57 5.41
N PRO A 105 5.91 14.14 5.23
CA PRO A 105 6.11 15.36 4.44
C PRO A 105 5.89 15.13 2.95
N ALA A 106 5.70 13.87 2.57
CA ALA A 106 5.47 13.52 1.17
C ALA A 106 4.38 14.39 0.56
N CYS A 107 3.44 14.84 1.38
CA CYS A 107 2.35 15.68 0.92
C CYS A 107 2.88 16.99 0.34
N GLU A 108 2.47 17.29 -0.88
CA GLU A 108 2.91 18.52 -1.55
C GLU A 108 1.71 19.39 -1.91
N GLU A 109 1.83 20.69 -1.66
CA GLU A 109 0.76 21.63 -1.94
C GLU A 109 1.33 22.96 -2.45
N GLY A 1 -16.32 -0.80 22.16
CA GLY A 1 -17.50 -0.93 21.32
C GLY A 1 -17.29 -1.91 20.19
N SER A 2 -17.96 -1.67 19.06
CA SER A 2 -17.85 -2.55 17.90
C SER A 2 -17.74 -1.73 16.62
N GLY A 3 -17.19 -2.35 15.58
CA GLY A 3 -17.04 -1.67 14.30
C GLY A 3 -16.27 -2.50 13.30
N SER A 4 -16.17 -1.98 12.07
CA SER A 4 -15.46 -2.69 11.00
C SER A 4 -13.96 -2.76 11.30
N ASN A 5 -13.21 -3.36 10.38
CA ASN A 5 -11.77 -3.48 10.54
C ASN A 5 -11.08 -2.12 10.42
N VAL A 6 -10.00 -1.94 11.17
CA VAL A 6 -9.25 -0.69 11.15
C VAL A 6 -7.78 -0.93 11.44
N ILE A 7 -6.92 -0.52 10.51
CA ILE A 7 -5.49 -0.68 10.66
C ILE A 7 -4.76 0.66 10.51
N GLU A 8 -3.77 0.89 11.36
CA GLU A 8 -2.99 2.11 11.32
C GLU A 8 -1.54 1.84 10.94
N ILE A 9 -0.97 2.70 10.12
CA ILE A 9 0.41 2.55 9.68
C ILE A 9 1.19 3.84 9.84
N GLY A 10 2.06 3.89 10.85
CA GLY A 10 2.85 5.08 11.10
C GLY A 10 1.99 6.29 11.41
N ASP A 11 1.68 7.07 10.38
CA ASP A 11 0.86 8.28 10.55
C ASP A 11 -0.33 8.26 9.60
N LEU A 12 -0.67 7.07 9.12
CA LEU A 12 -1.79 6.92 8.20
C LEU A 12 -2.78 5.87 8.71
N THR A 13 -4.07 6.18 8.60
CA THR A 13 -5.10 5.26 9.04
C THR A 13 -5.96 4.78 7.87
N ILE A 14 -5.93 3.48 7.62
CA ILE A 14 -6.71 2.90 6.52
C ILE A 14 -7.53 1.71 7.00
N SER A 15 -8.72 1.55 6.44
CA SER A 15 -9.60 0.44 6.82
C SER A 15 -9.85 -0.48 5.63
N PRO A 16 -9.51 -1.77 5.81
CA PRO A 16 -9.68 -2.78 4.76
C PRO A 16 -11.15 -3.10 4.50
N ASP A 17 -11.93 -3.23 5.57
CA ASP A 17 -13.35 -3.53 5.45
C ASP A 17 -14.07 -2.45 4.64
N GLU A 18 -13.72 -1.20 4.90
CA GLU A 18 -14.33 -0.07 4.20
C GLU A 18 -13.44 0.40 3.06
N GLU A 19 -12.37 -0.34 2.81
CA GLU A 19 -11.43 0.00 1.74
C GLU A 19 -11.27 1.51 1.63
N LYS A 20 -11.06 2.17 2.76
CA LYS A 20 -10.88 3.61 2.80
C LYS A 20 -9.52 3.99 3.36
N ILE A 21 -9.02 5.15 2.97
CA ILE A 21 -7.72 5.62 3.43
C ILE A 21 -7.83 7.02 4.02
N ILE A 22 -7.23 7.21 5.19
CA ILE A 22 -7.25 8.50 5.87
C ILE A 22 -5.84 9.03 6.09
N TYR A 23 -5.53 10.17 5.47
CA TYR A 23 -4.21 10.78 5.61
C TYR A 23 -4.33 12.28 5.85
N LYS A 24 -3.88 12.72 7.02
CA LYS A 24 -3.93 14.13 7.38
C LYS A 24 -5.36 14.65 7.36
N GLY A 25 -6.30 13.79 7.74
CA GLY A 25 -7.70 14.18 7.76
C GLY A 25 -8.36 14.02 6.41
N ARG A 26 -7.59 13.60 5.41
CA ARG A 26 -8.11 13.43 4.06
C ARG A 26 -8.55 11.98 3.84
N GLU A 27 -9.82 11.81 3.46
CA GLU A 27 -10.36 10.48 3.22
C GLU A 27 -10.39 10.17 1.73
N VAL A 28 -9.86 9.00 1.37
CA VAL A 28 -9.83 8.58 -0.03
C VAL A 28 -10.22 7.11 -0.17
N GLU A 29 -11.29 6.86 -0.92
CA GLU A 29 -11.76 5.50 -1.12
C GLU A 29 -11.13 4.90 -2.38
N VAL A 30 -10.40 3.80 -2.19
CA VAL A 30 -9.74 3.13 -3.31
C VAL A 30 -10.28 1.71 -3.47
N LYS A 31 -10.81 1.43 -4.65
CA LYS A 31 -11.36 0.10 -4.95
C LYS A 31 -10.60 -0.56 -6.10
N GLY A 32 -9.29 -0.64 -5.96
CA GLY A 32 -8.47 -1.26 -6.99
C GLY A 32 -8.15 -2.71 -6.70
N LYS A 33 -7.58 -3.39 -7.68
CA LYS A 33 -7.22 -4.81 -7.52
C LYS A 33 -6.08 -4.98 -6.54
N PRO A 34 -4.99 -4.22 -6.76
CA PRO A 34 -3.81 -4.28 -5.89
C PRO A 34 -4.07 -3.67 -4.52
N PHE A 35 -5.14 -2.90 -4.42
CA PHE A 35 -5.50 -2.25 -3.15
C PHE A 35 -5.43 -3.24 -2.00
N GLU A 36 -5.66 -4.52 -2.31
CA GLU A 36 -5.62 -5.56 -1.29
C GLU A 36 -4.19 -5.86 -0.86
N VAL A 37 -3.32 -6.08 -1.83
CA VAL A 37 -1.92 -6.36 -1.56
C VAL A 37 -1.23 -5.16 -0.93
N LEU A 38 -1.60 -3.96 -1.37
CA LEU A 38 -1.02 -2.73 -0.84
C LEU A 38 -1.49 -2.48 0.59
N THR A 39 -2.77 -2.74 0.85
CA THR A 39 -3.33 -2.54 2.17
C THR A 39 -2.70 -3.47 3.20
N HIS A 40 -2.76 -4.77 2.92
CA HIS A 40 -2.19 -5.77 3.82
C HIS A 40 -0.73 -5.45 4.12
N LEU A 41 0.02 -5.13 3.08
CA LEU A 41 1.44 -4.81 3.23
C LEU A 41 1.62 -3.44 3.88
N ALA A 42 0.62 -2.59 3.72
CA ALA A 42 0.67 -1.24 4.30
C ALA A 42 0.68 -1.29 5.82
N ARG A 43 0.11 -2.36 6.38
CA ARG A 43 0.05 -2.52 7.82
C ARG A 43 0.89 -3.72 8.26
N HIS A 44 1.29 -4.54 7.30
CA HIS A 44 2.10 -5.72 7.59
C HIS A 44 3.56 -5.48 7.21
N ARG A 45 3.77 -4.83 6.07
CA ARG A 45 5.11 -4.54 5.59
C ARG A 45 5.75 -3.41 6.39
N ASP A 46 5.05 -2.28 6.47
CA ASP A 46 5.55 -1.12 7.20
C ASP A 46 7.07 -1.16 7.30
N GLN A 47 7.73 -1.25 6.16
CA GLN A 47 9.19 -1.29 6.12
C GLN A 47 9.69 -1.74 4.74
N ILE A 48 10.96 -2.09 4.67
CA ILE A 48 11.56 -2.54 3.42
C ILE A 48 11.33 -4.03 3.21
N VAL A 49 10.71 -4.39 2.09
CA VAL A 49 10.43 -5.78 1.76
C VAL A 49 10.88 -6.11 0.35
N SER A 50 11.11 -7.39 0.09
CA SER A 50 11.54 -7.85 -1.22
C SER A 50 10.35 -8.18 -2.10
N LYS A 51 10.58 -8.28 -3.41
CA LYS A 51 9.53 -8.59 -4.36
C LYS A 51 8.96 -9.98 -4.10
N GLU A 52 9.84 -10.97 -4.00
CA GLU A 52 9.42 -12.34 -3.75
C GLU A 52 8.65 -12.45 -2.44
N GLN A 53 9.18 -11.83 -1.39
CA GLN A 53 8.54 -11.85 -0.08
C GLN A 53 7.10 -11.34 -0.17
N LEU A 54 6.91 -10.23 -0.87
CA LEU A 54 5.59 -9.64 -1.02
C LEU A 54 4.66 -10.59 -1.78
N LEU A 55 5.12 -11.09 -2.91
CA LEU A 55 4.34 -12.01 -3.72
C LEU A 55 3.82 -13.18 -2.88
N ASP A 56 4.72 -13.77 -2.10
CA ASP A 56 4.36 -14.89 -1.24
C ASP A 56 3.60 -14.42 -0.01
N ALA A 57 3.74 -13.13 0.30
CA ALA A 57 3.06 -12.55 1.46
C ALA A 57 1.56 -12.45 1.22
N ILE A 58 1.18 -12.01 0.02
CA ILE A 58 -0.22 -11.88 -0.33
C ILE A 58 -0.69 -13.03 -1.23
N TRP A 59 0.07 -13.28 -2.29
CA TRP A 59 -0.26 -14.36 -3.21
C TRP A 59 -1.77 -14.62 -3.23
N GLU A 60 -2.54 -13.58 -3.49
CA GLU A 60 -3.99 -13.70 -3.54
C GLU A 60 -4.45 -14.28 -4.87
N GLU A 61 -3.83 -13.82 -5.96
CA GLU A 61 -4.17 -14.30 -7.30
C GLU A 61 -3.61 -15.69 -7.54
N PRO A 62 -4.20 -16.41 -8.50
CA PRO A 62 -3.76 -17.77 -8.85
C PRO A 62 -2.41 -17.79 -9.55
N GLU A 63 -2.09 -18.90 -10.20
CA GLU A 63 -0.82 -19.03 -10.90
C GLU A 63 -0.65 -17.93 -11.93
N MET A 64 -1.76 -17.30 -12.32
CA MET A 64 -1.73 -16.23 -13.30
C MET A 64 -1.31 -14.91 -12.66
N VAL A 65 -0.98 -14.97 -11.36
CA VAL A 65 -0.56 -13.78 -10.64
C VAL A 65 0.69 -13.18 -11.24
N THR A 66 1.65 -14.03 -11.58
CA THR A 66 2.92 -13.58 -12.17
C THR A 66 3.67 -12.68 -11.21
N PRO A 67 5.00 -12.61 -11.40
CA PRO A 67 5.88 -11.78 -10.56
C PRO A 67 5.67 -10.29 -10.79
N ASN A 68 5.06 -9.96 -11.93
CA ASN A 68 4.80 -8.57 -12.29
C ASN A 68 3.67 -8.00 -11.44
N VAL A 69 2.97 -8.87 -10.73
CA VAL A 69 1.85 -8.46 -9.88
C VAL A 69 2.31 -7.41 -8.87
N ILE A 70 3.55 -7.53 -8.41
CA ILE A 70 4.11 -6.60 -7.43
C ILE A 70 4.30 -5.21 -8.05
N GLU A 71 5.03 -5.16 -9.16
CA GLU A 71 5.29 -3.91 -9.84
C GLU A 71 3.99 -3.27 -10.33
N VAL A 72 3.09 -4.10 -10.86
CA VAL A 72 1.81 -3.62 -11.35
C VAL A 72 0.96 -3.05 -10.22
N ALA A 73 1.07 -3.65 -9.04
CA ALA A 73 0.32 -3.21 -7.88
C ALA A 73 0.84 -1.86 -7.37
N ILE A 74 2.16 -1.71 -7.35
CA ILE A 74 2.78 -0.48 -6.89
C ILE A 74 2.48 0.68 -7.83
N ASN A 75 2.67 0.44 -9.13
CA ASN A 75 2.41 1.47 -10.13
C ASN A 75 0.94 1.84 -10.17
N GLN A 76 0.07 0.82 -10.27
CA GLN A 76 -1.36 1.04 -10.32
C GLN A 76 -1.83 1.82 -9.10
N ILE A 77 -1.45 1.35 -7.91
CA ILE A 77 -1.83 2.01 -6.68
C ILE A 77 -1.22 3.41 -6.58
N ARG A 78 0.06 3.51 -6.90
CA ARG A 78 0.75 4.79 -6.85
C ARG A 78 -0.02 5.86 -7.62
N GLN A 79 -0.40 5.53 -8.85
CA GLN A 79 -1.15 6.46 -9.69
C GLN A 79 -2.60 6.57 -9.24
N LYS A 80 -3.04 5.59 -8.45
CA LYS A 80 -4.41 5.59 -7.94
C LYS A 80 -4.45 6.08 -6.49
N MET A 81 -3.30 6.51 -5.99
CA MET A 81 -3.22 7.00 -4.62
C MET A 81 -2.16 8.10 -4.51
N ASP A 82 -0.90 7.72 -4.66
CA ASP A 82 0.20 8.67 -4.57
C ASP A 82 0.00 9.83 -5.54
N LYS A 83 -0.69 9.56 -6.64
CA LYS A 83 -0.96 10.58 -7.65
C LYS A 83 -1.98 11.60 -7.14
N PRO A 84 -3.19 11.12 -6.81
CA PRO A 84 -4.27 11.96 -6.30
C PRO A 84 -3.98 12.48 -4.89
N LEU A 85 -3.06 11.82 -4.21
CA LEU A 85 -2.70 12.20 -2.84
C LEU A 85 -1.36 12.94 -2.83
N GLY A 86 -0.70 12.98 -3.98
CA GLY A 86 0.58 13.67 -4.07
C GLY A 86 1.52 13.27 -2.96
N ILE A 87 1.46 12.02 -2.53
CA ILE A 87 2.32 11.52 -1.47
C ILE A 87 3.06 10.25 -1.90
N SER A 88 3.91 9.74 -1.01
CA SER A 88 4.67 8.54 -1.30
C SER A 88 4.29 7.40 -0.35
N THR A 89 4.08 6.21 -0.91
CA THR A 89 3.71 5.05 -0.10
C THR A 89 4.78 3.97 -0.18
N VAL A 90 5.05 3.49 -1.39
CA VAL A 90 6.06 2.46 -1.60
C VAL A 90 7.19 2.96 -2.47
N GLU A 91 8.42 2.57 -2.13
CA GLU A 91 9.59 2.98 -2.89
C GLU A 91 10.31 1.78 -3.48
N THR A 92 10.46 1.77 -4.80
CA THR A 92 11.13 0.68 -5.49
C THR A 92 12.65 0.83 -5.43
N VAL A 93 13.30 -0.11 -4.75
CA VAL A 93 14.76 -0.09 -4.61
C VAL A 93 15.38 -1.31 -5.27
N ARG A 94 16.52 -1.09 -5.94
CA ARG A 94 17.21 -2.16 -6.62
C ARG A 94 17.85 -3.12 -5.62
N ARG A 95 18.00 -2.65 -4.38
CA ARG A 95 18.60 -3.46 -3.32
C ARG A 95 17.69 -4.61 -2.94
N ARG A 96 16.55 -4.28 -2.34
CA ARG A 96 15.58 -5.29 -1.92
C ARG A 96 14.47 -5.44 -2.96
N GLY A 97 13.64 -4.42 -3.10
CA GLY A 97 12.55 -4.46 -4.06
C GLY A 97 11.56 -3.33 -3.86
N TYR A 98 10.76 -3.42 -2.80
CA TYR A 98 9.76 -2.40 -2.51
C TYR A 98 9.64 -2.18 -1.00
N ARG A 99 9.66 -0.91 -0.60
CA ARG A 99 9.55 -0.56 0.81
C ARG A 99 8.34 0.34 1.06
N PHE A 100 7.47 -0.08 1.97
CA PHE A 100 6.27 0.68 2.29
C PHE A 100 6.50 1.56 3.52
N CYS A 101 6.59 2.87 3.30
CA CYS A 101 6.82 3.81 4.38
C CYS A 101 6.05 5.10 4.14
N TYR A 102 4.97 5.30 4.88
CA TYR A 102 4.15 6.49 4.75
C TYR A 102 4.75 7.66 5.52
N PRO A 103 5.23 8.68 4.78
CA PRO A 103 5.83 9.87 5.37
C PRO A 103 4.81 10.74 6.09
N LYS A 104 5.16 12.01 6.31
CA LYS A 104 4.28 12.95 6.98
C LYS A 104 4.53 14.37 6.50
N PRO A 105 5.73 14.89 6.79
CA PRO A 105 6.12 16.25 6.40
C PRO A 105 6.33 16.38 4.89
N ALA A 106 5.25 16.17 4.14
CA ALA A 106 5.31 16.27 2.68
C ALA A 106 5.97 17.57 2.24
N CYS A 107 6.69 17.52 1.12
CA CYS A 107 7.37 18.70 0.59
C CYS A 107 8.40 19.21 1.58
N GLU A 108 9.32 18.33 1.98
CA GLU A 108 10.37 18.69 2.93
C GLU A 108 11.37 19.67 2.29
N GLU A 109 11.67 20.74 3.00
CA GLU A 109 12.62 21.74 2.51
C GLU A 109 13.68 22.05 3.55
N GLY A 1 -15.60 7.94 16.05
CA GLY A 1 -15.58 6.85 15.08
C GLY A 1 -15.60 5.49 15.73
N SER A 2 -16.46 4.60 15.23
CA SER A 2 -16.57 3.25 15.77
C SER A 2 -16.42 2.21 14.67
N GLY A 3 -15.46 1.31 14.85
CA GLY A 3 -15.22 0.27 13.87
C GLY A 3 -14.35 -0.84 14.39
N SER A 4 -14.08 -1.84 13.55
CA SER A 4 -13.25 -2.97 13.95
C SER A 4 -11.96 -3.00 13.15
N ASN A 5 -12.07 -3.26 11.85
CA ASN A 5 -10.90 -3.32 10.98
C ASN A 5 -10.30 -1.93 10.78
N VAL A 6 -9.23 -1.63 11.51
CA VAL A 6 -8.57 -0.34 11.42
C VAL A 6 -7.07 -0.46 11.71
N ILE A 7 -6.25 -0.09 10.74
CA ILE A 7 -4.81 -0.16 10.89
C ILE A 7 -4.18 1.23 10.75
N GLU A 8 -3.21 1.51 11.61
CA GLU A 8 -2.51 2.80 11.59
C GLU A 8 -1.03 2.62 11.28
N ILE A 9 -0.59 3.23 10.18
CA ILE A 9 0.81 3.14 9.77
C ILE A 9 1.35 4.51 9.37
N GLY A 10 2.49 4.88 9.96
CA GLY A 10 3.10 6.15 9.65
C GLY A 10 2.12 7.31 9.78
N ASP A 11 1.30 7.27 10.82
CA ASP A 11 0.31 8.32 11.06
C ASP A 11 -0.80 8.27 10.01
N LEU A 12 -1.02 7.08 9.45
CA LEU A 12 -2.04 6.90 8.43
C LEU A 12 -2.99 5.77 8.82
N THR A 13 -4.27 6.10 9.01
CA THR A 13 -5.27 5.12 9.39
C THR A 13 -6.09 4.69 8.18
N ILE A 14 -6.00 3.41 7.83
CA ILE A 14 -6.74 2.87 6.70
C ILE A 14 -7.51 1.62 7.09
N SER A 15 -8.68 1.45 6.49
CA SER A 15 -9.53 0.30 6.78
C SER A 15 -9.54 -0.68 5.60
N PRO A 16 -9.10 -1.92 5.85
CA PRO A 16 -9.05 -2.97 4.83
C PRO A 16 -10.44 -3.44 4.41
N ASP A 17 -11.32 -3.63 5.40
CA ASP A 17 -12.68 -4.08 5.13
C ASP A 17 -13.50 -2.97 4.48
N GLU A 18 -13.24 -1.73 4.90
CA GLU A 18 -13.95 -0.58 4.35
C GLU A 18 -13.18 0.05 3.20
N GLU A 19 -12.06 -0.57 2.84
CA GLU A 19 -11.23 -0.06 1.75
C GLU A 19 -11.21 1.46 1.75
N LYS A 20 -10.92 2.05 2.90
CA LYS A 20 -10.88 3.50 3.04
C LYS A 20 -9.55 3.94 3.62
N ILE A 21 -9.13 5.17 3.29
CA ILE A 21 -7.88 5.71 3.79
C ILE A 21 -8.09 7.06 4.45
N ILE A 22 -7.62 7.20 5.70
CA ILE A 22 -7.76 8.44 6.44
C ILE A 22 -6.40 8.97 6.88
N TYR A 23 -6.01 10.11 6.33
CA TYR A 23 -4.73 10.73 6.66
C TYR A 23 -4.87 12.24 6.77
N LYS A 24 -4.45 12.79 7.91
CA LYS A 24 -4.51 14.22 8.14
C LYS A 24 -5.93 14.74 7.95
N GLY A 25 -6.91 13.91 8.30
CA GLY A 25 -8.30 14.30 8.16
C GLY A 25 -8.82 14.12 6.75
N ARG A 26 -7.95 13.62 5.87
CA ARG A 26 -8.32 13.41 4.47
C ARG A 26 -8.80 11.97 4.25
N GLU A 27 -10.01 11.83 3.72
CA GLU A 27 -10.58 10.52 3.46
C GLU A 27 -10.50 10.17 1.98
N VAL A 28 -9.95 9.00 1.68
CA VAL A 28 -9.81 8.55 0.30
C VAL A 28 -10.17 7.07 0.17
N GLU A 29 -11.20 6.79 -0.62
CA GLU A 29 -11.65 5.42 -0.84
C GLU A 29 -11.03 4.84 -2.10
N VAL A 30 -10.27 3.77 -1.94
CA VAL A 30 -9.61 3.11 -3.07
C VAL A 30 -10.10 1.68 -3.23
N LYS A 31 -10.68 1.38 -4.38
CA LYS A 31 -11.18 0.04 -4.67
C LYS A 31 -10.48 -0.56 -5.88
N GLY A 32 -9.16 -0.60 -5.84
CA GLY A 32 -8.40 -1.16 -6.95
C GLY A 32 -7.98 -2.59 -6.71
N LYS A 33 -7.36 -3.21 -7.70
CA LYS A 33 -6.91 -4.58 -7.59
C LYS A 33 -5.75 -4.70 -6.60
N PRO A 34 -4.72 -3.88 -6.80
CA PRO A 34 -3.53 -3.87 -5.94
C PRO A 34 -3.83 -3.30 -4.55
N PHE A 35 -4.94 -2.58 -4.44
CA PHE A 35 -5.34 -1.98 -3.16
C PHE A 35 -5.27 -3.02 -2.04
N GLU A 36 -5.45 -4.28 -2.39
CA GLU A 36 -5.40 -5.36 -1.41
C GLU A 36 -3.98 -5.61 -0.94
N VAL A 37 -3.08 -5.86 -1.89
CA VAL A 37 -1.69 -6.12 -1.58
C VAL A 37 -1.06 -4.94 -0.84
N LEU A 38 -1.48 -3.74 -1.19
CA LEU A 38 -0.97 -2.53 -0.55
C LEU A 38 -1.45 -2.43 0.89
N THR A 39 -2.75 -2.50 1.09
CA THR A 39 -3.33 -2.42 2.43
C THR A 39 -2.77 -3.50 3.33
N HIS A 40 -2.89 -4.76 2.90
CA HIS A 40 -2.39 -5.88 3.67
C HIS A 40 -0.93 -5.68 4.07
N LEU A 41 -0.11 -5.27 3.10
CA LEU A 41 1.31 -5.03 3.34
C LEU A 41 1.50 -3.80 4.22
N ALA A 42 0.53 -2.90 4.20
CA ALA A 42 0.59 -1.69 5.01
C ALA A 42 0.55 -2.00 6.50
N ARG A 43 -0.11 -3.12 6.84
CA ARG A 43 -0.22 -3.54 8.23
C ARG A 43 0.50 -4.85 8.47
N HIS A 44 0.90 -5.50 7.37
CA HIS A 44 1.62 -6.78 7.46
C HIS A 44 3.10 -6.60 7.16
N ARG A 45 3.41 -5.76 6.18
CA ARG A 45 4.79 -5.51 5.79
C ARG A 45 5.37 -4.37 6.60
N ASP A 46 4.67 -3.24 6.62
CA ASP A 46 5.11 -2.07 7.37
C ASP A 46 6.63 -2.08 7.55
N GLN A 47 7.36 -2.13 6.44
CA GLN A 47 8.81 -2.15 6.48
C GLN A 47 9.38 -2.52 5.11
N ILE A 48 10.68 -2.83 5.09
CA ILE A 48 11.35 -3.20 3.85
C ILE A 48 11.08 -4.66 3.50
N VAL A 49 10.51 -4.88 2.31
CA VAL A 49 10.21 -6.23 1.86
C VAL A 49 10.73 -6.47 0.44
N SER A 50 10.98 -7.73 0.12
CA SER A 50 11.49 -8.09 -1.20
C SER A 50 10.34 -8.37 -2.17
N LYS A 51 10.68 -8.53 -3.45
CA LYS A 51 9.69 -8.81 -4.47
C LYS A 51 9.13 -10.22 -4.33
N GLU A 52 10.03 -11.19 -4.11
CA GLU A 52 9.62 -12.57 -3.95
C GLU A 52 8.74 -12.75 -2.72
N GLN A 53 9.23 -12.28 -1.57
CA GLN A 53 8.49 -12.39 -0.32
C GLN A 53 7.09 -11.78 -0.46
N LEU A 54 7.02 -10.65 -1.16
CA LEU A 54 5.76 -9.96 -1.36
C LEU A 54 4.80 -10.81 -2.21
N LEU A 55 5.33 -11.35 -3.31
CA LEU A 55 4.54 -12.18 -4.21
C LEU A 55 3.87 -13.32 -3.44
N ASP A 56 4.67 -14.04 -2.65
CA ASP A 56 4.16 -15.15 -1.86
C ASP A 56 3.40 -14.66 -0.64
N ALA A 57 3.68 -13.42 -0.25
CA ALA A 57 3.03 -12.82 0.91
C ALA A 57 1.53 -12.65 0.68
N ILE A 58 1.18 -12.13 -0.49
CA ILE A 58 -0.22 -11.91 -0.85
C ILE A 58 -0.71 -12.96 -1.84
N TRP A 59 0.08 -13.16 -2.90
CA TRP A 59 -0.28 -14.15 -3.92
C TRP A 59 -1.78 -14.31 -4.04
N GLU A 60 -2.48 -13.19 -4.22
CA GLU A 60 -3.93 -13.21 -4.33
C GLU A 60 -4.37 -13.70 -5.71
N GLU A 61 -3.61 -13.32 -6.73
CA GLU A 61 -3.91 -13.72 -8.10
C GLU A 61 -3.39 -15.13 -8.38
N PRO A 62 -3.98 -15.79 -9.38
CA PRO A 62 -3.60 -17.14 -9.77
C PRO A 62 -2.22 -17.20 -10.43
N GLU A 63 -1.94 -18.30 -11.11
CA GLU A 63 -0.65 -18.48 -11.78
C GLU A 63 -0.39 -17.33 -12.77
N MET A 64 -1.46 -16.66 -13.16
CA MET A 64 -1.36 -15.55 -14.10
C MET A 64 -0.94 -14.27 -13.39
N VAL A 65 -0.68 -14.38 -12.09
CA VAL A 65 -0.26 -13.23 -11.30
C VAL A 65 1.03 -12.62 -11.83
N THR A 66 1.99 -13.48 -12.17
CA THR A 66 3.27 -13.03 -12.70
C THR A 66 4.01 -12.19 -11.67
N PRO A 67 5.35 -12.13 -11.81
CA PRO A 67 6.21 -11.35 -10.90
C PRO A 67 6.02 -9.85 -11.07
N ASN A 68 5.44 -9.46 -12.20
CA ASN A 68 5.21 -8.04 -12.49
C ASN A 68 4.07 -7.50 -11.64
N VAL A 69 3.34 -8.39 -11.00
CA VAL A 69 2.22 -8.00 -10.15
C VAL A 69 2.66 -7.02 -9.07
N ILE A 70 3.86 -7.22 -8.54
CA ILE A 70 4.40 -6.35 -7.51
C ILE A 70 4.60 -4.93 -8.05
N GLU A 71 5.33 -4.83 -9.16
CA GLU A 71 5.60 -3.54 -9.77
C GLU A 71 4.30 -2.84 -10.18
N VAL A 72 3.44 -3.55 -10.88
CA VAL A 72 2.16 -3.01 -11.32
C VAL A 72 1.33 -2.54 -10.15
N ALA A 73 1.51 -3.21 -9.00
CA ALA A 73 0.76 -2.87 -7.80
C ALA A 73 1.23 -1.52 -7.24
N ILE A 74 2.53 -1.34 -7.14
CA ILE A 74 3.11 -0.11 -6.62
C ILE A 74 2.84 1.06 -7.57
N ASN A 75 2.95 0.80 -8.87
CA ASN A 75 2.71 1.83 -9.87
C ASN A 75 1.23 2.19 -9.96
N GLN A 76 0.39 1.17 -10.10
CA GLN A 76 -1.06 1.38 -10.19
C GLN A 76 -1.57 2.14 -8.97
N ILE A 77 -1.22 1.65 -7.79
CA ILE A 77 -1.64 2.28 -6.55
C ILE A 77 -1.10 3.70 -6.44
N ARG A 78 0.19 3.86 -6.74
CA ARG A 78 0.82 5.17 -6.67
C ARG A 78 0.05 6.19 -7.50
N GLN A 79 -0.38 5.80 -8.68
CA GLN A 79 -1.14 6.68 -9.56
C GLN A 79 -2.58 6.82 -9.08
N LYS A 80 -3.01 5.88 -8.27
CA LYS A 80 -4.38 5.89 -7.74
C LYS A 80 -4.40 6.38 -6.29
N MET A 81 -3.23 6.77 -5.79
CA MET A 81 -3.12 7.26 -4.43
C MET A 81 -2.06 8.35 -4.32
N ASP A 82 -0.80 7.98 -4.55
CA ASP A 82 0.30 8.92 -4.49
C ASP A 82 0.06 10.11 -5.41
N LYS A 83 -0.71 9.88 -6.47
CA LYS A 83 -1.02 10.93 -7.43
C LYS A 83 -2.03 11.91 -6.85
N PRO A 84 -3.22 11.40 -6.48
CA PRO A 84 -4.28 12.22 -5.91
C PRO A 84 -3.95 12.70 -4.51
N LEU A 85 -3.03 12.01 -3.84
CA LEU A 85 -2.62 12.37 -2.49
C LEU A 85 -1.26 13.06 -2.50
N GLY A 86 -0.62 13.07 -3.67
CA GLY A 86 0.69 13.69 -3.79
C GLY A 86 1.64 13.26 -2.70
N ILE A 87 1.49 12.03 -2.23
CA ILE A 87 2.34 11.50 -1.17
C ILE A 87 2.99 10.20 -1.60
N SER A 88 3.81 9.63 -0.71
CA SER A 88 4.50 8.38 -1.00
C SER A 88 4.01 7.27 -0.09
N THR A 89 4.31 6.03 -0.47
CA THR A 89 3.89 4.87 0.31
C THR A 89 4.96 3.78 0.28
N VAL A 90 5.36 3.37 -0.93
CA VAL A 90 6.36 2.33 -1.09
C VAL A 90 7.61 2.88 -1.78
N GLU A 91 8.77 2.38 -1.38
CA GLU A 91 10.03 2.82 -1.97
C GLU A 91 10.78 1.65 -2.60
N THR A 92 10.91 1.68 -3.92
CA THR A 92 11.61 0.63 -4.65
C THR A 92 13.11 0.72 -4.46
N VAL A 93 13.69 -0.30 -3.83
CA VAL A 93 15.13 -0.33 -3.58
C VAL A 93 15.78 -1.49 -4.32
N ARG A 94 16.96 -1.23 -4.89
CA ARG A 94 17.69 -2.25 -5.63
C ARG A 94 18.24 -3.32 -4.69
N ARG A 95 18.32 -2.98 -3.40
CA ARG A 95 18.82 -3.91 -2.40
C ARG A 95 17.85 -5.08 -2.20
N ARG A 96 16.67 -4.77 -1.68
CA ARG A 96 15.65 -5.79 -1.44
C ARG A 96 14.61 -5.81 -2.56
N GLY A 97 13.78 -4.77 -2.59
CA GLY A 97 12.76 -4.68 -3.63
C GLY A 97 11.81 -3.52 -3.40
N TYR A 98 10.94 -3.65 -2.41
CA TYR A 98 9.98 -2.60 -2.10
C TYR A 98 9.77 -2.47 -0.59
N ARG A 99 9.84 -1.25 -0.09
CA ARG A 99 9.66 -1.00 1.34
C ARG A 99 8.37 -0.22 1.59
N PHE A 100 7.51 -0.77 2.44
CA PHE A 100 6.24 -0.14 2.77
C PHE A 100 6.39 0.77 3.99
N CYS A 101 6.44 2.07 3.75
CA CYS A 101 6.59 3.05 4.82
C CYS A 101 5.84 4.33 4.50
N TYR A 102 4.78 4.60 5.24
CA TYR A 102 3.97 5.79 5.03
C TYR A 102 4.60 7.00 5.70
N PRO A 103 5.09 7.95 4.90
CA PRO A 103 5.73 9.18 5.39
C PRO A 103 4.72 10.11 6.05
N LYS A 104 5.13 11.38 6.22
CA LYS A 104 4.26 12.38 6.84
C LYS A 104 4.37 13.71 6.10
N PRO A 105 5.55 14.33 6.15
CA PRO A 105 5.80 15.62 5.49
C PRO A 105 5.83 15.49 3.97
N ALA A 106 5.71 14.27 3.48
CA ALA A 106 5.72 14.01 2.05
C ALA A 106 4.78 14.98 1.32
N CYS A 107 5.36 15.86 0.51
CA CYS A 107 4.59 16.83 -0.24
C CYS A 107 4.76 16.62 -1.74
N GLU A 108 4.17 17.52 -2.54
CA GLU A 108 4.26 17.42 -3.99
C GLU A 108 5.42 18.27 -4.50
N GLU A 109 6.02 17.84 -5.61
CA GLU A 109 7.13 18.56 -6.21
C GLU A 109 6.66 19.43 -7.37
N GLY A 1 -16.76 5.22 20.29
CA GLY A 1 -15.81 4.87 19.26
C GLY A 1 -15.83 3.39 18.93
N SER A 2 -16.53 3.03 17.86
CA SER A 2 -16.62 1.64 17.45
C SER A 2 -15.83 1.39 16.17
N GLY A 3 -15.05 0.31 16.16
CA GLY A 3 -14.25 -0.02 14.99
C GLY A 3 -13.44 -1.28 15.19
N SER A 4 -13.87 -2.37 14.54
CA SER A 4 -13.19 -3.65 14.65
C SER A 4 -12.20 -3.83 13.50
N ASN A 5 -12.50 -3.21 12.36
CA ASN A 5 -11.63 -3.30 11.20
C ASN A 5 -10.99 -1.95 10.89
N VAL A 6 -9.86 -1.66 11.54
CA VAL A 6 -9.16 -0.41 11.34
C VAL A 6 -7.66 -0.58 11.59
N ILE A 7 -6.86 -0.33 10.56
CA ILE A 7 -5.41 -0.45 10.67
C ILE A 7 -4.73 0.90 10.48
N GLU A 8 -3.73 1.18 11.30
CA GLU A 8 -3.00 2.44 11.22
C GLU A 8 -1.52 2.18 10.93
N ILE A 9 -0.98 2.90 9.94
CA ILE A 9 0.41 2.75 9.56
C ILE A 9 1.15 4.09 9.66
N GLY A 10 1.99 4.22 10.68
CA GLY A 10 2.75 5.44 10.86
C GLY A 10 1.87 6.62 11.24
N ASP A 11 1.31 7.28 10.23
CA ASP A 11 0.43 8.42 10.46
C ASP A 11 -0.80 8.36 9.56
N LEU A 12 -0.97 7.23 8.90
CA LEU A 12 -2.11 7.03 8.00
C LEU A 12 -3.04 5.95 8.54
N THR A 13 -4.35 6.21 8.46
CA THR A 13 -5.35 5.25 8.94
C THR A 13 -6.23 4.77 7.79
N ILE A 14 -6.20 3.47 7.53
CA ILE A 14 -7.00 2.87 6.47
C ILE A 14 -7.80 1.68 6.98
N SER A 15 -9.00 1.51 6.45
CA SER A 15 -9.87 0.41 6.84
C SER A 15 -10.02 -0.60 5.72
N PRO A 16 -9.68 -1.87 5.99
CA PRO A 16 -9.78 -2.95 5.01
C PRO A 16 -11.22 -3.31 4.69
N ASP A 17 -12.05 -3.39 5.73
CA ASP A 17 -13.46 -3.73 5.56
C ASP A 17 -14.16 -2.71 4.67
N GLU A 18 -13.97 -1.43 4.98
CA GLU A 18 -14.59 -0.36 4.21
C GLU A 18 -13.66 0.11 3.10
N GLU A 19 -12.55 -0.60 2.91
CA GLU A 19 -11.58 -0.25 1.89
C GLU A 19 -11.46 1.26 1.75
N LYS A 20 -11.33 1.95 2.87
CA LYS A 20 -11.20 3.40 2.88
C LYS A 20 -9.83 3.82 3.39
N ILE A 21 -9.38 5.00 2.97
CA ILE A 21 -8.08 5.52 3.39
C ILE A 21 -8.21 6.92 3.96
N ILE A 22 -7.64 7.13 5.15
CA ILE A 22 -7.68 8.42 5.81
C ILE A 22 -6.28 9.00 6.00
N TYR A 23 -6.02 10.12 5.34
CA TYR A 23 -4.71 10.76 5.44
C TYR A 23 -4.86 12.26 5.70
N LYS A 24 -4.34 12.70 6.84
CA LYS A 24 -4.41 14.11 7.21
C LYS A 24 -5.86 14.59 7.23
N GLY A 25 -6.77 13.70 7.60
CA GLY A 25 -8.17 14.06 7.65
C GLY A 25 -8.87 13.89 6.32
N ARG A 26 -8.11 13.49 5.30
CA ARG A 26 -8.65 13.29 3.97
C ARG A 26 -9.07 11.84 3.76
N GLU A 27 -10.34 11.65 3.42
CA GLU A 27 -10.87 10.30 3.20
C GLU A 27 -10.91 9.98 1.70
N VAL A 28 -10.33 8.84 1.34
CA VAL A 28 -10.30 8.41 -0.06
C VAL A 28 -10.59 6.92 -0.18
N GLU A 29 -11.66 6.59 -0.89
CA GLU A 29 -12.06 5.21 -1.09
C GLU A 29 -11.44 4.64 -2.37
N VAL A 30 -10.66 3.58 -2.23
CA VAL A 30 -10.01 2.94 -3.37
C VAL A 30 -10.50 1.50 -3.54
N LYS A 31 -11.07 1.21 -4.71
CA LYS A 31 -11.58 -0.12 -5.00
C LYS A 31 -10.76 -0.77 -6.12
N GLY A 32 -9.45 -0.80 -5.96
CA GLY A 32 -8.59 -1.39 -6.96
C GLY A 32 -8.20 -2.82 -6.63
N LYS A 33 -7.61 -3.51 -7.59
CA LYS A 33 -7.19 -4.89 -7.40
C LYS A 33 -6.01 -4.98 -6.44
N PRO A 34 -4.98 -4.16 -6.69
CA PRO A 34 -3.78 -4.12 -5.86
C PRO A 34 -4.05 -3.52 -4.48
N PHE A 35 -5.16 -2.81 -4.36
CA PHE A 35 -5.54 -2.18 -3.10
C PHE A 35 -5.40 -3.17 -1.94
N GLU A 36 -5.55 -4.45 -2.23
CA GLU A 36 -5.43 -5.49 -1.22
C GLU A 36 -3.98 -5.68 -0.79
N VAL A 37 -3.11 -5.95 -1.77
CA VAL A 37 -1.70 -6.15 -1.50
C VAL A 37 -1.08 -4.93 -0.83
N LEU A 38 -1.53 -3.75 -1.25
CA LEU A 38 -1.01 -2.50 -0.69
C LEU A 38 -1.44 -2.35 0.78
N THR A 39 -2.74 -2.49 1.02
CA THR A 39 -3.27 -2.36 2.37
C THR A 39 -2.65 -3.41 3.31
N HIS A 40 -2.75 -4.67 2.92
CA HIS A 40 -2.20 -5.76 3.71
C HIS A 40 -0.75 -5.49 4.09
N LEU A 41 0.08 -5.24 3.08
CA LEU A 41 1.49 -4.96 3.30
C LEU A 41 1.68 -3.66 4.07
N ALA A 42 0.68 -2.78 3.98
CA ALA A 42 0.73 -1.50 4.67
C ALA A 42 0.80 -1.69 6.18
N ARG A 43 0.03 -2.64 6.69
CA ARG A 43 0.01 -2.93 8.12
C ARG A 43 0.71 -4.24 8.43
N HIS A 44 1.19 -4.92 7.39
CA HIS A 44 1.89 -6.18 7.54
C HIS A 44 3.39 -6.00 7.35
N ARG A 45 3.76 -5.20 6.35
CA ARG A 45 5.17 -4.94 6.06
C ARG A 45 5.66 -3.71 6.81
N ASP A 46 4.93 -2.62 6.68
CA ASP A 46 5.30 -1.36 7.34
C ASP A 46 6.81 -1.22 7.40
N GLN A 47 7.47 -1.39 6.27
CA GLN A 47 8.92 -1.29 6.20
C GLN A 47 9.44 -1.72 4.83
N ILE A 48 10.74 -1.99 4.75
CA ILE A 48 11.35 -2.42 3.50
C ILE A 48 11.08 -3.90 3.24
N VAL A 49 10.56 -4.19 2.06
CA VAL A 49 10.25 -5.56 1.67
C VAL A 49 10.80 -5.89 0.29
N SER A 50 11.02 -7.17 0.03
CA SER A 50 11.55 -7.61 -1.25
C SER A 50 10.41 -7.92 -2.23
N LYS A 51 10.72 -7.84 -3.53
CA LYS A 51 9.74 -8.12 -4.56
C LYS A 51 9.16 -9.53 -4.41
N GLU A 52 10.05 -10.51 -4.29
CA GLU A 52 9.63 -11.90 -4.14
C GLU A 52 8.86 -12.10 -2.84
N GLN A 53 9.37 -11.52 -1.76
CA GLN A 53 8.72 -11.64 -0.45
C GLN A 53 7.28 -11.17 -0.52
N LEU A 54 7.07 -9.98 -1.08
CA LEU A 54 5.73 -9.42 -1.20
C LEU A 54 4.86 -10.27 -2.14
N LEU A 55 5.42 -10.63 -3.28
CA LEU A 55 4.70 -11.43 -4.26
C LEU A 55 4.11 -12.68 -3.60
N ASP A 56 4.95 -13.41 -2.87
CA ASP A 56 4.52 -14.62 -2.18
C ASP A 56 3.77 -14.29 -0.90
N ALA A 57 3.98 -13.07 -0.40
CA ALA A 57 3.33 -12.63 0.82
C ALA A 57 1.81 -12.58 0.64
N ILE A 58 1.37 -12.06 -0.50
CA ILE A 58 -0.05 -11.94 -0.80
C ILE A 58 -0.50 -13.06 -1.73
N TRP A 59 0.25 -13.26 -2.81
CA TRP A 59 -0.07 -14.30 -3.78
C TRP A 59 -1.57 -14.58 -3.80
N GLU A 60 -2.36 -13.54 -4.04
CA GLU A 60 -3.82 -13.69 -4.08
C GLU A 60 -4.28 -14.17 -5.44
N GLU A 61 -3.53 -13.79 -6.48
CA GLU A 61 -3.87 -14.19 -7.84
C GLU A 61 -3.30 -15.56 -8.16
N PRO A 62 -3.85 -16.21 -9.21
CA PRO A 62 -3.41 -17.53 -9.64
C PRO A 62 -2.01 -17.51 -10.27
N GLU A 63 -1.67 -18.58 -10.97
CA GLU A 63 -0.36 -18.68 -11.62
C GLU A 63 -0.14 -17.52 -12.58
N MET A 64 -1.23 -16.87 -12.97
CA MET A 64 -1.16 -15.74 -13.90
C MET A 64 -0.77 -14.47 -13.17
N VAL A 65 -0.53 -14.59 -11.87
CA VAL A 65 -0.15 -13.44 -11.05
C VAL A 65 1.18 -12.86 -11.52
N THR A 66 2.15 -13.73 -11.77
CA THR A 66 3.47 -13.30 -12.23
C THR A 66 4.14 -12.39 -11.20
N PRO A 67 5.48 -12.34 -11.23
CA PRO A 67 6.27 -11.52 -10.31
C PRO A 67 6.11 -10.03 -10.58
N ASN A 68 5.68 -9.70 -11.79
CA ASN A 68 5.49 -8.31 -12.18
C ASN A 68 4.27 -7.71 -11.47
N VAL A 69 3.48 -8.57 -10.85
CA VAL A 69 2.28 -8.12 -10.14
C VAL A 69 2.64 -7.08 -9.08
N ILE A 70 3.87 -7.13 -8.59
CA ILE A 70 4.33 -6.19 -7.58
C ILE A 70 4.44 -4.78 -8.14
N GLU A 71 5.23 -4.63 -9.21
CA GLU A 71 5.42 -3.34 -9.85
C GLU A 71 4.09 -2.77 -10.34
N VAL A 72 3.20 -3.66 -10.77
CA VAL A 72 1.89 -3.26 -11.27
C VAL A 72 1.01 -2.73 -10.14
N ALA A 73 1.14 -3.34 -8.97
CA ALA A 73 0.36 -2.93 -7.80
C ALA A 73 0.80 -1.55 -7.30
N ILE A 74 2.11 -1.36 -7.19
CA ILE A 74 2.66 -0.09 -6.73
C ILE A 74 2.35 1.04 -7.72
N ASN A 75 2.58 0.78 -9.00
CA ASN A 75 2.33 1.77 -10.03
C ASN A 75 0.84 2.09 -10.13
N GLN A 76 0.02 1.05 -10.25
CA GLN A 76 -1.42 1.23 -10.34
C GLN A 76 -1.96 1.98 -9.13
N ILE A 77 -1.59 1.52 -7.94
CA ILE A 77 -2.04 2.15 -6.70
C ILE A 77 -1.52 3.58 -6.60
N ARG A 78 -0.25 3.76 -6.95
CA ARG A 78 0.37 5.09 -6.89
C ARG A 78 -0.41 6.09 -7.74
N GLN A 79 -0.74 5.70 -8.96
CA GLN A 79 -1.50 6.57 -9.86
C GLN A 79 -2.96 6.65 -9.43
N LYS A 80 -3.39 5.71 -8.62
CA LYS A 80 -4.77 5.66 -8.15
C LYS A 80 -4.86 6.15 -6.70
N MET A 81 -3.73 6.59 -6.16
CA MET A 81 -3.68 7.08 -4.79
C MET A 81 -2.64 8.19 -4.64
N ASP A 82 -1.37 7.83 -4.80
CA ASP A 82 -0.28 8.79 -4.70
C ASP A 82 -0.50 9.96 -5.65
N LYS A 83 -1.20 9.70 -6.75
CA LYS A 83 -1.47 10.74 -7.73
C LYS A 83 -2.50 11.73 -7.22
N PRO A 84 -3.70 11.22 -6.89
CA PRO A 84 -4.79 12.05 -6.37
C PRO A 84 -4.52 12.57 -4.96
N LEU A 85 -3.61 11.89 -4.26
CA LEU A 85 -3.25 12.28 -2.90
C LEU A 85 -1.91 12.99 -2.87
N GLY A 86 -1.24 13.01 -4.02
CA GLY A 86 0.05 13.67 -4.11
C GLY A 86 0.98 13.28 -2.97
N ILE A 87 0.91 12.02 -2.55
CA ILE A 87 1.75 11.53 -1.46
C ILE A 87 2.47 10.25 -1.86
N SER A 88 3.29 9.74 -0.95
CA SER A 88 4.05 8.52 -1.21
C SER A 88 3.60 7.38 -0.29
N THR A 89 3.84 6.15 -0.71
CA THR A 89 3.45 4.99 0.09
C THR A 89 4.50 3.87 -0.03
N VAL A 90 4.96 3.64 -1.25
CA VAL A 90 5.96 2.60 -1.50
C VAL A 90 7.14 3.16 -2.30
N GLU A 91 8.34 2.89 -1.83
CA GLU A 91 9.56 3.36 -2.49
C GLU A 91 10.32 2.19 -3.11
N THR A 92 10.33 2.15 -4.44
CA THR A 92 11.03 1.09 -5.17
C THR A 92 12.53 1.28 -5.11
N VAL A 93 13.22 0.37 -4.44
CA VAL A 93 14.67 0.44 -4.31
C VAL A 93 15.34 -0.77 -4.97
N ARG A 94 16.46 -0.52 -5.66
CA ARG A 94 17.19 -1.59 -6.33
C ARG A 94 17.81 -2.54 -5.31
N ARG A 95 17.83 -2.13 -4.05
CA ARG A 95 18.40 -2.95 -2.98
C ARG A 95 17.54 -4.18 -2.73
N ARG A 96 16.40 -3.97 -2.07
CA ARG A 96 15.49 -5.07 -1.76
C ARG A 96 14.39 -5.18 -2.81
N GLY A 97 13.78 -4.05 -3.15
CA GLY A 97 12.72 -4.04 -4.14
C GLY A 97 11.70 -2.94 -3.90
N TYR A 98 10.90 -3.10 -2.86
CA TYR A 98 9.87 -2.11 -2.52
C TYR A 98 9.75 -1.95 -1.01
N ARG A 99 9.71 -0.70 -0.55
CA ARG A 99 9.60 -0.41 0.86
C ARG A 99 8.29 0.32 1.16
N PHE A 100 7.49 -0.25 2.05
CA PHE A 100 6.20 0.35 2.42
C PHE A 100 6.37 1.25 3.64
N CYS A 101 6.35 2.56 3.41
CA CYS A 101 6.49 3.54 4.48
C CYS A 101 5.63 4.76 4.22
N TYR A 102 4.55 4.90 5.00
CA TYR A 102 3.64 6.03 4.85
C TYR A 102 4.18 7.25 5.57
N PRO A 103 4.52 8.29 4.78
CA PRO A 103 5.06 9.54 5.32
C PRO A 103 4.01 10.35 6.08
N LYS A 104 4.27 11.64 6.28
CA LYS A 104 3.34 12.51 6.98
C LYS A 104 3.68 13.98 6.70
N PRO A 105 4.88 14.39 7.10
CA PRO A 105 5.34 15.77 6.91
C PRO A 105 5.61 16.10 5.45
N ALA A 106 5.82 15.06 4.65
CA ALA A 106 6.08 15.24 3.22
C ALA A 106 7.20 16.25 2.99
N CYS A 107 8.38 15.92 3.48
CA CYS A 107 9.54 16.81 3.32
C CYS A 107 10.64 16.13 2.51
N GLU A 108 10.90 16.64 1.31
CA GLU A 108 11.92 16.08 0.44
C GLU A 108 13.09 17.04 0.29
N GLU A 109 14.17 16.57 -0.31
CA GLU A 109 15.35 17.39 -0.52
C GLU A 109 15.60 17.61 -2.01
N GLY A 1 -15.98 1.00 23.65
CA GLY A 1 -15.17 0.85 22.45
C GLY A 1 -15.86 0.04 21.38
N SER A 2 -15.85 0.54 20.15
CA SER A 2 -16.48 -0.14 19.03
C SER A 2 -15.59 -0.10 17.79
N GLY A 3 -15.54 -1.22 17.07
CA GLY A 3 -14.72 -1.28 15.87
C GLY A 3 -14.68 -2.68 15.27
N SER A 4 -14.43 -2.75 13.97
CA SER A 4 -14.37 -4.04 13.28
C SER A 4 -13.04 -4.20 12.56
N ASN A 5 -12.83 -3.41 11.51
CA ASN A 5 -11.60 -3.47 10.73
C ASN A 5 -10.97 -2.09 10.61
N VAL A 6 -9.83 -1.91 11.28
CA VAL A 6 -9.12 -0.64 11.26
C VAL A 6 -7.62 -0.84 11.46
N ILE A 7 -6.84 -0.49 10.45
CA ILE A 7 -5.39 -0.63 10.52
C ILE A 7 -4.69 0.72 10.29
N GLU A 8 -3.66 0.99 11.08
CA GLU A 8 -2.91 2.23 10.96
C GLU A 8 -1.43 1.95 10.81
N ILE A 9 -0.78 2.71 9.92
CA ILE A 9 0.65 2.55 9.66
C ILE A 9 1.39 3.85 9.87
N GLY A 10 2.14 3.94 10.96
CA GLY A 10 2.90 5.14 11.26
C GLY A 10 2.01 6.32 11.62
N ASP A 11 1.50 7.00 10.61
CA ASP A 11 0.62 8.14 10.83
C ASP A 11 -0.57 8.11 9.88
N LEU A 12 -0.74 6.99 9.19
CA LEU A 12 -1.84 6.82 8.26
C LEU A 12 -2.83 5.78 8.76
N THR A 13 -4.13 6.08 8.63
CA THR A 13 -5.17 5.16 9.07
C THR A 13 -6.05 4.73 7.90
N ILE A 14 -6.03 3.45 7.59
CA ILE A 14 -6.83 2.91 6.50
C ILE A 14 -7.64 1.70 6.96
N SER A 15 -8.85 1.56 6.42
CA SER A 15 -9.72 0.45 6.77
C SER A 15 -9.97 -0.46 5.56
N PRO A 16 -9.65 -1.74 5.72
CA PRO A 16 -9.82 -2.73 4.65
C PRO A 16 -11.29 -3.03 4.38
N ASP A 17 -12.07 -3.19 5.44
CA ASP A 17 -13.49 -3.48 5.31
C ASP A 17 -14.19 -2.43 4.45
N GLU A 18 -13.91 -1.16 4.75
CA GLU A 18 -14.51 -0.06 4.01
C GLU A 18 -13.56 0.44 2.92
N GLU A 19 -12.46 -0.28 2.72
CA GLU A 19 -11.47 0.09 1.71
C GLU A 19 -11.33 1.60 1.62
N LYS A 20 -11.15 2.25 2.77
CA LYS A 20 -11.00 3.70 2.83
C LYS A 20 -9.65 4.08 3.41
N ILE A 21 -9.17 5.27 3.05
CA ILE A 21 -7.89 5.76 3.54
C ILE A 21 -8.02 7.13 4.19
N ILE A 22 -7.45 7.28 5.36
CA ILE A 22 -7.50 8.54 6.09
C ILE A 22 -6.10 9.06 6.41
N TYR A 23 -5.76 10.20 5.82
CA TYR A 23 -4.44 10.81 6.04
C TYR A 23 -4.56 12.31 6.19
N LYS A 24 -4.06 12.83 7.31
CA LYS A 24 -4.09 14.26 7.58
C LYS A 24 -5.53 14.78 7.52
N GLY A 25 -6.47 13.95 7.93
CA GLY A 25 -7.88 14.35 7.92
C GLY A 25 -8.50 14.19 6.55
N ARG A 26 -7.71 13.72 5.58
CA ARG A 26 -8.20 13.53 4.23
C ARG A 26 -8.69 12.10 4.02
N GLU A 27 -9.95 11.96 3.60
CA GLU A 27 -10.53 10.65 3.36
C GLU A 27 -10.55 10.32 1.87
N VAL A 28 -9.95 9.19 1.51
CA VAL A 28 -9.90 8.77 0.11
C VAL A 28 -10.18 7.27 -0.02
N GLU A 29 -11.23 6.92 -0.73
CA GLU A 29 -11.61 5.53 -0.92
C GLU A 29 -10.95 4.97 -2.18
N VAL A 30 -10.25 3.84 -2.03
CA VAL A 30 -9.58 3.21 -3.15
C VAL A 30 -10.14 1.81 -3.40
N LYS A 31 -10.68 1.61 -4.60
CA LYS A 31 -11.24 0.31 -4.97
C LYS A 31 -10.47 -0.31 -6.12
N GLY A 32 -9.15 -0.45 -5.94
CA GLY A 32 -8.33 -1.04 -6.98
C GLY A 32 -8.02 -2.50 -6.72
N LYS A 33 -7.45 -3.17 -7.71
CA LYS A 33 -7.11 -4.58 -7.59
C LYS A 33 -5.97 -4.78 -6.60
N PRO A 34 -4.87 -4.03 -6.80
CA PRO A 34 -3.70 -4.12 -5.93
C PRO A 34 -3.96 -3.54 -4.53
N PHE A 35 -5.04 -2.78 -4.41
CA PHE A 35 -5.41 -2.17 -3.13
C PHE A 35 -5.37 -3.20 -2.01
N GLU A 36 -5.58 -4.47 -2.37
CA GLU A 36 -5.56 -5.55 -1.39
C GLU A 36 -4.14 -5.86 -0.94
N VAL A 37 -3.24 -6.05 -1.90
CA VAL A 37 -1.85 -6.35 -1.61
C VAL A 37 -1.17 -5.18 -0.91
N LEU A 38 -1.50 -3.97 -1.34
CA LEU A 38 -0.92 -2.76 -0.76
C LEU A 38 -1.43 -2.54 0.67
N THR A 39 -2.74 -2.68 0.85
CA THR A 39 -3.36 -2.51 2.16
C THR A 39 -2.81 -3.51 3.16
N HIS A 40 -2.94 -4.80 2.84
CA HIS A 40 -2.45 -5.86 3.72
C HIS A 40 -0.99 -5.63 4.09
N LEU A 41 -0.18 -5.31 3.08
CA LEU A 41 1.24 -5.07 3.30
C LEU A 41 1.46 -3.76 4.05
N ALA A 42 0.50 -2.85 3.95
CA ALA A 42 0.59 -1.56 4.62
C ALA A 42 0.54 -1.73 6.14
N ARG A 43 -0.13 -2.79 6.59
CA ARG A 43 -0.24 -3.07 8.02
C ARG A 43 0.51 -4.34 8.38
N HIS A 44 0.95 -5.08 7.38
CA HIS A 44 1.70 -6.32 7.60
C HIS A 44 3.17 -6.12 7.30
N ARG A 45 3.47 -5.37 6.24
CA ARG A 45 4.85 -5.11 5.86
C ARG A 45 5.43 -3.93 6.63
N ASP A 46 4.72 -2.81 6.58
CA ASP A 46 5.16 -1.60 7.28
C ASP A 46 6.67 -1.59 7.45
N GLN A 47 7.39 -1.69 6.35
CA GLN A 47 8.85 -1.69 6.39
C GLN A 47 9.43 -2.13 5.04
N ILE A 48 10.72 -2.46 5.03
CA ILE A 48 11.38 -2.88 3.81
C ILE A 48 11.14 -4.37 3.54
N VAL A 49 10.59 -4.67 2.36
CA VAL A 49 10.31 -6.05 1.99
C VAL A 49 10.83 -6.35 0.59
N SER A 50 11.05 -7.63 0.31
CA SER A 50 11.55 -8.06 -1.00
C SER A 50 10.40 -8.38 -1.94
N LYS A 51 10.64 -8.21 -3.23
CA LYS A 51 9.62 -8.49 -4.24
C LYS A 51 9.03 -9.89 -4.05
N GLU A 52 9.91 -10.87 -3.93
CA GLU A 52 9.48 -12.25 -3.74
C GLU A 52 8.66 -12.40 -2.47
N GLN A 53 9.10 -11.75 -1.40
CA GLN A 53 8.41 -11.81 -0.12
C GLN A 53 6.95 -11.38 -0.27
N LEU A 54 6.75 -10.22 -0.90
CA LEU A 54 5.40 -9.69 -1.12
C LEU A 54 4.58 -10.63 -1.99
N LEU A 55 5.20 -11.14 -3.05
CA LEU A 55 4.53 -12.05 -3.98
C LEU A 55 3.91 -13.22 -3.22
N ASP A 56 4.72 -13.91 -2.42
CA ASP A 56 4.25 -15.04 -1.64
C ASP A 56 3.45 -14.58 -0.43
N ALA A 57 3.65 -13.32 -0.04
CA ALA A 57 2.94 -12.76 1.10
C ALA A 57 1.44 -12.67 0.84
N ILE A 58 1.08 -12.19 -0.35
CA ILE A 58 -0.32 -12.06 -0.73
C ILE A 58 -0.73 -13.15 -1.73
N TRP A 59 0.09 -13.31 -2.77
CA TRP A 59 -0.18 -14.31 -3.79
C TRP A 59 -1.68 -14.58 -3.91
N GLU A 60 -2.45 -13.53 -4.16
CA GLU A 60 -3.90 -13.64 -4.30
C GLU A 60 -4.27 -14.18 -5.68
N GLU A 61 -3.57 -13.68 -6.71
CA GLU A 61 -3.84 -14.11 -8.08
C GLU A 61 -3.26 -15.50 -8.33
N PRO A 62 -3.82 -16.19 -9.34
CA PRO A 62 -3.38 -17.54 -9.70
C PRO A 62 -2.00 -17.54 -10.34
N GLU A 63 -1.66 -18.65 -11.00
CA GLU A 63 -0.36 -18.78 -11.65
C GLU A 63 -0.13 -17.65 -12.64
N MET A 64 -1.22 -17.01 -13.07
CA MET A 64 -1.14 -15.91 -14.01
C MET A 64 -0.76 -14.61 -13.31
N VAL A 65 -0.50 -14.69 -12.02
CA VAL A 65 -0.12 -13.53 -11.23
C VAL A 65 1.16 -12.89 -11.76
N THR A 66 2.13 -13.73 -12.10
CA THR A 66 3.40 -13.25 -12.62
C THR A 66 4.14 -12.40 -11.59
N PRO A 67 5.47 -12.33 -11.72
CA PRO A 67 6.32 -11.56 -10.81
C PRO A 67 6.12 -10.05 -10.98
N ASN A 68 5.47 -9.66 -12.06
CA ASN A 68 5.21 -8.25 -12.34
C ASN A 68 4.04 -7.73 -11.51
N VAL A 69 3.33 -8.65 -10.86
CA VAL A 69 2.20 -8.28 -10.04
C VAL A 69 2.60 -7.28 -8.97
N ILE A 70 3.82 -7.38 -8.49
CA ILE A 70 4.33 -6.48 -7.47
C ILE A 70 4.53 -5.07 -8.02
N GLU A 71 5.31 -4.98 -9.10
CA GLU A 71 5.58 -3.70 -9.72
C GLU A 71 4.29 -3.05 -10.22
N VAL A 72 3.38 -3.87 -10.73
CA VAL A 72 2.10 -3.39 -11.24
C VAL A 72 1.23 -2.86 -10.11
N ALA A 73 1.31 -3.50 -8.95
CA ALA A 73 0.53 -3.09 -7.80
C ALA A 73 1.03 -1.77 -7.23
N ILE A 74 2.35 -1.61 -7.19
CA ILE A 74 2.96 -0.39 -6.67
C ILE A 74 2.68 0.79 -7.60
N ASN A 75 2.92 0.59 -8.89
CA ASN A 75 2.69 1.64 -9.87
C ASN A 75 1.22 2.02 -9.94
N GLN A 76 0.36 1.02 -10.10
CA GLN A 76 -1.08 1.26 -10.16
C GLN A 76 -1.57 2.01 -8.93
N ILE A 77 -1.23 1.48 -7.75
CA ILE A 77 -1.64 2.10 -6.50
C ILE A 77 -1.04 3.49 -6.36
N ARG A 78 0.25 3.61 -6.63
CA ARG A 78 0.95 4.90 -6.54
C ARG A 78 0.20 5.97 -7.31
N GLN A 79 -0.24 5.63 -8.52
CA GLN A 79 -0.97 6.57 -9.37
C GLN A 79 -2.41 6.74 -8.89
N LYS A 80 -2.89 5.77 -8.12
CA LYS A 80 -4.25 5.81 -7.59
C LYS A 80 -4.26 6.29 -6.15
N MET A 81 -3.09 6.66 -5.64
CA MET A 81 -2.96 7.14 -4.27
C MET A 81 -1.88 8.21 -4.18
N ASP A 82 -0.63 7.80 -4.36
CA ASP A 82 0.49 8.72 -4.29
C ASP A 82 0.29 9.91 -5.23
N LYS A 83 -0.46 9.68 -6.32
CA LYS A 83 -0.73 10.73 -7.29
C LYS A 83 -1.72 11.75 -6.72
N PRO A 84 -2.92 11.28 -6.37
CA PRO A 84 -3.97 12.15 -5.81
C PRO A 84 -3.63 12.62 -4.41
N LEU A 85 -2.73 11.92 -3.74
CA LEU A 85 -2.32 12.27 -2.39
C LEU A 85 -0.95 12.94 -2.39
N GLY A 86 -0.31 12.99 -3.56
CA GLY A 86 0.99 13.60 -3.67
C GLY A 86 1.94 13.17 -2.57
N ILE A 87 1.80 11.92 -2.13
CA ILE A 87 2.64 11.39 -1.07
C ILE A 87 3.33 10.10 -1.52
N SER A 88 4.15 9.53 -0.63
CA SER A 88 4.87 8.31 -0.93
C SER A 88 4.44 7.19 0.00
N THR A 89 4.16 6.02 -0.56
CA THR A 89 3.73 4.86 0.21
C THR A 89 4.80 3.78 0.20
N VAL A 90 5.13 3.30 -1.00
CA VAL A 90 6.14 2.25 -1.14
C VAL A 90 7.33 2.74 -1.97
N GLU A 91 8.53 2.54 -1.45
CA GLU A 91 9.74 2.96 -2.14
C GLU A 91 10.47 1.77 -2.74
N THR A 92 10.73 1.84 -4.05
CA THR A 92 11.42 0.77 -4.75
C THR A 92 12.93 0.87 -4.57
N VAL A 93 13.51 -0.12 -3.91
CA VAL A 93 14.95 -0.15 -3.66
C VAL A 93 15.61 -1.34 -4.36
N ARG A 94 16.78 -1.11 -4.93
CA ARG A 94 17.50 -2.17 -5.63
C ARG A 94 18.03 -3.20 -4.63
N ARG A 95 18.21 -2.78 -3.39
CA ARG A 95 18.71 -3.67 -2.35
C ARG A 95 17.79 -4.87 -2.16
N ARG A 96 16.57 -4.60 -1.70
CA ARG A 96 15.59 -5.65 -1.49
C ARG A 96 14.53 -5.65 -2.58
N GLY A 97 13.74 -4.58 -2.64
CA GLY A 97 12.70 -4.48 -3.64
C GLY A 97 11.77 -3.30 -3.40
N TYR A 98 10.90 -3.43 -2.40
CA TYR A 98 9.96 -2.38 -2.06
C TYR A 98 9.81 -2.24 -0.55
N ARG A 99 9.63 -1.01 -0.10
CA ARG A 99 9.47 -0.73 1.32
C ARG A 99 8.24 0.14 1.58
N PHE A 100 7.33 -0.36 2.40
CA PHE A 100 6.11 0.37 2.72
C PHE A 100 6.31 1.24 3.96
N CYS A 101 6.41 2.55 3.74
CA CYS A 101 6.60 3.49 4.84
C CYS A 101 5.86 4.80 4.57
N TYR A 102 4.75 5.00 5.26
CA TYR A 102 3.95 6.21 5.10
C TYR A 102 4.51 7.35 5.92
N PRO A 103 5.04 8.38 5.23
CA PRO A 103 5.63 9.56 5.88
C PRO A 103 4.57 10.42 6.55
N LYS A 104 4.92 11.68 6.81
CA LYS A 104 4.01 12.62 7.46
C LYS A 104 4.16 14.02 6.87
N PRO A 105 5.36 14.60 7.03
CA PRO A 105 5.65 15.95 6.52
C PRO A 105 5.74 15.97 5.00
N ALA A 106 5.62 14.81 4.37
CA ALA A 106 5.68 14.71 2.92
C ALA A 106 4.79 15.75 2.26
N CYS A 107 5.32 16.43 1.25
CA CYS A 107 4.57 17.46 0.54
C CYS A 107 5.04 17.56 -0.91
N GLU A 108 4.31 18.34 -1.70
CA GLU A 108 4.64 18.51 -3.11
C GLU A 108 5.85 19.45 -3.27
N GLU A 109 6.82 19.02 -4.06
CA GLU A 109 8.02 19.82 -4.30
C GLU A 109 7.85 20.72 -5.52
N GLY A 1 -20.95 2.75 18.54
CA GLY A 1 -20.75 1.32 18.43
C GLY A 1 -20.71 0.84 17.00
N SER A 2 -19.54 0.40 16.55
CA SER A 2 -19.36 -0.07 15.19
C SER A 2 -18.58 -1.38 15.16
N GLY A 3 -18.75 -2.15 14.09
CA GLY A 3 -18.05 -3.42 13.96
C GLY A 3 -17.36 -3.56 12.62
N SER A 4 -16.32 -2.77 12.40
CA SER A 4 -15.57 -2.82 11.15
C SER A 4 -14.07 -2.97 11.42
N ASN A 5 -13.33 -3.27 10.37
CA ASN A 5 -11.88 -3.45 10.49
C ASN A 5 -11.16 -2.11 10.35
N VAL A 6 -10.14 -1.90 11.20
CA VAL A 6 -9.37 -0.68 11.18
C VAL A 6 -7.90 -0.93 11.49
N ILE A 7 -7.03 -0.49 10.60
CA ILE A 7 -5.59 -0.68 10.78
C ILE A 7 -4.85 0.65 10.67
N GLU A 8 -3.87 0.85 11.54
CA GLU A 8 -3.08 2.07 11.54
C GLU A 8 -1.61 1.78 11.23
N ILE A 9 -1.04 2.56 10.31
CA ILE A 9 0.35 2.38 9.93
C ILE A 9 1.14 3.67 10.11
N GLY A 10 1.99 3.70 11.13
CA GLY A 10 2.78 4.88 11.40
C GLY A 10 1.94 6.10 11.70
N ASP A 11 1.60 6.86 10.67
CA ASP A 11 0.79 8.06 10.83
C ASP A 11 -0.37 8.07 9.84
N LEU A 12 -0.75 6.89 9.36
CA LEU A 12 -1.84 6.76 8.40
C LEU A 12 -2.86 5.73 8.89
N THR A 13 -4.14 6.06 8.74
CA THR A 13 -5.21 5.17 9.16
C THR A 13 -6.06 4.72 7.97
N ILE A 14 -6.06 3.42 7.70
CA ILE A 14 -6.84 2.88 6.59
C ILE A 14 -7.70 1.72 7.05
N SER A 15 -8.88 1.59 6.45
CA SER A 15 -9.81 0.52 6.80
C SER A 15 -10.06 -0.39 5.60
N PRO A 16 -9.70 -1.67 5.74
CA PRO A 16 -9.88 -2.67 4.68
C PRO A 16 -11.34 -3.00 4.44
N ASP A 17 -12.14 -2.98 5.51
CA ASP A 17 -13.55 -3.28 5.42
C ASP A 17 -14.25 -2.33 4.44
N GLU A 18 -14.08 -1.03 4.66
CA GLU A 18 -14.69 -0.02 3.81
C GLU A 18 -13.73 0.42 2.72
N GLU A 19 -12.53 -0.17 2.71
CA GLU A 19 -11.52 0.16 1.71
C GLU A 19 -11.33 1.67 1.62
N LYS A 20 -11.09 2.30 2.77
CA LYS A 20 -10.89 3.75 2.82
C LYS A 20 -9.52 4.08 3.42
N ILE A 21 -8.99 5.25 3.05
CA ILE A 21 -7.70 5.68 3.55
C ILE A 21 -7.79 7.09 4.16
N ILE A 22 -7.19 7.26 5.33
CA ILE A 22 -7.20 8.55 6.01
C ILE A 22 -5.78 9.05 6.25
N TYR A 23 -5.43 10.17 5.62
CA TYR A 23 -4.10 10.76 5.76
C TYR A 23 -4.19 12.28 5.87
N LYS A 24 -3.63 12.81 6.95
CA LYS A 24 -3.63 14.25 7.18
C LYS A 24 -5.06 14.80 7.16
N GLY A 25 -6.01 13.99 7.63
CA GLY A 25 -7.39 14.42 7.66
C GLY A 25 -8.09 14.23 6.33
N ARG A 26 -7.34 13.73 5.34
CA ARG A 26 -7.89 13.51 4.01
C ARG A 26 -8.39 12.08 3.86
N GLU A 27 -9.66 11.94 3.48
CA GLU A 27 -10.25 10.62 3.30
C GLU A 27 -10.32 10.25 1.82
N VAL A 28 -9.81 9.08 1.49
CA VAL A 28 -9.81 8.60 0.11
C VAL A 28 -10.19 7.13 0.03
N GLU A 29 -11.30 6.86 -0.64
CA GLU A 29 -11.78 5.48 -0.78
C GLU A 29 -11.17 4.82 -2.02
N VAL A 30 -10.35 3.81 -1.79
CA VAL A 30 -9.70 3.09 -2.88
C VAL A 30 -10.08 1.61 -2.88
N LYS A 31 -10.72 1.17 -3.95
CA LYS A 31 -11.15 -0.22 -4.08
C LYS A 31 -10.54 -0.85 -5.32
N GLY A 32 -9.22 -0.82 -5.43
CA GLY A 32 -8.55 -1.40 -6.57
C GLY A 32 -8.11 -2.84 -6.32
N LYS A 33 -7.48 -3.44 -7.32
CA LYS A 33 -7.00 -4.81 -7.20
C LYS A 33 -5.81 -4.90 -6.25
N PRO A 34 -4.79 -4.05 -6.50
CA PRO A 34 -3.58 -4.00 -5.68
C PRO A 34 -3.83 -3.44 -4.29
N PHE A 35 -4.96 -2.74 -4.14
CA PHE A 35 -5.33 -2.14 -2.87
C PHE A 35 -5.18 -3.15 -1.73
N GLU A 36 -5.32 -4.43 -2.05
CA GLU A 36 -5.19 -5.49 -1.06
C GLU A 36 -3.73 -5.69 -0.66
N VAL A 37 -2.88 -5.93 -1.65
CA VAL A 37 -1.46 -6.14 -1.40
C VAL A 37 -0.84 -4.91 -0.73
N LEU A 38 -1.24 -3.73 -1.17
CA LEU A 38 -0.73 -2.49 -0.61
C LEU A 38 -1.19 -2.30 0.83
N THR A 39 -2.51 -2.39 1.03
CA THR A 39 -3.08 -2.23 2.37
C THR A 39 -2.53 -3.26 3.33
N HIS A 40 -2.64 -4.53 2.97
CA HIS A 40 -2.15 -5.62 3.80
C HIS A 40 -0.70 -5.40 4.19
N LEU A 41 0.10 -4.98 3.21
CA LEU A 41 1.53 -4.74 3.45
C LEU A 41 1.73 -3.46 4.26
N ALA A 42 0.77 -2.55 4.17
CA ALA A 42 0.84 -1.30 4.91
C ALA A 42 0.71 -1.53 6.41
N ARG A 43 0.06 -2.63 6.78
CA ARG A 43 -0.13 -2.97 8.19
C ARG A 43 0.62 -4.24 8.55
N HIS A 44 1.04 -4.99 7.52
CA HIS A 44 1.77 -6.23 7.73
C HIS A 44 3.26 -6.05 7.41
N ARG A 45 3.54 -5.37 6.30
CA ARG A 45 4.91 -5.13 5.89
C ARG A 45 5.52 -3.96 6.66
N ASP A 46 4.80 -2.83 6.68
CA ASP A 46 5.28 -1.65 7.38
C ASP A 46 6.80 -1.66 7.51
N GLN A 47 7.49 -1.71 6.38
CA GLN A 47 8.94 -1.72 6.37
C GLN A 47 9.48 -2.10 4.99
N ILE A 48 10.76 -2.42 4.93
CA ILE A 48 11.39 -2.79 3.66
C ILE A 48 11.13 -4.26 3.34
N VAL A 49 10.58 -4.52 2.16
CA VAL A 49 10.29 -5.88 1.73
C VAL A 49 10.84 -6.15 0.34
N SER A 50 11.12 -7.42 0.05
CA SER A 50 11.66 -7.81 -1.24
C SER A 50 10.54 -8.20 -2.21
N LYS A 51 10.84 -8.16 -3.50
CA LYS A 51 9.86 -8.51 -4.52
C LYS A 51 9.34 -9.92 -4.32
N GLU A 52 10.26 -10.87 -4.16
CA GLU A 52 9.90 -12.27 -3.96
C GLU A 52 9.08 -12.44 -2.68
N GLN A 53 9.59 -11.90 -1.58
CA GLN A 53 8.90 -11.99 -0.30
C GLN A 53 7.48 -11.45 -0.41
N LEU A 54 7.33 -10.34 -1.12
CA LEU A 54 6.02 -9.73 -1.29
C LEU A 54 5.09 -10.63 -2.09
N LEU A 55 5.61 -11.17 -3.19
CA LEU A 55 4.83 -12.06 -4.05
C LEU A 55 4.23 -13.21 -3.24
N ASP A 56 5.07 -13.87 -2.46
CA ASP A 56 4.63 -14.99 -1.63
C ASP A 56 3.89 -14.49 -0.39
N ALA A 57 4.12 -13.24 -0.03
CA ALA A 57 3.49 -12.64 1.13
C ALA A 57 1.97 -12.53 0.94
N ILE A 58 1.57 -12.04 -0.24
CA ILE A 58 0.16 -11.89 -0.55
C ILE A 58 -0.30 -12.95 -1.54
N TRP A 59 0.47 -13.13 -2.61
CA TRP A 59 0.14 -14.11 -3.63
C TRP A 59 -1.36 -14.30 -3.74
N GLU A 60 -2.09 -13.20 -3.93
CA GLU A 60 -3.54 -13.25 -4.05
C GLU A 60 -3.96 -13.81 -5.40
N GLU A 61 -3.25 -13.39 -6.45
CA GLU A 61 -3.54 -13.86 -7.80
C GLU A 61 -2.98 -15.25 -8.04
N PRO A 62 -3.56 -15.97 -9.01
CA PRO A 62 -3.12 -17.33 -9.36
C PRO A 62 -1.75 -17.34 -10.04
N GLU A 63 -1.43 -18.45 -10.70
CA GLU A 63 -0.16 -18.59 -11.39
C GLU A 63 0.03 -17.46 -12.41
N MET A 64 -1.06 -16.84 -12.81
CA MET A 64 -1.02 -15.76 -13.78
C MET A 64 -0.66 -14.43 -13.10
N VAL A 65 -0.37 -14.51 -11.81
CA VAL A 65 0.00 -13.31 -11.04
C VAL A 65 1.23 -12.64 -11.63
N THR A 66 2.23 -13.45 -11.97
CA THR A 66 3.48 -12.95 -12.53
C THR A 66 4.21 -12.05 -11.53
N PRO A 67 5.53 -11.93 -11.71
CA PRO A 67 6.38 -11.12 -10.83
C PRO A 67 6.11 -9.62 -11.00
N ASN A 68 5.47 -9.26 -12.10
CA ASN A 68 5.16 -7.86 -12.38
C ASN A 68 4.02 -7.37 -11.51
N VAL A 69 3.33 -8.32 -10.86
CA VAL A 69 2.21 -7.98 -9.99
C VAL A 69 2.64 -6.98 -8.91
N ILE A 70 3.87 -7.11 -8.45
CA ILE A 70 4.40 -6.22 -7.42
C ILE A 70 4.56 -4.79 -7.96
N GLU A 71 5.31 -4.66 -9.04
CA GLU A 71 5.54 -3.35 -9.65
C GLU A 71 4.22 -2.73 -10.11
N VAL A 72 3.37 -3.55 -10.72
CA VAL A 72 2.08 -3.07 -11.20
C VAL A 72 1.19 -2.62 -10.05
N ALA A 73 1.35 -3.26 -8.90
CA ALA A 73 0.57 -2.92 -7.71
C ALA A 73 0.99 -1.58 -7.14
N ILE A 74 2.30 -1.38 -7.02
CA ILE A 74 2.83 -0.13 -6.48
C ILE A 74 2.55 1.04 -7.42
N ASN A 75 2.80 0.82 -8.71
CA ASN A 75 2.59 1.86 -9.71
C ASN A 75 1.10 2.22 -9.80
N GLN A 76 0.26 1.20 -9.96
CA GLN A 76 -1.18 1.41 -10.06
C GLN A 76 -1.70 2.16 -8.84
N ILE A 77 -1.37 1.65 -7.65
CA ILE A 77 -1.81 2.28 -6.41
C ILE A 77 -1.24 3.67 -6.26
N ARG A 78 0.06 3.82 -6.52
CA ARG A 78 0.73 5.10 -6.41
C ARG A 78 0.01 6.16 -7.26
N GLN A 79 -0.42 5.76 -8.45
CA GLN A 79 -1.12 6.66 -9.36
C GLN A 79 -2.56 6.87 -8.90
N LYS A 80 -3.07 5.95 -8.08
CA LYS A 80 -4.43 6.04 -7.58
C LYS A 80 -4.45 6.53 -6.13
N MET A 81 -3.27 6.86 -5.61
CA MET A 81 -3.15 7.34 -4.24
C MET A 81 -2.06 8.41 -4.13
N ASP A 82 -0.82 8.00 -4.37
CA ASP A 82 0.31 8.91 -4.30
C ASP A 82 0.12 10.10 -5.22
N LYS A 83 -0.61 9.88 -6.32
CA LYS A 83 -0.88 10.93 -7.28
C LYS A 83 -1.89 11.93 -6.74
N PRO A 84 -3.09 11.44 -6.41
CA PRO A 84 -4.17 12.27 -5.86
C PRO A 84 -3.86 12.76 -4.45
N LEU A 85 -2.95 12.07 -3.77
CA LEU A 85 -2.57 12.43 -2.41
C LEU A 85 -1.22 13.12 -2.39
N GLY A 86 -0.53 13.12 -3.53
CA GLY A 86 0.77 13.75 -3.62
C GLY A 86 1.70 13.35 -2.49
N ILE A 87 1.78 12.04 -2.22
CA ILE A 87 2.62 11.53 -1.16
C ILE A 87 3.32 10.24 -1.59
N SER A 88 4.15 9.70 -0.69
CA SER A 88 4.87 8.47 -0.97
C SER A 88 4.55 7.39 0.06
N THR A 89 4.26 6.19 -0.43
CA THR A 89 3.93 5.07 0.45
C THR A 89 4.92 3.92 0.28
N VAL A 90 5.23 3.60 -0.98
CA VAL A 90 6.16 2.52 -1.27
C VAL A 90 7.37 3.04 -2.04
N GLU A 91 8.57 2.72 -1.54
CA GLU A 91 9.80 3.15 -2.18
C GLU A 91 10.52 1.98 -2.83
N THR A 92 10.56 1.98 -4.16
CA THR A 92 11.21 0.91 -4.91
C THR A 92 12.72 1.06 -4.87
N VAL A 93 13.41 0.11 -4.25
CA VAL A 93 14.86 0.15 -4.15
C VAL A 93 15.48 -1.05 -4.86
N ARG A 94 16.59 -0.81 -5.55
CA ARG A 94 17.29 -1.85 -6.27
C ARG A 94 17.88 -2.88 -5.31
N ARG A 95 18.10 -2.45 -4.06
CA ARG A 95 18.66 -3.34 -3.05
C ARG A 95 17.71 -4.48 -2.74
N ARG A 96 16.59 -4.17 -2.11
CA ARG A 96 15.60 -5.16 -1.75
C ARG A 96 14.52 -5.28 -2.83
N GLY A 97 13.73 -4.23 -2.98
CA GLY A 97 12.68 -4.23 -3.97
C GLY A 97 11.64 -3.15 -3.73
N TYR A 98 10.87 -3.29 -2.66
CA TYR A 98 9.84 -2.32 -2.31
C TYR A 98 9.72 -2.17 -0.81
N ARG A 99 9.68 -0.92 -0.35
CA ARG A 99 9.57 -0.64 1.07
C ARG A 99 8.36 0.25 1.35
N PHE A 100 7.48 -0.23 2.24
CA PHE A 100 6.28 0.51 2.59
C PHE A 100 6.46 1.25 3.91
N CYS A 101 6.63 2.57 3.83
CA CYS A 101 6.81 3.39 5.02
C CYS A 101 6.17 4.76 4.84
N TYR A 102 5.09 5.00 5.58
CA TYR A 102 4.38 6.26 5.50
C TYR A 102 5.07 7.33 6.35
N PRO A 103 5.62 8.35 5.67
CA PRO A 103 6.31 9.45 6.34
C PRO A 103 5.37 10.36 7.12
N LYS A 104 4.90 11.42 6.48
CA LYS A 104 3.99 12.36 7.11
C LYS A 104 3.93 13.68 6.36
N PRO A 105 5.10 14.33 6.24
CA PRO A 105 5.22 15.62 5.54
C PRO A 105 5.04 15.46 4.02
N ALA A 106 4.94 14.22 3.57
CA ALA A 106 4.77 13.94 2.15
C ALA A 106 3.68 14.82 1.55
N CYS A 107 4.04 15.55 0.49
CA CYS A 107 3.10 16.44 -0.18
C CYS A 107 3.53 16.70 -1.62
N GLU A 108 4.81 16.94 -1.81
CA GLU A 108 5.36 17.21 -3.15
C GLU A 108 6.78 16.68 -3.27
N GLU A 109 6.95 15.64 -4.08
CA GLU A 109 8.26 15.04 -4.29
C GLU A 109 9.08 15.84 -5.29
N GLY A 1 -18.38 1.95 20.35
CA GLY A 1 -18.66 0.61 19.86
C GLY A 1 -18.61 0.54 18.34
N SER A 2 -17.73 -0.32 17.83
CA SER A 2 -17.57 -0.48 16.39
C SER A 2 -17.37 -1.95 16.02
N GLY A 3 -17.68 -2.29 14.78
CA GLY A 3 -17.53 -3.67 14.33
C GLY A 3 -16.85 -3.75 12.97
N SER A 4 -15.95 -2.81 12.69
CA SER A 4 -15.24 -2.79 11.43
C SER A 4 -13.73 -2.87 11.64
N ASN A 5 -13.00 -3.15 10.57
CA ASN A 5 -11.55 -3.26 10.65
C ASN A 5 -10.88 -1.89 10.46
N VAL A 6 -9.81 -1.65 11.20
CA VAL A 6 -9.08 -0.39 11.11
C VAL A 6 -7.61 -0.58 11.42
N ILE A 7 -6.76 -0.30 10.44
CA ILE A 7 -5.32 -0.45 10.60
C ILE A 7 -4.62 0.90 10.46
N GLU A 8 -3.64 1.15 11.34
CA GLU A 8 -2.88 2.40 11.31
C GLU A 8 -1.41 2.13 11.06
N ILE A 9 -0.83 2.88 10.12
CA ILE A 9 0.58 2.74 9.79
C ILE A 9 1.31 4.06 9.92
N GLY A 10 2.14 4.19 10.95
CA GLY A 10 2.90 5.41 11.16
C GLY A 10 2.01 6.59 11.49
N ASP A 11 1.56 7.29 10.46
CA ASP A 11 0.69 8.45 10.64
C ASP A 11 -0.50 8.41 9.69
N LEU A 12 -0.74 7.23 9.12
CA LEU A 12 -1.85 7.05 8.19
C LEU A 12 -2.80 5.96 8.67
N THR A 13 -4.10 6.23 8.56
CA THR A 13 -5.11 5.27 9.00
C THR A 13 -5.98 4.82 7.83
N ILE A 14 -5.93 3.53 7.53
CA ILE A 14 -6.72 2.97 6.43
C ILE A 14 -7.54 1.78 6.89
N SER A 15 -8.73 1.65 6.32
CA SER A 15 -9.63 0.55 6.68
C SER A 15 -9.78 -0.43 5.52
N PRO A 16 -9.44 -1.71 5.77
CA PRO A 16 -9.53 -2.77 4.76
C PRO A 16 -10.97 -3.12 4.40
N ASP A 17 -11.81 -3.23 5.42
CA ASP A 17 -13.22 -3.55 5.22
C ASP A 17 -13.92 -2.47 4.41
N GLU A 18 -13.74 -1.22 4.82
CA GLU A 18 -14.35 -0.09 4.13
C GLU A 18 -13.45 0.42 3.00
N GLU A 19 -12.34 -0.29 2.78
CA GLU A 19 -11.40 0.09 1.73
C GLU A 19 -11.28 1.60 1.63
N LYS A 20 -11.01 2.25 2.77
CA LYS A 20 -10.86 3.69 2.81
C LYS A 20 -9.50 4.09 3.37
N ILE A 21 -9.02 5.27 2.99
CA ILE A 21 -7.73 5.76 3.46
C ILE A 21 -7.87 7.16 4.07
N ILE A 22 -7.28 7.33 5.25
CA ILE A 22 -7.33 8.61 5.94
C ILE A 22 -5.92 9.17 6.17
N TYR A 23 -5.65 10.33 5.58
CA TYR A 23 -4.35 10.96 5.71
C TYR A 23 -4.50 12.46 5.96
N LYS A 24 -4.00 12.92 7.10
CA LYS A 24 -4.06 14.33 7.46
C LYS A 24 -5.52 14.82 7.45
N GLY A 25 -6.44 13.94 7.83
CA GLY A 25 -7.84 14.30 7.85
C GLY A 25 -8.50 14.15 6.51
N ARG A 26 -7.73 13.74 5.51
CA ARG A 26 -8.25 13.55 4.16
C ARG A 26 -8.68 12.11 3.93
N GLU A 27 -9.93 11.91 3.57
CA GLU A 27 -10.46 10.58 3.32
C GLU A 27 -10.50 10.27 1.83
N VAL A 28 -9.95 9.12 1.45
CA VAL A 28 -9.91 8.71 0.05
C VAL A 28 -10.26 7.23 -0.10
N GLU A 29 -11.36 6.95 -0.79
CA GLU A 29 -11.80 5.57 -1.01
C GLU A 29 -11.20 5.01 -2.29
N VAL A 30 -10.42 3.94 -2.14
CA VAL A 30 -9.77 3.30 -3.28
C VAL A 30 -10.27 1.86 -3.44
N LYS A 31 -10.88 1.59 -4.60
CA LYS A 31 -11.39 0.25 -4.89
C LYS A 31 -10.58 -0.42 -5.99
N GLY A 32 -9.26 -0.50 -5.78
CA GLY A 32 -8.39 -1.12 -6.77
C GLY A 32 -8.11 -2.57 -6.45
N LYS A 33 -7.51 -3.27 -7.41
CA LYS A 33 -7.18 -4.69 -7.23
C LYS A 33 -6.01 -4.86 -6.27
N PRO A 34 -4.94 -4.10 -6.51
CA PRO A 34 -3.72 -4.14 -5.69
C PRO A 34 -3.95 -3.55 -4.30
N PHE A 35 -5.04 -2.81 -4.14
CA PHE A 35 -5.38 -2.19 -2.87
C PHE A 35 -5.26 -3.20 -1.73
N GLU A 36 -5.44 -4.47 -2.05
CA GLU A 36 -5.35 -5.53 -1.05
C GLU A 36 -3.90 -5.82 -0.68
N VAL A 37 -3.08 -6.07 -1.69
CA VAL A 37 -1.67 -6.36 -1.47
C VAL A 37 -0.97 -5.20 -0.78
N LEU A 38 -1.31 -3.98 -1.19
CA LEU A 38 -0.71 -2.78 -0.60
C LEU A 38 -1.20 -2.58 0.83
N THR A 39 -2.52 -2.57 1.01
CA THR A 39 -3.11 -2.39 2.32
C THR A 39 -2.54 -3.39 3.33
N HIS A 40 -2.63 -4.67 3.01
CA HIS A 40 -2.13 -5.72 3.89
C HIS A 40 -0.66 -5.48 4.22
N LEU A 41 0.17 -5.34 3.19
CA LEU A 41 1.59 -5.10 3.37
C LEU A 41 1.84 -3.81 4.15
N ALA A 42 0.86 -2.91 4.12
CA ALA A 42 0.96 -1.64 4.82
C ALA A 42 1.02 -1.85 6.33
N ARG A 43 0.13 -2.71 6.84
CA ARG A 43 0.08 -3.00 8.27
C ARG A 43 0.72 -4.35 8.57
N HIS A 44 1.17 -5.03 7.52
CA HIS A 44 1.81 -6.34 7.68
C HIS A 44 3.31 -6.24 7.47
N ARG A 45 3.71 -5.47 6.46
CA ARG A 45 5.12 -5.30 6.14
C ARG A 45 5.68 -4.06 6.83
N ASP A 46 4.99 -2.94 6.69
CA ASP A 46 5.42 -1.69 7.30
C ASP A 46 6.94 -1.62 7.40
N GLN A 47 7.60 -1.76 6.26
CA GLN A 47 9.06 -1.73 6.20
C GLN A 47 9.57 -2.15 4.83
N ILE A 48 10.87 -2.42 4.75
CA ILE A 48 11.48 -2.83 3.49
C ILE A 48 11.15 -4.29 3.17
N VAL A 49 10.59 -4.50 1.98
CA VAL A 49 10.22 -5.85 1.55
C VAL A 49 10.76 -6.14 0.15
N SER A 50 10.94 -7.43 -0.15
CA SER A 50 11.45 -7.84 -1.45
C SER A 50 10.31 -8.18 -2.40
N LYS A 51 10.52 -7.92 -3.68
CA LYS A 51 9.51 -8.20 -4.69
C LYS A 51 8.99 -9.63 -4.56
N GLU A 52 9.90 -10.59 -4.50
CA GLU A 52 9.54 -11.99 -4.37
C GLU A 52 8.81 -12.25 -3.05
N GLN A 53 9.36 -11.70 -1.96
CA GLN A 53 8.76 -11.86 -0.65
C GLN A 53 7.31 -11.40 -0.64
N LEU A 54 7.07 -10.21 -1.18
CA LEU A 54 5.71 -9.66 -1.24
C LEU A 54 4.80 -10.55 -2.08
N LEU A 55 5.30 -10.96 -3.23
CA LEU A 55 4.52 -11.82 -4.14
C LEU A 55 4.00 -13.05 -3.41
N ASP A 56 4.90 -13.74 -2.70
CA ASP A 56 4.54 -14.94 -1.96
C ASP A 56 3.82 -14.56 -0.66
N ALA A 57 3.99 -13.33 -0.22
CA ALA A 57 3.36 -12.85 1.00
C ALA A 57 1.84 -12.74 0.83
N ILE A 58 1.42 -12.19 -0.31
CA ILE A 58 0.00 -12.02 -0.61
C ILE A 58 -0.48 -13.08 -1.58
N TRP A 59 0.26 -13.26 -2.68
CA TRP A 59 -0.11 -14.24 -3.69
C TRP A 59 -1.61 -14.42 -3.76
N GLU A 60 -2.34 -13.31 -3.89
CA GLU A 60 -3.79 -13.35 -3.97
C GLU A 60 -4.25 -13.88 -5.32
N GLU A 61 -3.58 -13.44 -6.39
CA GLU A 61 -3.92 -13.88 -7.73
C GLU A 61 -3.40 -15.28 -8.00
N PRO A 62 -4.00 -15.97 -8.98
CA PRO A 62 -3.62 -17.33 -9.36
C PRO A 62 -2.25 -17.38 -10.04
N GLU A 63 -1.97 -18.49 -10.70
CA GLU A 63 -0.70 -18.67 -11.39
C GLU A 63 -0.47 -17.56 -12.40
N MET A 64 -1.56 -16.90 -12.80
CA MET A 64 -1.48 -15.82 -13.77
C MET A 64 -1.07 -14.51 -13.10
N VAL A 65 -0.78 -14.58 -11.81
CA VAL A 65 -0.37 -13.41 -11.05
C VAL A 65 0.90 -12.79 -11.63
N THR A 66 1.86 -13.63 -11.95
CA THR A 66 3.13 -13.17 -12.53
C THR A 66 3.87 -12.27 -11.54
N PRO A 67 5.20 -12.23 -11.67
CA PRO A 67 6.06 -11.41 -10.81
C PRO A 67 5.88 -9.92 -11.06
N ASN A 68 5.17 -9.58 -12.12
CA ASN A 68 4.93 -8.18 -12.46
C ASN A 68 3.77 -7.62 -11.64
N VAL A 69 3.05 -8.50 -10.96
CA VAL A 69 1.92 -8.08 -10.15
C VAL A 69 2.35 -7.05 -9.09
N ILE A 70 3.60 -7.17 -8.65
CA ILE A 70 4.14 -6.25 -7.64
C ILE A 70 4.31 -4.86 -8.22
N GLU A 71 5.04 -4.75 -9.32
CA GLU A 71 5.29 -3.47 -9.96
C GLU A 71 3.97 -2.82 -10.40
N VAL A 72 3.05 -3.65 -10.87
CA VAL A 72 1.74 -3.16 -11.32
C VAL A 72 0.93 -2.64 -10.15
N ALA A 73 1.06 -3.29 -9.00
CA ALA A 73 0.33 -2.89 -7.80
C ALA A 73 0.86 -1.57 -7.26
N ILE A 74 2.18 -1.42 -7.22
CA ILE A 74 2.82 -0.21 -6.73
C ILE A 74 2.49 0.98 -7.63
N ASN A 75 2.67 0.80 -8.92
CA ASN A 75 2.40 1.87 -9.89
C ASN A 75 0.93 2.24 -9.88
N GLN A 76 0.06 1.24 -10.00
CA GLN A 76 -1.37 1.47 -10.00
C GLN A 76 -1.83 2.13 -8.71
N ILE A 77 -1.40 1.57 -7.59
CA ILE A 77 -1.77 2.12 -6.27
C ILE A 77 -1.20 3.51 -6.09
N ARG A 78 0.12 3.65 -6.27
CA ARG A 78 0.78 4.94 -6.11
C ARG A 78 0.16 5.98 -7.06
N GLN A 79 -0.24 5.53 -8.24
CA GLN A 79 -0.84 6.42 -9.23
C GLN A 79 -2.28 6.76 -8.84
N LYS A 80 -2.88 5.94 -7.99
CA LYS A 80 -4.25 6.16 -7.54
C LYS A 80 -4.28 6.65 -6.10
N MET A 81 -3.10 6.79 -5.50
CA MET A 81 -3.00 7.25 -4.13
C MET A 81 -1.93 8.34 -4.00
N ASP A 82 -0.68 7.97 -4.22
CA ASP A 82 0.43 8.91 -4.13
C ASP A 82 0.25 10.06 -5.12
N LYS A 83 -0.42 9.76 -6.23
CA LYS A 83 -0.65 10.77 -7.26
C LYS A 83 -1.67 11.81 -6.79
N PRO A 84 -2.88 11.34 -6.45
CA PRO A 84 -3.96 12.21 -5.98
C PRO A 84 -3.68 12.78 -4.58
N LEU A 85 -3.13 11.94 -3.71
CA LEU A 85 -2.82 12.35 -2.35
C LEU A 85 -1.48 13.08 -2.30
N GLY A 86 -0.73 13.02 -3.40
CA GLY A 86 0.55 13.68 -3.47
C GLY A 86 1.43 13.34 -2.27
N ILE A 87 1.62 12.05 -2.03
CA ILE A 87 2.45 11.60 -0.91
C ILE A 87 3.21 10.33 -1.28
N SER A 88 4.03 9.86 -0.34
CA SER A 88 4.82 8.64 -0.57
C SER A 88 4.21 7.45 0.15
N THR A 89 4.55 6.25 -0.30
CA THR A 89 4.04 5.03 0.30
C THR A 89 5.02 3.88 0.15
N VAL A 90 5.32 3.53 -1.10
CA VAL A 90 6.25 2.44 -1.39
C VAL A 90 7.44 2.94 -2.20
N GLU A 91 8.63 2.77 -1.65
CA GLU A 91 9.85 3.21 -2.32
C GLU A 91 10.56 2.03 -2.97
N THR A 92 10.69 2.09 -4.29
CA THR A 92 11.34 1.02 -5.05
C THR A 92 12.86 1.12 -4.91
N VAL A 93 13.45 0.10 -4.27
CA VAL A 93 14.90 0.07 -4.08
C VAL A 93 15.51 -1.12 -4.80
N ARG A 94 16.67 -0.89 -5.41
CA ARG A 94 17.37 -1.95 -6.14
C ARG A 94 17.86 -3.03 -5.18
N ARG A 95 18.15 -2.65 -3.95
CA ARG A 95 18.63 -3.58 -2.93
C ARG A 95 17.68 -4.76 -2.80
N ARG A 96 16.47 -4.50 -2.31
CA ARG A 96 15.47 -5.55 -2.14
C ARG A 96 14.41 -5.48 -3.22
N GLY A 97 13.61 -4.42 -3.19
CA GLY A 97 12.56 -4.26 -4.18
C GLY A 97 11.65 -3.08 -3.87
N TYR A 98 10.84 -3.22 -2.82
CA TYR A 98 9.93 -2.16 -2.42
C TYR A 98 9.83 -2.06 -0.90
N ARG A 99 9.79 -0.83 -0.40
CA ARG A 99 9.70 -0.60 1.04
C ARG A 99 8.41 0.14 1.38
N PHE A 100 7.60 -0.47 2.26
CA PHE A 100 6.34 0.13 2.67
C PHE A 100 6.54 1.02 3.90
N CYS A 101 6.54 2.33 3.67
CA CYS A 101 6.73 3.30 4.75
C CYS A 101 5.90 4.55 4.50
N TYR A 102 4.81 4.69 5.25
CA TYR A 102 3.93 5.84 5.11
C TYR A 102 4.47 7.03 5.89
N PRO A 103 4.88 8.08 5.16
CA PRO A 103 5.43 9.30 5.76
C PRO A 103 4.36 10.11 6.49
N LYS A 104 4.65 11.38 6.73
CA LYS A 104 3.72 12.27 7.42
C LYS A 104 3.77 13.67 6.83
N PRO A 105 4.93 14.33 6.95
CA PRO A 105 5.14 15.68 6.42
C PRO A 105 5.16 15.72 4.90
N ALA A 106 5.05 14.55 4.28
CA ALA A 106 5.06 14.45 2.83
C ALA A 106 4.13 15.50 2.21
N CYS A 107 4.72 16.52 1.60
CA CYS A 107 3.95 17.58 0.97
C CYS A 107 4.25 17.65 -0.52
N GLU A 108 5.52 17.71 -0.87
CA GLU A 108 5.94 17.79 -2.27
C GLU A 108 7.45 17.57 -2.40
N GLU A 109 7.82 16.63 -3.26
CA GLU A 109 9.23 16.32 -3.48
C GLU A 109 9.95 17.51 -4.12
N GLY A 1 -18.85 2.42 19.36
CA GLY A 1 -18.73 1.00 19.10
C GLY A 1 -18.76 0.67 17.63
N SER A 2 -17.63 0.17 17.11
CA SER A 2 -17.53 -0.18 15.70
C SER A 2 -17.08 -1.63 15.54
N GLY A 3 -17.43 -2.22 14.39
CA GLY A 3 -17.06 -3.60 14.13
C GLY A 3 -16.13 -3.74 12.94
N SER A 4 -16.17 -2.75 12.05
CA SER A 4 -15.33 -2.76 10.86
C SER A 4 -13.85 -2.72 11.22
N ASN A 5 -13.05 -3.55 10.56
CA ASN A 5 -11.62 -3.60 10.81
C ASN A 5 -10.96 -2.25 10.57
N VAL A 6 -9.92 -1.95 11.34
CA VAL A 6 -9.21 -0.69 11.21
C VAL A 6 -7.72 -0.87 11.50
N ILE A 7 -6.89 -0.48 10.52
CA ILE A 7 -5.45 -0.59 10.67
C ILE A 7 -4.77 0.76 10.48
N GLU A 8 -3.78 1.03 11.34
CA GLU A 8 -3.05 2.29 11.27
C GLU A 8 -1.58 2.05 10.94
N ILE A 9 -1.04 2.87 10.04
CA ILE A 9 0.35 2.75 9.63
C ILE A 9 1.10 4.07 9.80
N GLY A 10 1.94 4.15 10.81
CA GLY A 10 2.70 5.36 11.06
C GLY A 10 1.81 6.55 11.40
N ASP A 11 1.38 7.28 10.38
CA ASP A 11 0.52 8.44 10.58
C ASP A 11 -0.70 8.37 9.68
N LEU A 12 -0.83 7.26 8.94
CA LEU A 12 -1.95 7.07 8.04
C LEU A 12 -2.92 6.02 8.59
N THR A 13 -4.22 6.32 8.53
CA THR A 13 -5.23 5.41 9.01
C THR A 13 -6.11 4.89 7.87
N ILE A 14 -6.06 3.59 7.65
CA ILE A 14 -6.85 2.97 6.59
C ILE A 14 -7.64 1.77 7.11
N SER A 15 -8.85 1.59 6.58
CA SER A 15 -9.70 0.48 6.98
C SER A 15 -9.87 -0.53 5.86
N PRO A 16 -9.48 -1.78 6.11
CA PRO A 16 -9.59 -2.86 5.13
C PRO A 16 -11.03 -3.27 4.86
N ASP A 17 -11.81 -3.39 5.92
CA ASP A 17 -13.22 -3.77 5.80
C ASP A 17 -13.97 -2.77 4.92
N GLU A 18 -13.78 -1.48 5.20
CA GLU A 18 -14.45 -0.43 4.43
C GLU A 18 -13.57 0.03 3.27
N GLU A 19 -12.46 -0.65 3.07
CA GLU A 19 -11.53 -0.31 2.00
C GLU A 19 -11.47 1.20 1.79
N LYS A 20 -11.14 1.92 2.87
CA LYS A 20 -11.04 3.38 2.80
C LYS A 20 -9.72 3.85 3.39
N ILE A 21 -9.30 5.05 2.99
CA ILE A 21 -8.05 5.62 3.48
C ILE A 21 -8.27 7.01 4.06
N ILE A 22 -7.72 7.24 5.25
CA ILE A 22 -7.86 8.53 5.92
C ILE A 22 -6.49 9.12 6.25
N TYR A 23 -6.20 10.26 5.64
CA TYR A 23 -4.92 10.93 5.86
C TYR A 23 -5.11 12.44 5.95
N LYS A 24 -4.73 13.01 7.10
CA LYS A 24 -4.86 14.44 7.32
C LYS A 24 -6.32 14.89 7.19
N GLY A 25 -7.23 14.01 7.61
CA GLY A 25 -8.65 14.33 7.56
C GLY A 25 -9.23 14.10 6.18
N ARG A 26 -8.38 13.67 5.24
CA ARG A 26 -8.83 13.41 3.88
C ARG A 26 -9.20 11.95 3.70
N GLU A 27 -10.43 11.71 3.25
CA GLU A 27 -10.92 10.34 3.04
C GLU A 27 -10.86 9.97 1.56
N VAL A 28 -10.27 8.82 1.28
CA VAL A 28 -10.16 8.34 -0.10
C VAL A 28 -10.48 6.85 -0.21
N GLU A 29 -11.53 6.53 -0.96
CA GLU A 29 -11.94 5.15 -1.14
C GLU A 29 -11.30 4.54 -2.38
N VAL A 30 -10.62 3.41 -2.20
CA VAL A 30 -9.96 2.73 -3.30
C VAL A 30 -10.50 1.32 -3.47
N LYS A 31 -11.05 1.05 -4.66
CA LYS A 31 -11.59 -0.27 -4.96
C LYS A 31 -10.82 -0.94 -6.10
N GLY A 32 -9.51 -1.07 -5.91
CA GLY A 32 -8.67 -1.69 -6.92
C GLY A 32 -8.26 -3.10 -6.54
N LYS A 33 -7.66 -3.81 -7.49
CA LYS A 33 -7.21 -5.19 -7.25
C LYS A 33 -6.01 -5.20 -6.30
N PRO A 34 -5.04 -4.33 -6.56
CA PRO A 34 -3.82 -4.22 -5.75
C PRO A 34 -4.11 -3.62 -4.38
N PHE A 35 -5.24 -2.96 -4.25
CA PHE A 35 -5.63 -2.34 -2.98
C PHE A 35 -5.46 -3.32 -1.82
N GLU A 36 -5.57 -4.61 -2.12
CA GLU A 36 -5.43 -5.64 -1.10
C GLU A 36 -3.97 -5.79 -0.68
N VAL A 37 -3.10 -6.05 -1.66
CA VAL A 37 -1.68 -6.21 -1.39
C VAL A 37 -1.09 -4.97 -0.73
N LEU A 38 -1.55 -3.80 -1.17
CA LEU A 38 -1.07 -2.53 -0.62
C LEU A 38 -1.54 -2.36 0.82
N THR A 39 -2.84 -2.52 1.05
CA THR A 39 -3.41 -2.38 2.37
C THR A 39 -2.77 -3.36 3.36
N HIS A 40 -2.84 -4.65 3.04
CA HIS A 40 -2.26 -5.68 3.89
C HIS A 40 -0.80 -5.36 4.22
N LEU A 41 -0.06 -4.96 3.20
CA LEU A 41 1.36 -4.63 3.38
C LEU A 41 1.51 -3.32 4.13
N ALA A 42 0.50 -2.46 4.05
CA ALA A 42 0.52 -1.17 4.72
C ALA A 42 0.58 -1.35 6.23
N ARG A 43 0.05 -2.46 6.71
CA ARG A 43 0.04 -2.75 8.14
C ARG A 43 0.88 -3.98 8.46
N HIS A 44 1.27 -4.71 7.42
CA HIS A 44 2.08 -5.91 7.58
C HIS A 44 3.53 -5.66 7.17
N ARG A 45 3.71 -4.94 6.07
CA ARG A 45 5.04 -4.62 5.58
C ARG A 45 5.69 -3.52 6.42
N ASP A 46 4.99 -2.40 6.55
CA ASP A 46 5.50 -1.27 7.33
C ASP A 46 7.02 -1.32 7.43
N GLN A 47 7.68 -1.36 6.29
CA GLN A 47 9.14 -1.41 6.24
C GLN A 47 9.63 -1.80 4.85
N ILE A 48 10.91 -2.14 4.76
CA ILE A 48 11.51 -2.53 3.48
C ILE A 48 11.21 -3.99 3.17
N VAL A 49 10.67 -4.24 1.98
CA VAL A 49 10.33 -5.60 1.56
C VAL A 49 10.93 -5.90 0.18
N SER A 50 11.12 -7.19 -0.09
CA SER A 50 11.69 -7.62 -1.36
C SER A 50 10.60 -8.02 -2.34
N LYS A 51 10.89 -7.91 -3.63
CA LYS A 51 9.93 -8.26 -4.68
C LYS A 51 9.43 -9.69 -4.49
N GLU A 52 10.36 -10.63 -4.35
CA GLU A 52 10.01 -12.03 -4.17
C GLU A 52 9.25 -12.23 -2.85
N GLN A 53 9.81 -11.72 -1.76
CA GLN A 53 9.19 -11.85 -0.45
C GLN A 53 7.75 -11.33 -0.48
N LEU A 54 7.55 -10.17 -1.11
CA LEU A 54 6.23 -9.57 -1.20
C LEU A 54 5.27 -10.48 -1.97
N LEU A 55 5.71 -10.95 -3.13
CA LEU A 55 4.89 -11.83 -3.96
C LEU A 55 4.36 -13.00 -3.15
N ASP A 56 5.25 -13.64 -2.38
CA ASP A 56 4.86 -14.78 -1.56
C ASP A 56 4.14 -14.31 -0.30
N ALA A 57 4.32 -13.05 0.06
CA ALA A 57 3.69 -12.47 1.23
C ALA A 57 2.17 -12.42 1.06
N ILE A 58 1.73 -11.95 -0.10
CA ILE A 58 0.30 -11.85 -0.38
C ILE A 58 -0.15 -12.95 -1.33
N TRP A 59 0.60 -13.13 -2.41
CA TRP A 59 0.27 -14.16 -3.41
C TRP A 59 -1.23 -14.41 -3.45
N GLU A 60 -2.00 -13.34 -3.64
CA GLU A 60 -3.45 -13.44 -3.71
C GLU A 60 -3.89 -14.03 -5.04
N GLU A 61 -3.25 -13.59 -6.12
CA GLU A 61 -3.58 -14.06 -7.46
C GLU A 61 -3.03 -15.47 -7.68
N PRO A 62 -3.60 -16.16 -8.67
CA PRO A 62 -3.18 -17.54 -9.02
C PRO A 62 -1.80 -17.58 -9.64
N GLU A 63 -1.47 -18.71 -10.26
CA GLU A 63 -0.16 -18.88 -10.90
C GLU A 63 0.07 -17.81 -11.95
N MET A 64 -1.01 -17.19 -12.41
CA MET A 64 -0.93 -16.14 -13.42
C MET A 64 -0.56 -14.80 -12.78
N VAL A 65 -0.31 -14.82 -11.48
CA VAL A 65 0.06 -13.61 -10.76
C VAL A 65 1.34 -12.99 -11.31
N THR A 66 2.33 -13.85 -11.55
CA THR A 66 3.62 -13.40 -12.07
C THR A 66 4.31 -12.45 -11.10
N PRO A 67 5.65 -12.39 -11.18
CA PRO A 67 6.46 -11.52 -10.31
C PRO A 67 6.27 -10.05 -10.65
N ASN A 68 5.62 -9.78 -11.77
CA ASN A 68 5.39 -8.40 -12.20
C ASN A 68 4.18 -7.81 -11.46
N VAL A 69 3.42 -8.66 -10.79
CA VAL A 69 2.24 -8.22 -10.05
C VAL A 69 2.61 -7.16 -9.02
N ILE A 70 3.85 -7.22 -8.52
CA ILE A 70 4.32 -6.26 -7.54
C ILE A 70 4.38 -4.85 -8.12
N GLU A 71 5.14 -4.72 -9.20
CA GLU A 71 5.29 -3.41 -9.86
C GLU A 71 3.94 -2.89 -10.35
N VAL A 72 3.08 -3.81 -10.78
CA VAL A 72 1.76 -3.44 -11.27
C VAL A 72 0.89 -2.89 -10.14
N ALA A 73 1.05 -3.47 -8.95
CA ALA A 73 0.28 -3.05 -7.79
C ALA A 73 0.71 -1.67 -7.30
N ILE A 74 2.03 -1.45 -7.28
CA ILE A 74 2.58 -0.17 -6.84
C ILE A 74 2.20 0.95 -7.80
N ASN A 75 2.40 0.72 -9.09
CA ASN A 75 2.07 1.71 -10.11
C ASN A 75 0.57 1.98 -10.14
N GLN A 76 -0.21 0.91 -10.21
CA GLN A 76 -1.67 1.03 -10.25
C GLN A 76 -2.18 1.81 -9.04
N ILE A 77 -1.78 1.36 -7.86
CA ILE A 77 -2.20 2.01 -6.62
C ILE A 77 -1.71 3.45 -6.55
N ARG A 78 -0.41 3.63 -6.81
CA ARG A 78 0.19 4.96 -6.79
C ARG A 78 -0.59 5.93 -7.67
N GLN A 79 -0.99 5.47 -8.85
CA GLN A 79 -1.74 6.30 -9.78
C GLN A 79 -3.19 6.45 -9.32
N LYS A 80 -3.63 5.56 -8.45
CA LYS A 80 -4.99 5.60 -7.93
C LYS A 80 -5.01 6.12 -6.49
N MET A 81 -3.85 6.54 -6.00
CA MET A 81 -3.74 7.07 -4.65
C MET A 81 -2.71 8.18 -4.58
N ASP A 82 -1.44 7.83 -4.77
CA ASP A 82 -0.36 8.80 -4.74
C ASP A 82 -0.59 9.91 -5.75
N LYS A 83 -1.28 9.59 -6.84
CA LYS A 83 -1.57 10.56 -7.89
C LYS A 83 -2.62 11.56 -7.41
N PRO A 84 -3.80 11.05 -7.04
CA PRO A 84 -4.91 11.88 -6.57
C PRO A 84 -4.63 12.50 -5.20
N LEU A 85 -3.71 11.88 -4.46
CA LEU A 85 -3.35 12.37 -3.13
C LEU A 85 -2.01 13.10 -3.17
N GLY A 86 -1.36 13.07 -4.32
CA GLY A 86 -0.07 13.72 -4.46
C GLY A 86 0.87 13.43 -3.31
N ILE A 87 0.87 12.17 -2.86
CA ILE A 87 1.73 11.76 -1.75
C ILE A 87 2.48 10.48 -2.10
N SER A 88 3.32 10.04 -1.17
CA SER A 88 4.12 8.83 -1.38
C SER A 88 3.63 7.71 -0.47
N THR A 89 4.00 6.48 -0.82
CA THR A 89 3.60 5.31 -0.03
C THR A 89 4.70 4.25 -0.03
N VAL A 90 5.08 3.80 -1.23
CA VAL A 90 6.12 2.78 -1.37
C VAL A 90 7.27 3.30 -2.22
N GLU A 91 8.48 2.89 -1.86
CA GLU A 91 9.68 3.31 -2.59
C GLU A 91 10.41 2.10 -3.19
N THR A 92 10.55 2.11 -4.50
CA THR A 92 11.24 1.02 -5.19
C THR A 92 12.75 1.15 -5.08
N VAL A 93 13.38 0.19 -4.41
CA VAL A 93 14.83 0.20 -4.23
C VAL A 93 15.46 -1.00 -4.90
N ARG A 94 16.61 -0.78 -5.55
CA ARG A 94 17.32 -1.85 -6.23
C ARG A 94 17.92 -2.83 -5.23
N ARG A 95 17.91 -2.45 -3.95
CA ARG A 95 18.44 -3.29 -2.89
C ARG A 95 17.55 -4.50 -2.65
N ARG A 96 16.41 -4.27 -1.99
CA ARG A 96 15.47 -5.34 -1.69
C ARG A 96 14.37 -5.40 -2.75
N GLY A 97 13.74 -4.26 -3.00
CA GLY A 97 12.67 -4.21 -3.99
C GLY A 97 11.73 -3.05 -3.75
N TYR A 98 10.84 -3.20 -2.77
CA TYR A 98 9.87 -2.17 -2.45
C TYR A 98 9.72 -2.00 -0.94
N ARG A 99 9.72 -0.76 -0.48
CA ARG A 99 9.58 -0.46 0.93
C ARG A 99 8.30 0.31 1.21
N PHE A 100 7.48 -0.24 2.12
CA PHE A 100 6.22 0.40 2.47
C PHE A 100 6.40 1.36 3.65
N CYS A 101 6.43 2.64 3.36
CA CYS A 101 6.60 3.66 4.40
C CYS A 101 5.83 4.93 4.05
N TYR A 102 4.74 5.17 4.77
CA TYR A 102 3.92 6.35 4.55
C TYR A 102 4.51 7.58 5.22
N PRO A 103 4.97 8.54 4.39
CA PRO A 103 5.56 9.79 4.88
C PRO A 103 4.55 10.70 5.55
N LYS A 104 4.92 11.97 5.72
CA LYS A 104 4.04 12.94 6.36
C LYS A 104 4.47 14.36 6.01
N PRO A 105 5.67 14.74 6.46
CA PRO A 105 6.22 16.08 6.20
C PRO A 105 6.59 16.28 4.74
N ALA A 106 6.75 15.18 4.00
CA ALA A 106 7.09 15.25 2.60
C ALA A 106 8.29 16.15 2.37
N CYS A 107 9.29 16.03 3.23
CA CYS A 107 10.50 16.85 3.13
C CYS A 107 11.74 15.96 2.97
N GLU A 108 12.42 16.10 1.84
CA GLU A 108 13.62 15.31 1.57
C GLU A 108 14.78 16.21 1.16
N GLU A 109 15.98 15.87 1.62
CA GLU A 109 17.17 16.65 1.30
C GLU A 109 17.42 16.67 -0.20
N GLY A 1 -18.06 0.90 19.24
CA GLY A 1 -17.13 0.00 19.89
C GLY A 1 -16.10 -0.57 18.93
N SER A 2 -15.77 -1.84 19.11
CA SER A 2 -14.79 -2.50 18.25
C SER A 2 -15.44 -3.57 17.39
N GLY A 3 -14.96 -3.72 16.16
CA GLY A 3 -15.52 -4.70 15.25
C GLY A 3 -15.12 -4.45 13.81
N SER A 4 -14.86 -3.19 13.48
CA SER A 4 -14.49 -2.82 12.12
C SER A 4 -12.98 -2.91 11.94
N ASN A 5 -12.55 -3.08 10.69
CA ASN A 5 -11.13 -3.18 10.37
C ASN A 5 -10.50 -1.79 10.24
N VAL A 6 -9.49 -1.53 11.04
CA VAL A 6 -8.81 -0.24 11.01
C VAL A 6 -7.32 -0.40 11.30
N ILE A 7 -6.48 0.00 10.35
CA ILE A 7 -5.03 -0.09 10.51
C ILE A 7 -4.37 1.28 10.39
N GLU A 8 -3.41 1.53 11.26
CA GLU A 8 -2.69 2.81 11.25
C GLU A 8 -1.22 2.61 10.90
N ILE A 9 -0.78 3.26 9.84
CA ILE A 9 0.60 3.15 9.39
C ILE A 9 1.18 4.52 9.02
N GLY A 10 2.33 4.84 9.57
CA GLY A 10 2.96 6.13 9.28
C GLY A 10 2.01 7.30 9.46
N ASP A 11 1.21 7.25 10.51
CA ASP A 11 0.24 8.31 10.79
C ASP A 11 -0.88 8.30 9.76
N LEU A 12 -1.15 7.14 9.20
CA LEU A 12 -2.20 6.99 8.19
C LEU A 12 -3.15 5.86 8.55
N THR A 13 -4.43 6.18 8.73
CA THR A 13 -5.43 5.19 9.08
C THR A 13 -6.24 4.79 7.85
N ILE A 14 -6.17 3.51 7.48
CA ILE A 14 -6.90 3.00 6.33
C ILE A 14 -7.70 1.75 6.70
N SER A 15 -8.86 1.60 6.09
CA SER A 15 -9.72 0.45 6.36
C SER A 15 -9.73 -0.51 5.17
N PRO A 16 -9.28 -1.76 5.41
CA PRO A 16 -9.23 -2.79 4.38
C PRO A 16 -10.61 -3.26 3.95
N ASP A 17 -11.50 -3.46 4.92
CA ASP A 17 -12.86 -3.90 4.64
C ASP A 17 -13.68 -2.78 4.01
N GLU A 18 -13.53 -1.57 4.54
CA GLU A 18 -14.25 -0.42 4.02
C GLU A 18 -13.49 0.24 2.87
N GLU A 19 -12.36 -0.35 2.50
CA GLU A 19 -11.53 0.18 1.43
C GLU A 19 -11.53 1.70 1.44
N LYS A 20 -11.05 2.27 2.54
CA LYS A 20 -10.98 3.73 2.69
C LYS A 20 -9.65 4.15 3.28
N ILE A 21 -9.24 5.38 2.98
CA ILE A 21 -7.97 5.91 3.49
C ILE A 21 -8.19 7.25 4.17
N ILE A 22 -7.70 7.38 5.40
CA ILE A 22 -7.83 8.62 6.16
C ILE A 22 -6.47 9.13 6.61
N TYR A 23 -6.07 10.27 6.07
CA TYR A 23 -4.78 10.87 6.43
C TYR A 23 -4.91 12.39 6.55
N LYS A 24 -4.48 12.91 7.71
CA LYS A 24 -4.54 14.34 7.95
C LYS A 24 -5.96 14.87 7.79
N GLY A 25 -6.94 14.04 8.14
CA GLY A 25 -8.33 14.44 8.01
C GLY A 25 -8.86 14.30 6.59
N ARG A 26 -7.99 13.83 5.70
CA ARG A 26 -8.37 13.65 4.30
C ARG A 26 -8.86 12.22 4.05
N GLU A 27 -10.07 12.09 3.53
CA GLU A 27 -10.64 10.78 3.24
C GLU A 27 -10.56 10.48 1.75
N VAL A 28 -10.01 9.30 1.42
CA VAL A 28 -9.87 8.89 0.03
C VAL A 28 -10.24 7.41 -0.14
N GLU A 29 -11.27 7.16 -0.93
CA GLU A 29 -11.72 5.79 -1.18
C GLU A 29 -11.03 5.21 -2.41
N VAL A 30 -10.33 4.09 -2.21
CA VAL A 30 -9.62 3.44 -3.30
C VAL A 30 -10.17 2.04 -3.54
N LYS A 31 -10.66 1.80 -4.76
CA LYS A 31 -11.21 0.50 -5.11
C LYS A 31 -10.36 -0.18 -6.18
N GLY A 32 -9.07 -0.31 -5.91
CA GLY A 32 -8.16 -0.94 -6.85
C GLY A 32 -7.91 -2.39 -6.53
N LYS A 33 -7.36 -3.13 -7.48
CA LYS A 33 -7.07 -4.54 -7.29
C LYS A 33 -5.92 -4.74 -6.31
N PRO A 34 -4.82 -4.01 -6.54
CA PRO A 34 -3.63 -4.08 -5.68
C PRO A 34 -3.88 -3.47 -4.30
N PHE A 35 -4.95 -2.70 -4.18
CA PHE A 35 -5.30 -2.06 -2.92
C PHE A 35 -5.23 -3.05 -1.76
N GLU A 36 -5.44 -4.33 -2.08
CA GLU A 36 -5.41 -5.38 -1.07
C GLU A 36 -3.98 -5.71 -0.68
N VAL A 37 -3.17 -6.06 -1.67
CA VAL A 37 -1.77 -6.41 -1.44
C VAL A 37 -1.03 -5.28 -0.72
N LEU A 38 -1.31 -4.06 -1.13
CA LEU A 38 -0.67 -2.88 -0.53
C LEU A 38 -1.19 -2.65 0.88
N THR A 39 -2.51 -2.59 1.01
CA THR A 39 -3.14 -2.38 2.31
C THR A 39 -2.67 -3.41 3.33
N HIS A 40 -2.84 -4.68 3.00
CA HIS A 40 -2.44 -5.76 3.89
C HIS A 40 -0.96 -5.63 4.27
N LEU A 41 -0.11 -5.38 3.27
CA LEU A 41 1.31 -5.23 3.51
C LEU A 41 1.60 -3.95 4.30
N ALA A 42 0.67 -3.00 4.24
CA ALA A 42 0.82 -1.73 4.95
C ALA A 42 0.71 -1.93 6.46
N ARG A 43 -0.13 -2.87 6.87
CA ARG A 43 -0.34 -3.16 8.29
C ARG A 43 0.36 -4.47 8.67
N HIS A 44 0.81 -5.21 7.67
CA HIS A 44 1.49 -6.48 7.91
C HIS A 44 2.99 -6.34 7.70
N ARG A 45 3.38 -5.63 6.65
CA ARG A 45 4.79 -5.43 6.34
C ARG A 45 5.30 -4.12 6.95
N ASP A 46 4.55 -3.05 6.75
CA ASP A 46 4.92 -1.75 7.29
C ASP A 46 6.44 -1.63 7.44
N GLN A 47 7.15 -1.77 6.34
CA GLN A 47 8.60 -1.69 6.36
C GLN A 47 9.19 -2.13 5.02
N ILE A 48 10.50 -2.39 5.00
CA ILE A 48 11.18 -2.82 3.79
C ILE A 48 10.92 -4.30 3.51
N VAL A 49 10.39 -4.59 2.34
CA VAL A 49 10.09 -5.96 1.94
C VAL A 49 10.66 -6.27 0.56
N SER A 50 10.87 -7.56 0.30
CA SER A 50 11.41 -7.99 -0.99
C SER A 50 10.30 -8.35 -1.96
N LYS A 51 10.56 -8.19 -3.25
CA LYS A 51 9.58 -8.50 -4.28
C LYS A 51 8.98 -9.88 -4.07
N GLU A 52 9.86 -10.87 -3.90
CA GLU A 52 9.41 -12.25 -3.69
C GLU A 52 8.62 -12.37 -2.39
N GLN A 53 9.09 -11.70 -1.34
CA GLN A 53 8.42 -11.74 -0.05
C GLN A 53 6.96 -11.31 -0.17
N LEU A 54 6.75 -10.13 -0.76
CA LEU A 54 5.40 -9.60 -0.94
C LEU A 54 4.58 -10.53 -1.84
N LEU A 55 5.18 -10.98 -2.93
CA LEU A 55 4.50 -11.87 -3.86
C LEU A 55 3.93 -13.08 -3.14
N ASP A 56 4.77 -13.76 -2.36
CA ASP A 56 4.35 -14.93 -1.62
C ASP A 56 3.53 -14.53 -0.40
N ALA A 57 3.68 -13.28 0.03
CA ALA A 57 2.95 -12.78 1.20
C ALA A 57 1.45 -12.72 0.92
N ILE A 58 1.10 -12.20 -0.25
CA ILE A 58 -0.31 -12.08 -0.63
C ILE A 58 -0.69 -13.15 -1.66
N TRP A 59 0.13 -13.27 -2.69
CA TRP A 59 -0.13 -14.25 -3.74
C TRP A 59 -1.62 -14.54 -3.88
N GLU A 60 -2.39 -13.48 -4.10
CA GLU A 60 -3.84 -13.61 -4.25
C GLU A 60 -4.20 -14.14 -5.64
N GLU A 61 -3.51 -13.62 -6.65
CA GLU A 61 -3.76 -14.04 -8.03
C GLU A 61 -3.19 -15.44 -8.28
N PRO A 62 -3.75 -16.12 -9.28
CA PRO A 62 -3.32 -17.47 -9.65
C PRO A 62 -1.93 -17.49 -10.30
N GLU A 63 -1.60 -18.58 -10.96
CA GLU A 63 -0.30 -18.71 -11.62
C GLU A 63 -0.08 -17.58 -12.61
N MET A 64 -1.17 -16.95 -13.03
CA MET A 64 -1.09 -15.85 -13.99
C MET A 64 -0.73 -14.54 -13.29
N VAL A 65 -0.47 -14.63 -11.98
CA VAL A 65 -0.10 -13.46 -11.20
C VAL A 65 1.16 -12.81 -11.74
N THR A 66 2.15 -13.63 -12.09
CA THR A 66 3.41 -13.13 -12.62
C THR A 66 4.14 -12.28 -11.59
N PRO A 67 5.47 -12.19 -11.74
CA PRO A 67 6.32 -11.41 -10.83
C PRO A 67 6.09 -9.91 -10.97
N ASN A 68 5.45 -9.51 -12.07
CA ASN A 68 5.18 -8.10 -12.33
C ASN A 68 4.02 -7.61 -11.48
N VAL A 69 3.32 -8.55 -10.84
CA VAL A 69 2.19 -8.20 -9.99
C VAL A 69 2.58 -7.20 -8.91
N ILE A 70 3.82 -7.31 -8.43
CA ILE A 70 4.32 -6.41 -7.41
C ILE A 70 4.49 -5.00 -7.95
N GLU A 71 5.28 -4.87 -9.02
CA GLU A 71 5.52 -3.57 -9.64
C GLU A 71 4.21 -2.94 -10.11
N VAL A 72 3.32 -3.76 -10.65
CA VAL A 72 2.03 -3.29 -11.14
C VAL A 72 1.17 -2.77 -9.99
N ALA A 73 1.29 -3.41 -8.84
CA ALA A 73 0.52 -3.01 -7.66
C ALA A 73 0.98 -1.65 -7.14
N ILE A 74 2.28 -1.48 -7.03
CA ILE A 74 2.84 -0.22 -6.55
C ILE A 74 2.56 0.92 -7.52
N ASN A 75 2.78 0.66 -8.80
CA ASN A 75 2.54 1.66 -9.83
C ASN A 75 1.06 2.04 -9.90
N GLN A 76 0.20 1.03 -9.99
CA GLN A 76 -1.24 1.25 -10.06
C GLN A 76 -1.73 2.06 -8.87
N ILE A 77 -1.34 1.62 -7.67
CA ILE A 77 -1.74 2.31 -6.45
C ILE A 77 -1.13 3.71 -6.38
N ARG A 78 0.14 3.80 -6.75
CA ARG A 78 0.85 5.08 -6.72
C ARG A 78 0.09 6.14 -7.50
N GLN A 79 -0.31 5.80 -8.73
CA GLN A 79 -1.05 6.72 -9.58
C GLN A 79 -2.51 6.82 -9.14
N LYS A 80 -2.95 5.82 -8.38
CA LYS A 80 -4.33 5.79 -7.90
C LYS A 80 -4.42 6.34 -6.47
N MET A 81 -3.28 6.80 -5.95
CA MET A 81 -3.23 7.35 -4.60
C MET A 81 -2.16 8.42 -4.49
N ASP A 82 -0.90 8.01 -4.62
CA ASP A 82 0.22 8.94 -4.54
C ASP A 82 0.04 10.10 -5.51
N LYS A 83 -0.68 9.86 -6.60
CA LYS A 83 -0.93 10.88 -7.59
C LYS A 83 -1.92 11.92 -7.07
N PRO A 84 -3.14 11.47 -6.75
CA PRO A 84 -4.19 12.35 -6.22
C PRO A 84 -3.90 12.84 -4.81
N LEU A 85 -2.99 12.16 -4.14
CA LEU A 85 -2.61 12.53 -2.78
C LEU A 85 -1.24 13.21 -2.75
N GLY A 86 -0.57 13.22 -3.91
CA GLY A 86 0.73 13.85 -4.00
C GLY A 86 1.67 13.42 -2.88
N ILE A 87 1.48 12.20 -2.40
CA ILE A 87 2.32 11.67 -1.32
C ILE A 87 2.97 10.35 -1.73
N SER A 88 3.76 9.79 -0.82
CA SER A 88 4.45 8.53 -1.08
C SER A 88 3.90 7.41 -0.19
N THR A 89 4.16 6.18 -0.57
CA THR A 89 3.70 5.03 0.19
C THR A 89 4.71 3.87 0.11
N VAL A 90 5.16 3.57 -1.10
CA VAL A 90 6.12 2.49 -1.31
C VAL A 90 7.36 3.00 -2.04
N GLU A 91 8.53 2.56 -1.58
CA GLU A 91 9.79 2.97 -2.18
C GLU A 91 10.52 1.77 -2.79
N THR A 92 10.59 1.74 -4.11
CA THR A 92 11.25 0.64 -4.81
C THR A 92 12.77 0.79 -4.74
N VAL A 93 13.42 -0.16 -4.06
CA VAL A 93 14.86 -0.14 -3.91
C VAL A 93 15.50 -1.35 -4.58
N ARG A 94 16.63 -1.13 -5.24
CA ARG A 94 17.35 -2.22 -5.92
C ARG A 94 17.87 -3.24 -4.92
N ARG A 95 18.10 -2.78 -3.69
CA ARG A 95 18.61 -3.66 -2.63
C ARG A 95 17.63 -4.79 -2.34
N ARG A 96 16.49 -4.44 -1.77
CA ARG A 96 15.47 -5.42 -1.43
C ARG A 96 14.44 -5.55 -2.55
N GLY A 97 13.66 -4.48 -2.75
CA GLY A 97 12.66 -4.49 -3.80
C GLY A 97 11.61 -3.40 -3.61
N TYR A 98 10.81 -3.53 -2.56
CA TYR A 98 9.77 -2.56 -2.27
C TYR A 98 9.59 -2.38 -0.77
N ARG A 99 9.64 -1.13 -0.32
CA ARG A 99 9.48 -0.83 1.10
C ARG A 99 8.20 -0.04 1.36
N PHE A 100 7.34 -0.57 2.21
CA PHE A 100 6.08 0.10 2.54
C PHE A 100 6.23 0.98 3.78
N CYS A 101 6.32 2.29 3.56
CA CYS A 101 6.46 3.24 4.65
C CYS A 101 5.74 4.54 4.34
N TYR A 102 4.68 4.81 5.10
CA TYR A 102 3.90 6.02 4.90
C TYR A 102 4.55 7.22 5.59
N PRO A 103 5.03 8.17 4.77
CA PRO A 103 5.69 9.39 5.27
C PRO A 103 4.71 10.32 5.98
N LYS A 104 5.13 11.57 6.15
CA LYS A 104 4.30 12.57 6.81
C LYS A 104 4.55 13.97 6.23
N PRO A 105 5.77 14.48 6.44
CA PRO A 105 6.17 15.80 5.95
C PRO A 105 6.32 15.83 4.43
N ALA A 106 5.20 15.63 3.73
CA ALA A 106 5.20 15.63 2.28
C ALA A 106 5.88 16.89 1.73
N CYS A 107 6.98 16.71 1.02
CA CYS A 107 7.72 17.82 0.45
C CYS A 107 7.50 17.91 -1.06
N GLU A 108 7.36 19.13 -1.56
CA GLU A 108 7.14 19.35 -2.99
C GLU A 108 8.42 19.81 -3.67
N GLU A 109 9.11 18.89 -4.33
CA GLU A 109 10.35 19.21 -5.02
C GLU A 109 10.12 20.26 -6.10
N GLY A 1 -15.45 -2.95 22.51
CA GLY A 1 -16.02 -3.74 21.44
C GLY A 1 -15.84 -3.10 20.08
N SER A 2 -14.88 -3.60 19.31
CA SER A 2 -14.61 -3.06 17.99
C SER A 2 -14.55 -4.17 16.95
N GLY A 3 -15.39 -4.07 15.93
CA GLY A 3 -15.43 -5.07 14.88
C GLY A 3 -14.94 -4.54 13.55
N SER A 4 -15.13 -3.23 13.33
CA SER A 4 -14.72 -2.61 12.08
C SER A 4 -13.19 -2.61 11.96
N ASN A 5 -12.71 -3.18 10.86
CA ASN A 5 -11.27 -3.25 10.62
C ASN A 5 -10.68 -1.86 10.43
N VAL A 6 -9.59 -1.58 11.14
CA VAL A 6 -8.93 -0.29 11.06
C VAL A 6 -7.43 -0.41 11.34
N ILE A 7 -6.63 -0.12 10.32
CA ILE A 7 -5.18 -0.19 10.46
C ILE A 7 -4.53 1.17 10.27
N GLU A 8 -3.55 1.48 11.12
CA GLU A 8 -2.85 2.76 11.05
C GLU A 8 -1.35 2.55 10.88
N ILE A 9 -0.76 3.26 9.94
CA ILE A 9 0.67 3.15 9.68
C ILE A 9 1.35 4.52 9.78
N GLY A 10 2.17 4.69 10.81
CA GLY A 10 2.86 5.95 11.00
C GLY A 10 1.92 7.10 11.32
N ASP A 11 1.38 7.73 10.28
CA ASP A 11 0.46 8.84 10.47
C ASP A 11 -0.72 8.74 9.51
N LEU A 12 -0.92 7.54 8.96
CA LEU A 12 -2.02 7.31 8.02
C LEU A 12 -2.94 6.20 8.52
N THR A 13 -4.25 6.42 8.39
CA THR A 13 -5.23 5.44 8.83
C THR A 13 -6.09 4.96 7.67
N ILE A 14 -6.02 3.67 7.38
CA ILE A 14 -6.79 3.09 6.30
C ILE A 14 -7.58 1.87 6.76
N SER A 15 -8.77 1.68 6.20
CA SER A 15 -9.62 0.55 6.57
C SER A 15 -9.75 -0.43 5.41
N PRO A 16 -9.34 -1.68 5.66
CA PRO A 16 -9.41 -2.75 4.65
C PRO A 16 -10.84 -3.16 4.32
N ASP A 17 -11.65 -3.30 5.36
CA ASP A 17 -13.04 -3.70 5.19
C ASP A 17 -13.83 -2.62 4.44
N GLU A 18 -13.57 -1.36 4.79
CA GLU A 18 -14.25 -0.24 4.15
C GLU A 18 -13.44 0.29 2.98
N GLU A 19 -12.32 -0.37 2.69
CA GLU A 19 -11.45 0.04 1.59
C GLU A 19 -11.40 1.56 1.47
N LYS A 20 -11.00 2.21 2.55
CA LYS A 20 -10.91 3.67 2.57
C LYS A 20 -9.57 4.12 3.16
N ILE A 21 -9.15 5.32 2.78
CA ILE A 21 -7.88 5.87 3.28
C ILE A 21 -8.09 7.26 3.89
N ILE A 22 -7.58 7.44 5.09
CA ILE A 22 -7.71 8.73 5.79
C ILE A 22 -6.34 9.28 6.17
N TYR A 23 -5.97 10.40 5.56
CA TYR A 23 -4.69 11.04 5.85
C TYR A 23 -4.84 12.55 5.95
N LYS A 24 -4.40 13.12 7.06
CA LYS A 24 -4.48 14.56 7.28
C LYS A 24 -5.91 15.05 7.12
N GLY A 25 -6.87 14.22 7.51
CA GLY A 25 -8.26 14.59 7.39
C GLY A 25 -8.81 14.38 5.99
N ARG A 26 -7.96 13.89 5.10
CA ARG A 26 -8.37 13.64 3.71
C ARG A 26 -8.82 12.20 3.53
N GLU A 27 -10.04 12.03 3.04
CA GLU A 27 -10.59 10.70 2.81
C GLU A 27 -10.52 10.32 1.34
N VAL A 28 -9.97 9.13 1.06
CA VAL A 28 -9.85 8.65 -0.31
C VAL A 28 -10.23 7.18 -0.42
N GLU A 29 -11.27 6.90 -1.19
CA GLU A 29 -11.73 5.53 -1.37
C GLU A 29 -11.08 4.89 -2.60
N VAL A 30 -10.33 3.81 -2.37
CA VAL A 30 -9.66 3.11 -3.45
C VAL A 30 -10.18 1.68 -3.59
N LYS A 31 -10.72 1.37 -4.77
CA LYS A 31 -11.25 0.04 -5.04
C LYS A 31 -10.51 -0.63 -6.20
N GLY A 32 -9.19 -0.73 -6.06
CA GLY A 32 -8.39 -1.35 -7.10
C GLY A 32 -8.05 -2.79 -6.79
N LYS A 33 -7.43 -3.47 -7.76
CA LYS A 33 -7.06 -4.87 -7.58
C LYS A 33 -5.91 -5.00 -6.58
N PRO A 34 -4.85 -4.22 -6.78
CA PRO A 34 -3.68 -4.23 -5.89
C PRO A 34 -3.97 -3.63 -4.53
N PHE A 35 -5.07 -2.88 -4.45
CA PHE A 35 -5.47 -2.24 -3.20
C PHE A 35 -5.39 -3.22 -2.04
N GLU A 36 -5.57 -4.51 -2.34
CA GLU A 36 -5.52 -5.54 -1.32
C GLU A 36 -4.09 -5.79 -0.87
N VAL A 37 -3.22 -6.08 -1.82
CA VAL A 37 -1.81 -6.35 -1.52
C VAL A 37 -1.15 -5.12 -0.88
N LEU A 38 -1.58 -3.93 -1.30
CA LEU A 38 -1.03 -2.69 -0.76
C LEU A 38 -1.48 -2.47 0.67
N THR A 39 -2.79 -2.56 0.89
CA THR A 39 -3.34 -2.37 2.23
C THR A 39 -2.77 -3.37 3.22
N HIS A 40 -2.90 -4.66 2.89
CA HIS A 40 -2.39 -5.72 3.76
C HIS A 40 -0.93 -5.48 4.12
N LEU A 41 -0.11 -5.22 3.09
CA LEU A 41 1.31 -4.97 3.30
C LEU A 41 1.53 -3.64 4.02
N ALA A 42 0.54 -2.75 3.92
CA ALA A 42 0.63 -1.45 4.57
C ALA A 42 0.74 -1.59 6.08
N ARG A 43 0.04 -2.57 6.64
CA ARG A 43 0.06 -2.81 8.08
C ARG A 43 0.77 -4.13 8.40
N HIS A 44 1.14 -4.86 7.35
CA HIS A 44 1.83 -6.13 7.52
C HIS A 44 3.31 -6.01 7.18
N ARG A 45 3.61 -5.19 6.18
CA ARG A 45 4.99 -4.98 5.76
C ARG A 45 5.63 -3.83 6.53
N ASP A 46 4.96 -2.69 6.53
CA ASP A 46 5.46 -1.51 7.24
C ASP A 46 6.99 -1.54 7.32
N GLN A 47 7.64 -1.66 6.17
CA GLN A 47 9.09 -1.70 6.11
C GLN A 47 9.58 -2.16 4.74
N ILE A 48 10.85 -2.52 4.65
CA ILE A 48 11.43 -2.98 3.39
C ILE A 48 11.18 -4.46 3.19
N VAL A 49 10.57 -4.80 2.05
CA VAL A 49 10.29 -6.20 1.73
C VAL A 49 10.77 -6.54 0.32
N SER A 50 10.99 -7.84 0.08
CA SER A 50 11.45 -8.30 -1.22
C SER A 50 10.27 -8.57 -2.15
N LYS A 51 10.54 -8.59 -3.46
CA LYS A 51 9.51 -8.83 -4.45
C LYS A 51 8.91 -10.23 -4.27
N GLU A 52 9.77 -11.23 -4.15
CA GLU A 52 9.32 -12.60 -3.97
C GLU A 52 8.50 -12.75 -2.69
N GLN A 53 9.04 -12.23 -1.59
CA GLN A 53 8.36 -12.31 -0.30
C GLN A 53 6.96 -11.72 -0.39
N LEU A 54 6.84 -10.60 -1.10
CA LEU A 54 5.55 -9.94 -1.25
C LEU A 54 4.58 -10.81 -2.05
N LEU A 55 5.05 -11.34 -3.16
CA LEU A 55 4.24 -12.20 -4.01
C LEU A 55 3.66 -13.37 -3.22
N ASP A 56 4.51 -14.02 -2.44
CA ASP A 56 4.09 -15.15 -1.62
C ASP A 56 3.35 -14.67 -0.38
N ALA A 57 3.55 -13.42 -0.01
CA ALA A 57 2.91 -12.84 1.15
C ALA A 57 1.41 -12.71 0.93
N ILE A 58 1.02 -12.21 -0.24
CA ILE A 58 -0.38 -12.03 -0.58
C ILE A 58 -0.87 -13.11 -1.52
N TRP A 59 -0.10 -13.35 -2.59
CA TRP A 59 -0.45 -14.37 -3.57
C TRP A 59 -1.97 -14.55 -3.65
N GLU A 60 -2.68 -13.46 -3.87
CA GLU A 60 -4.13 -13.50 -3.96
C GLU A 60 -4.58 -13.98 -5.33
N GLU A 61 -3.90 -13.50 -6.38
CA GLU A 61 -4.23 -13.88 -7.75
C GLU A 61 -3.79 -15.32 -8.03
N PRO A 62 -4.39 -15.93 -9.06
CA PRO A 62 -4.08 -17.30 -9.46
C PRO A 62 -2.67 -17.44 -10.06
N GLU A 63 -2.42 -18.55 -10.73
CA GLU A 63 -1.13 -18.80 -11.35
C GLU A 63 -0.79 -17.70 -12.34
N MET A 64 -1.81 -16.96 -12.78
CA MET A 64 -1.62 -15.87 -13.74
C MET A 64 -1.16 -14.61 -13.03
N VAL A 65 -0.94 -14.71 -11.72
CA VAL A 65 -0.50 -13.57 -10.93
C VAL A 65 0.84 -13.02 -11.44
N THR A 66 1.76 -13.94 -11.71
CA THR A 66 3.08 -13.56 -12.21
C THR A 66 3.82 -12.71 -11.19
N PRO A 67 5.16 -12.73 -11.24
CA PRO A 67 6.01 -11.96 -10.34
C PRO A 67 5.94 -10.46 -10.60
N ASN A 68 5.39 -10.09 -11.76
CA ASN A 68 5.27 -8.69 -12.12
C ASN A 68 4.09 -8.04 -11.40
N VAL A 69 3.25 -8.87 -10.78
CA VAL A 69 2.09 -8.38 -10.05
C VAL A 69 2.50 -7.37 -8.98
N ILE A 70 3.71 -7.52 -8.46
CA ILE A 70 4.22 -6.62 -7.44
C ILE A 70 4.42 -5.22 -7.99
N GLU A 71 5.23 -5.11 -9.04
CA GLU A 71 5.50 -3.83 -9.66
C GLU A 71 4.22 -3.19 -10.19
N VAL A 72 3.32 -4.02 -10.71
CA VAL A 72 2.05 -3.54 -11.26
C VAL A 72 1.16 -3.00 -10.14
N ALA A 73 1.27 -3.58 -8.96
CA ALA A 73 0.48 -3.16 -7.81
C ALA A 73 0.95 -1.82 -7.28
N ILE A 74 2.26 -1.66 -7.15
CA ILE A 74 2.84 -0.42 -6.66
C ILE A 74 2.58 0.72 -7.63
N ASN A 75 2.82 0.48 -8.91
CA ASN A 75 2.60 1.49 -9.94
C ASN A 75 1.12 1.86 -10.05
N GLN A 76 0.27 0.84 -10.17
CA GLN A 76 -1.16 1.06 -10.28
C GLN A 76 -1.68 1.85 -9.09
N ILE A 77 -1.35 1.40 -7.89
CA ILE A 77 -1.79 2.05 -6.67
C ILE A 77 -1.21 3.46 -6.57
N ARG A 78 0.09 3.58 -6.80
CA ARG A 78 0.77 4.86 -6.74
C ARG A 78 0.07 5.89 -7.63
N GLN A 79 -0.32 5.45 -8.82
CA GLN A 79 -1.00 6.33 -9.77
C GLN A 79 -2.46 6.54 -9.37
N LYS A 80 -2.99 5.63 -8.56
CA LYS A 80 -4.37 5.73 -8.10
C LYS A 80 -4.43 6.25 -6.67
N MET A 81 -3.27 6.61 -6.13
CA MET A 81 -3.21 7.13 -4.76
C MET A 81 -2.13 8.22 -4.64
N ASP A 82 -0.87 7.81 -4.85
CA ASP A 82 0.24 8.75 -4.78
C ASP A 82 0.06 9.90 -5.76
N LYS A 83 -0.64 9.63 -6.85
CA LYS A 83 -0.89 10.65 -7.87
C LYS A 83 -1.89 11.68 -7.37
N PRO A 84 -3.11 11.21 -7.03
CA PRO A 84 -4.18 12.09 -6.53
C PRO A 84 -3.89 12.62 -5.14
N LEU A 85 -3.00 11.95 -4.42
CA LEU A 85 -2.63 12.36 -3.07
C LEU A 85 -1.26 13.03 -3.06
N GLY A 86 -0.58 12.99 -4.20
CA GLY A 86 0.73 13.60 -4.29
C GLY A 86 1.63 13.24 -3.12
N ILE A 87 1.70 11.96 -2.81
CA ILE A 87 2.53 11.49 -1.71
C ILE A 87 3.21 10.17 -2.05
N SER A 88 4.00 9.66 -1.11
CA SER A 88 4.72 8.40 -1.32
C SER A 88 4.17 7.31 -0.39
N THR A 89 4.33 6.06 -0.82
CA THR A 89 3.85 4.93 -0.03
C THR A 89 4.82 3.76 -0.12
N VAL A 90 5.30 3.48 -1.33
CA VAL A 90 6.24 2.39 -1.54
C VAL A 90 7.49 2.87 -2.28
N GLU A 91 8.64 2.31 -1.91
CA GLU A 91 9.90 2.69 -2.53
C GLU A 91 10.58 1.47 -3.17
N THR A 92 10.62 1.46 -4.50
CA THR A 92 11.23 0.36 -5.23
C THR A 92 12.74 0.48 -5.23
N VAL A 93 13.41 -0.46 -4.57
CA VAL A 93 14.87 -0.46 -4.50
C VAL A 93 15.45 -1.72 -5.14
N ARG A 94 16.55 -1.55 -5.86
CA ARG A 94 17.21 -2.67 -6.53
C ARG A 94 17.84 -3.61 -5.52
N ARG A 95 17.91 -3.16 -4.27
CA ARG A 95 18.50 -3.97 -3.20
C ARG A 95 17.57 -5.12 -2.82
N ARG A 96 16.51 -4.80 -2.08
CA ARG A 96 15.56 -5.81 -1.66
C ARG A 96 14.42 -5.95 -2.67
N GLY A 97 13.79 -4.82 -2.99
CA GLY A 97 12.70 -4.83 -3.94
C GLY A 97 11.75 -3.66 -3.74
N TYR A 98 10.88 -3.77 -2.75
CA TYR A 98 9.92 -2.72 -2.45
C TYR A 98 9.78 -2.51 -0.95
N ARG A 99 9.75 -1.24 -0.55
CA ARG A 99 9.62 -0.90 0.87
C ARG A 99 8.39 -0.01 1.11
N PHE A 100 7.52 -0.45 2.01
CA PHE A 100 6.32 0.31 2.33
C PHE A 100 6.55 1.21 3.54
N CYS A 101 6.62 2.51 3.30
CA CYS A 101 6.83 3.48 4.36
C CYS A 101 6.03 4.76 4.12
N TYR A 102 4.95 4.93 4.87
CA TYR A 102 4.10 6.10 4.73
C TYR A 102 4.69 7.31 5.45
N PRO A 103 5.12 8.31 4.68
CA PRO A 103 5.71 9.54 5.22
C PRO A 103 4.68 10.40 5.96
N LYS A 104 4.99 11.69 6.09
CA LYS A 104 4.10 12.62 6.77
C LYS A 104 4.36 14.05 6.32
N PRO A 105 5.59 14.52 6.53
CA PRO A 105 5.99 15.88 6.15
C PRO A 105 6.08 16.06 4.64
N ALA A 106 4.97 15.80 3.95
CA ALA A 106 4.92 15.93 2.50
C ALA A 106 5.48 17.27 2.04
N CYS A 107 5.20 18.32 2.82
CA CYS A 107 5.67 19.66 2.50
C CYS A 107 7.20 19.71 2.47
N GLU A 108 7.75 20.27 1.40
CA GLU A 108 9.19 20.37 1.25
C GLU A 108 9.75 21.52 2.08
N GLU A 109 10.97 21.34 2.56
CA GLU A 109 11.62 22.36 3.39
C GLU A 109 12.73 23.06 2.61
N GLY A 1 -16.77 -0.25 25.01
CA GLY A 1 -16.00 -1.12 24.15
C GLY A 1 -16.33 -0.93 22.68
N SER A 2 -15.32 -0.58 21.89
CA SER A 2 -15.51 -0.36 20.46
C SER A 2 -14.38 -0.99 19.66
N GLY A 3 -14.72 -1.55 18.51
CA GLY A 3 -13.73 -2.19 17.66
C GLY A 3 -14.25 -2.48 16.26
N SER A 4 -13.54 -2.00 15.26
CA SER A 4 -13.94 -2.20 13.87
C SER A 4 -12.72 -2.39 12.97
N ASN A 5 -12.97 -2.71 11.70
CA ASN A 5 -11.89 -2.92 10.75
C ASN A 5 -11.13 -1.61 10.49
N VAL A 6 -9.99 -1.46 11.14
CA VAL A 6 -9.17 -0.26 10.98
C VAL A 6 -7.70 -0.57 11.22
N ILE A 7 -6.86 -0.24 10.25
CA ILE A 7 -5.43 -0.48 10.37
C ILE A 7 -4.64 0.81 10.17
N GLU A 8 -3.61 1.01 10.98
CA GLU A 8 -2.77 2.19 10.89
C GLU A 8 -1.35 1.83 10.45
N ILE A 9 -0.77 2.66 9.60
CA ILE A 9 0.58 2.43 9.10
C ILE A 9 1.42 3.70 9.18
N GLY A 10 2.33 3.75 10.15
CA GLY A 10 3.18 4.91 10.31
C GLY A 10 2.40 6.15 10.67
N ASP A 11 1.93 6.88 9.66
CA ASP A 11 1.17 8.10 9.88
C ASP A 11 -0.06 8.14 8.99
N LEU A 12 -0.48 6.97 8.51
CA LEU A 12 -1.64 6.87 7.64
C LEU A 12 -2.61 5.81 8.15
N THR A 13 -3.90 6.14 8.18
CA THR A 13 -4.92 5.22 8.65
C THR A 13 -5.84 4.79 7.51
N ILE A 14 -5.85 3.50 7.21
CA ILE A 14 -6.69 2.96 6.15
C ILE A 14 -7.57 1.83 6.66
N SER A 15 -8.78 1.74 6.12
CA SER A 15 -9.72 0.70 6.52
C SER A 15 -10.00 -0.26 5.37
N PRO A 16 -9.73 -1.55 5.59
CA PRO A 16 -9.95 -2.59 4.57
C PRO A 16 -11.43 -2.83 4.31
N ASP A 17 -12.22 -2.89 5.38
CA ASP A 17 -13.66 -3.12 5.25
C ASP A 17 -14.28 -2.13 4.27
N GLU A 18 -13.94 -0.85 4.43
CA GLU A 18 -14.47 0.19 3.56
C GLU A 18 -13.44 0.60 2.51
N GLU A 19 -12.36 -0.17 2.42
CA GLU A 19 -11.30 0.13 1.47
C GLU A 19 -11.10 1.63 1.31
N LYS A 20 -10.97 2.32 2.43
CA LYS A 20 -10.77 3.77 2.42
C LYS A 20 -9.41 4.14 3.01
N ILE A 21 -8.92 5.31 2.64
CA ILE A 21 -7.62 5.78 3.14
C ILE A 21 -7.75 7.17 3.75
N ILE A 22 -7.24 7.32 4.97
CA ILE A 22 -7.29 8.60 5.66
C ILE A 22 -5.88 9.11 5.99
N TYR A 23 -5.52 10.23 5.38
CA TYR A 23 -4.20 10.82 5.60
C TYR A 23 -4.30 12.33 5.79
N LYS A 24 -3.83 12.81 6.93
CA LYS A 24 -3.88 14.23 7.25
C LYS A 24 -5.29 14.78 7.14
N GLY A 25 -6.27 13.95 7.51
CA GLY A 25 -7.66 14.36 7.45
C GLY A 25 -8.26 14.21 6.07
N ARG A 26 -7.45 13.73 5.13
CA ARG A 26 -7.91 13.54 3.75
C ARG A 26 -8.39 12.11 3.54
N GLU A 27 -9.63 11.97 3.09
CA GLU A 27 -10.21 10.66 2.84
C GLU A 27 -10.18 10.33 1.35
N VAL A 28 -9.70 9.13 1.03
CA VAL A 28 -9.61 8.69 -0.35
C VAL A 28 -10.06 7.24 -0.49
N GLU A 29 -11.13 7.02 -1.25
CA GLU A 29 -11.66 5.67 -1.46
C GLU A 29 -10.99 5.01 -2.66
N VAL A 30 -10.26 3.94 -2.41
CA VAL A 30 -9.57 3.22 -3.48
C VAL A 30 -10.09 1.79 -3.59
N LYS A 31 -10.62 1.45 -4.76
CA LYS A 31 -11.15 0.11 -5.00
C LYS A 31 -10.39 -0.58 -6.13
N GLY A 32 -9.07 -0.63 -6.01
CA GLY A 32 -8.25 -1.27 -7.02
C GLY A 32 -7.93 -2.71 -6.70
N LYS A 33 -7.34 -3.41 -7.65
CA LYS A 33 -6.98 -4.82 -7.46
C LYS A 33 -5.80 -4.96 -6.50
N PRO A 34 -4.73 -4.21 -6.77
CA PRO A 34 -3.52 -4.23 -5.93
C PRO A 34 -3.75 -3.59 -4.56
N PHE A 35 -4.83 -2.83 -4.45
CA PHE A 35 -5.17 -2.17 -3.19
C PHE A 35 -5.09 -3.14 -2.02
N GLU A 36 -5.31 -4.42 -2.31
CA GLU A 36 -5.27 -5.45 -1.28
C GLU A 36 -3.82 -5.78 -0.90
N VAL A 37 -3.02 -6.15 -1.90
CA VAL A 37 -1.62 -6.49 -1.67
C VAL A 37 -0.88 -5.34 -1.00
N LEU A 38 -1.14 -4.12 -1.47
CA LEU A 38 -0.49 -2.93 -0.91
C LEU A 38 -0.99 -2.66 0.50
N THR A 39 -2.30 -2.58 0.65
CA THR A 39 -2.91 -2.32 1.96
C THR A 39 -2.44 -3.33 3.00
N HIS A 40 -2.63 -4.62 2.69
CA HIS A 40 -2.22 -5.68 3.59
C HIS A 40 -0.75 -5.53 3.99
N LEU A 41 0.10 -5.29 3.00
CA LEU A 41 1.52 -5.13 3.23
C LEU A 41 1.81 -3.82 3.97
N ALA A 42 0.89 -2.86 3.84
CA ALA A 42 1.05 -1.57 4.49
C ALA A 42 0.86 -1.70 6.00
N ARG A 43 0.09 -2.69 6.42
CA ARG A 43 -0.18 -2.91 7.83
C ARG A 43 0.47 -4.22 8.31
N HIS A 44 0.97 -5.00 7.36
CA HIS A 44 1.60 -6.28 7.68
C HIS A 44 3.12 -6.17 7.51
N ARG A 45 3.56 -5.48 6.46
CA ARG A 45 4.98 -5.32 6.18
C ARG A 45 5.51 -4.06 6.87
N ASP A 46 4.83 -2.94 6.67
CA ASP A 46 5.24 -1.68 7.28
C ASP A 46 6.76 -1.57 7.33
N GLN A 47 7.41 -1.74 6.18
CA GLN A 47 8.86 -1.67 6.11
C GLN A 47 9.35 -2.12 4.74
N ILE A 48 10.65 -2.41 4.65
CA ILE A 48 11.25 -2.86 3.40
C ILE A 48 10.97 -4.33 3.15
N VAL A 49 10.42 -4.64 1.98
CA VAL A 49 10.10 -6.02 1.62
C VAL A 49 10.64 -6.36 0.23
N SER A 50 10.88 -7.65 0.00
CA SER A 50 11.40 -8.11 -1.29
C SER A 50 10.25 -8.43 -2.24
N LYS A 51 10.56 -8.43 -3.53
CA LYS A 51 9.57 -8.72 -4.56
C LYS A 51 9.00 -10.13 -4.38
N GLU A 52 9.88 -11.11 -4.25
CA GLU A 52 9.46 -12.49 -4.07
C GLU A 52 8.71 -12.67 -2.76
N GLN A 53 9.26 -12.10 -1.69
CA GLN A 53 8.63 -12.19 -0.37
C GLN A 53 7.20 -11.69 -0.41
N LEU A 54 7.01 -10.50 -0.98
CA LEU A 54 5.68 -9.91 -1.07
C LEU A 54 4.76 -10.78 -1.91
N LEU A 55 5.25 -11.22 -3.06
CA LEU A 55 4.46 -12.07 -3.96
C LEU A 55 3.90 -13.28 -3.21
N ASP A 56 4.76 -13.97 -2.48
CA ASP A 56 4.34 -15.13 -1.71
C ASP A 56 3.60 -14.71 -0.45
N ALA A 57 3.80 -13.47 -0.03
CA ALA A 57 3.15 -12.95 1.16
C ALA A 57 1.64 -12.81 0.95
N ILE A 58 1.26 -12.28 -0.21
CA ILE A 58 -0.15 -12.10 -0.54
C ILE A 58 -0.63 -13.17 -1.51
N TRP A 59 0.12 -13.37 -2.58
CA TRP A 59 -0.23 -14.36 -3.59
C TRP A 59 -1.74 -14.51 -3.71
N GLU A 60 -2.44 -13.39 -3.86
CA GLU A 60 -3.89 -13.40 -3.97
C GLU A 60 -4.33 -13.96 -5.33
N GLU A 61 -3.61 -13.57 -6.38
CA GLU A 61 -3.92 -14.04 -7.73
C GLU A 61 -3.40 -15.46 -7.95
N PRO A 62 -3.99 -16.16 -8.93
CA PRO A 62 -3.60 -17.54 -9.25
C PRO A 62 -2.22 -17.60 -9.89
N GLU A 63 -1.91 -18.74 -10.52
CA GLU A 63 -0.62 -18.93 -11.18
C GLU A 63 -0.37 -17.86 -12.22
N MET A 64 -1.45 -17.20 -12.66
CA MET A 64 -1.34 -16.14 -13.65
C MET A 64 -0.93 -14.82 -13.00
N VAL A 65 -0.68 -14.86 -11.70
CA VAL A 65 -0.29 -13.67 -10.95
C VAL A 65 1.01 -13.09 -11.51
N THR A 66 1.98 -13.94 -11.79
CA THR A 66 3.26 -13.51 -12.32
C THR A 66 3.99 -12.60 -11.34
N PRO A 67 5.33 -12.55 -11.44
CA PRO A 67 6.16 -11.72 -10.57
C PRO A 67 5.98 -10.23 -10.85
N ASN A 68 5.40 -9.91 -12.00
CA ASN A 68 5.17 -8.52 -12.38
C ASN A 68 4.00 -7.93 -11.60
N VAL A 69 3.24 -8.79 -10.94
CA VAL A 69 2.10 -8.34 -10.14
C VAL A 69 2.52 -7.32 -9.10
N ILE A 70 3.74 -7.46 -8.60
CA ILE A 70 4.26 -6.54 -7.60
C ILE A 70 4.48 -5.14 -8.18
N GLU A 71 5.27 -5.07 -9.24
CA GLU A 71 5.56 -3.80 -9.90
C GLU A 71 4.28 -3.14 -10.39
N VAL A 72 3.36 -3.97 -10.91
CA VAL A 72 2.09 -3.46 -11.42
C VAL A 72 1.22 -2.93 -10.30
N ALA A 73 1.34 -3.53 -9.12
CA ALA A 73 0.56 -3.12 -7.96
C ALA A 73 1.05 -1.77 -7.43
N ILE A 74 2.37 -1.63 -7.32
CA ILE A 74 2.96 -0.40 -6.82
C ILE A 74 2.72 0.76 -7.79
N ASN A 75 2.96 0.51 -9.08
CA ASN A 75 2.77 1.53 -10.11
C ASN A 75 1.30 1.93 -10.21
N GLN A 76 0.43 0.93 -10.35
CA GLN A 76 -1.00 1.17 -10.46
C GLN A 76 -1.51 1.99 -9.27
N ILE A 77 -1.21 1.51 -8.06
CA ILE A 77 -1.63 2.19 -6.84
C ILE A 77 -0.99 3.57 -6.73
N ARG A 78 0.29 3.65 -7.06
CA ARG A 78 1.02 4.91 -6.99
C ARG A 78 0.28 6.00 -7.76
N GLN A 79 -0.14 5.68 -8.97
CA GLN A 79 -0.87 6.63 -9.81
C GLN A 79 -2.31 6.78 -9.35
N LYS A 80 -2.78 5.81 -8.56
CA LYS A 80 -4.14 5.83 -8.04
C LYS A 80 -4.18 6.31 -6.61
N MET A 81 -3.02 6.72 -6.10
CA MET A 81 -2.92 7.22 -4.72
C MET A 81 -1.82 8.25 -4.60
N ASP A 82 -0.58 7.83 -4.83
CA ASP A 82 0.56 8.72 -4.76
C ASP A 82 0.39 9.92 -5.69
N LYS A 83 -0.31 9.70 -6.79
CA LYS A 83 -0.54 10.76 -7.77
C LYS A 83 -1.53 11.79 -7.23
N PRO A 84 -2.74 11.32 -6.87
CA PRO A 84 -3.79 12.19 -6.33
C PRO A 84 -3.46 12.70 -4.93
N LEU A 85 -2.59 11.98 -4.25
CA LEU A 85 -2.18 12.36 -2.89
C LEU A 85 -0.80 13.00 -2.90
N GLY A 86 -0.16 13.04 -4.06
CA GLY A 86 1.15 13.63 -4.18
C GLY A 86 2.08 13.19 -3.06
N ILE A 87 1.98 11.92 -2.67
CA ILE A 87 2.81 11.39 -1.61
C ILE A 87 3.47 10.08 -2.03
N SER A 88 4.25 9.50 -1.13
CA SER A 88 4.94 8.24 -1.41
C SER A 88 4.52 7.16 -0.42
N THR A 89 4.19 5.98 -0.94
CA THR A 89 3.77 4.87 -0.11
C THR A 89 4.74 3.70 -0.22
N VAL A 90 5.17 3.39 -1.45
CA VAL A 90 6.10 2.30 -1.68
C VAL A 90 7.32 2.78 -2.46
N GLU A 91 8.51 2.45 -1.98
CA GLU A 91 9.74 2.84 -2.64
C GLU A 91 10.44 1.63 -3.26
N THR A 92 10.46 1.59 -4.59
CA THR A 92 11.09 0.49 -5.31
C THR A 92 12.61 0.62 -5.28
N VAL A 93 13.26 -0.33 -4.60
CA VAL A 93 14.72 -0.32 -4.50
C VAL A 93 15.32 -1.58 -5.12
N ARG A 94 16.43 -1.41 -5.82
CA ARG A 94 17.10 -2.53 -6.46
C ARG A 94 17.64 -3.52 -5.43
N ARG A 95 18.08 -2.99 -4.29
CA ARG A 95 18.61 -3.82 -3.22
C ARG A 95 17.63 -4.93 -2.84
N ARG A 96 16.50 -4.53 -2.25
CA ARG A 96 15.49 -5.49 -1.83
C ARG A 96 14.42 -5.64 -2.91
N GLY A 97 13.65 -4.58 -3.13
CA GLY A 97 12.60 -4.62 -4.13
C GLY A 97 11.57 -3.52 -3.94
N TYR A 98 10.79 -3.62 -2.87
CA TYR A 98 9.76 -2.63 -2.58
C TYR A 98 9.61 -2.42 -1.07
N ARG A 99 9.65 -1.17 -0.65
CA ARG A 99 9.52 -0.82 0.76
C ARG A 99 8.26 -0.01 1.01
N PHE A 100 7.41 -0.50 1.92
CA PHE A 100 6.17 0.19 2.26
C PHE A 100 6.34 1.02 3.52
N CYS A 101 6.44 2.33 3.34
CA CYS A 101 6.60 3.25 4.47
C CYS A 101 5.90 4.57 4.20
N TYR A 102 4.76 4.78 4.86
CA TYR A 102 3.99 6.01 4.69
C TYR A 102 4.55 7.13 5.56
N PRO A 103 5.13 8.15 4.90
CA PRO A 103 5.71 9.30 5.60
C PRO A 103 4.65 10.18 6.24
N LYS A 104 5.01 11.43 6.51
CA LYS A 104 4.09 12.39 7.12
C LYS A 104 4.37 13.80 6.63
N PRO A 105 5.57 14.30 6.95
CA PRO A 105 6.00 15.65 6.55
C PRO A 105 6.22 15.78 5.05
N ALA A 106 6.02 14.67 4.34
CA ALA A 106 6.21 14.65 2.89
C ALA A 106 5.57 15.87 2.24
N CYS A 107 4.40 16.25 2.73
CA CYS A 107 3.69 17.41 2.19
C CYS A 107 4.25 18.70 2.77
N GLU A 108 5.13 19.35 2.03
CA GLU A 108 5.74 20.60 2.47
C GLU A 108 4.66 21.65 2.78
N GLU A 109 4.71 22.19 3.99
CA GLU A 109 3.75 23.20 4.40
C GLU A 109 3.81 24.42 3.49
N GLY A 1 -12.30 8.11 13.83
CA GLY A 1 -13.50 7.65 14.51
C GLY A 1 -13.31 6.31 15.19
N SER A 2 -14.41 5.57 15.33
CA SER A 2 -14.36 4.26 15.98
C SER A 2 -14.96 3.19 15.08
N GLY A 3 -14.33 2.02 15.04
CA GLY A 3 -14.82 0.93 14.22
C GLY A 3 -14.31 -0.42 14.68
N SER A 4 -14.53 -1.44 13.85
CA SER A 4 -14.09 -2.80 14.19
C SER A 4 -12.81 -3.15 13.44
N ASN A 5 -12.74 -2.76 12.17
CA ASN A 5 -11.58 -3.03 11.34
C ASN A 5 -10.86 -1.74 10.97
N VAL A 6 -9.73 -1.48 11.62
CA VAL A 6 -8.95 -0.28 11.35
C VAL A 6 -7.47 -0.51 11.65
N ILE A 7 -6.62 -0.24 10.67
CA ILE A 7 -5.19 -0.41 10.83
C ILE A 7 -4.45 0.92 10.67
N GLU A 8 -3.45 1.13 11.51
CA GLU A 8 -2.67 2.36 11.47
C GLU A 8 -1.25 2.09 10.95
N ILE A 9 -0.85 2.84 9.93
CA ILE A 9 0.47 2.68 9.34
C ILE A 9 1.14 4.03 9.10
N GLY A 10 2.24 4.28 9.78
CA GLY A 10 2.95 5.54 9.63
C GLY A 10 2.02 6.74 9.70
N ASP A 11 1.12 6.73 10.68
CA ASP A 11 0.17 7.83 10.85
C ASP A 11 -0.91 7.79 9.78
N LEU A 12 -1.21 6.59 9.29
CA LEU A 12 -2.22 6.41 8.26
C LEU A 12 -3.25 5.36 8.68
N THR A 13 -4.50 5.78 8.79
CA THR A 13 -5.57 4.87 9.18
C THR A 13 -6.38 4.42 7.97
N ILE A 14 -6.33 3.13 7.68
CA ILE A 14 -7.05 2.57 6.54
C ILE A 14 -7.87 1.35 6.96
N SER A 15 -9.03 1.18 6.33
CA SER A 15 -9.91 0.05 6.64
C SER A 15 -9.96 -0.91 5.46
N PRO A 16 -9.56 -2.18 5.72
CA PRO A 16 -9.56 -3.23 4.70
C PRO A 16 -10.97 -3.65 4.30
N ASP A 17 -11.84 -3.82 5.30
CA ASP A 17 -13.21 -4.23 5.06
C ASP A 17 -13.98 -3.13 4.32
N GLU A 18 -13.70 -1.88 4.66
CA GLU A 18 -14.37 -0.75 4.04
C GLU A 18 -13.54 -0.20 2.87
N GLU A 19 -12.43 -0.87 2.59
CA GLU A 19 -11.54 -0.46 1.50
C GLU A 19 -11.46 1.06 1.42
N LYS A 20 -11.16 1.70 2.54
CA LYS A 20 -11.05 3.15 2.60
C LYS A 20 -9.73 3.57 3.25
N ILE A 21 -9.30 4.78 2.94
CA ILE A 21 -8.06 5.31 3.50
C ILE A 21 -8.29 6.67 4.16
N ILE A 22 -7.73 6.84 5.36
CA ILE A 22 -7.86 8.09 6.09
C ILE A 22 -6.51 8.67 6.44
N TYR A 23 -6.21 9.85 5.89
CA TYR A 23 -4.94 10.51 6.14
C TYR A 23 -5.15 11.99 6.44
N LYS A 24 -4.70 12.42 7.62
CA LYS A 24 -4.84 13.81 8.03
C LYS A 24 -6.30 14.26 7.96
N GLY A 25 -7.21 13.34 8.24
CA GLY A 25 -8.62 13.66 8.21
C GLY A 25 -9.21 13.55 6.81
N ARG A 26 -8.36 13.21 5.84
CA ARG A 26 -8.80 13.06 4.47
C ARG A 26 -9.18 11.63 4.15
N GLU A 27 -10.42 11.42 3.70
CA GLU A 27 -10.90 10.09 3.37
C GLU A 27 -10.82 9.84 1.87
N VAL A 28 -10.19 8.74 1.49
CA VAL A 28 -10.05 8.38 0.09
C VAL A 28 -10.29 6.88 -0.14
N GLU A 29 -11.32 6.58 -0.93
CA GLU A 29 -11.66 5.19 -1.21
C GLU A 29 -11.07 4.75 -2.55
N VAL A 30 -10.30 3.67 -2.53
CA VAL A 30 -9.68 3.15 -3.74
C VAL A 30 -10.18 1.74 -4.05
N LYS A 31 -10.79 1.58 -5.21
CA LYS A 31 -11.32 0.28 -5.63
C LYS A 31 -10.38 -0.38 -6.65
N GLY A 32 -9.11 -0.50 -6.28
CA GLY A 32 -8.14 -1.11 -7.17
C GLY A 32 -7.86 -2.56 -6.81
N LYS A 33 -7.27 -3.30 -7.75
CA LYS A 33 -6.96 -4.70 -7.53
C LYS A 33 -5.83 -4.86 -6.51
N PRO A 34 -4.74 -4.10 -6.72
CA PRO A 34 -3.58 -4.13 -5.84
C PRO A 34 -3.87 -3.54 -4.46
N PHE A 35 -4.98 -2.80 -4.36
CA PHE A 35 -5.36 -2.17 -3.11
C PHE A 35 -5.28 -3.17 -1.95
N GLU A 36 -5.43 -4.45 -2.27
CA GLU A 36 -5.36 -5.50 -1.26
C GLU A 36 -3.93 -5.75 -0.82
N VAL A 37 -3.05 -5.98 -1.79
CA VAL A 37 -1.64 -6.22 -1.50
C VAL A 37 -1.01 -5.03 -0.80
N LEU A 38 -1.37 -3.83 -1.23
CA LEU A 38 -0.84 -2.60 -0.65
C LEU A 38 -1.33 -2.42 0.78
N THR A 39 -2.64 -2.53 0.96
CA THR A 39 -3.24 -2.37 2.29
C THR A 39 -2.69 -3.41 3.26
N HIS A 40 -2.83 -4.68 2.90
CA HIS A 40 -2.34 -5.76 3.75
C HIS A 40 -0.87 -5.55 4.13
N LEU A 41 -0.07 -5.14 3.16
CA LEU A 41 1.35 -4.90 3.39
C LEU A 41 1.55 -3.63 4.22
N ALA A 42 0.59 -2.72 4.15
CA ALA A 42 0.66 -1.48 4.90
C ALA A 42 0.58 -1.73 6.41
N ARG A 43 -0.06 -2.82 6.78
CA ARG A 43 -0.20 -3.18 8.18
C ARG A 43 0.55 -4.47 8.50
N HIS A 44 0.95 -5.19 7.46
CA HIS A 44 1.67 -6.44 7.62
C HIS A 44 3.15 -6.25 7.31
N ARG A 45 3.43 -5.50 6.24
CA ARG A 45 4.81 -5.24 5.82
C ARG A 45 5.39 -4.04 6.58
N ASP A 46 4.66 -2.93 6.55
CA ASP A 46 5.10 -1.72 7.23
C ASP A 46 6.62 -1.70 7.39
N GLN A 47 7.33 -1.79 6.27
CA GLN A 47 8.78 -1.80 6.29
C GLN A 47 9.35 -2.23 4.94
N ILE A 48 10.64 -2.53 4.92
CA ILE A 48 11.30 -2.97 3.70
C ILE A 48 11.02 -4.44 3.42
N VAL A 49 10.48 -4.73 2.24
CA VAL A 49 10.17 -6.10 1.85
C VAL A 49 10.76 -6.43 0.48
N SER A 50 11.01 -7.71 0.24
CA SER A 50 11.57 -8.15 -1.02
C SER A 50 10.48 -8.53 -2.01
N LYS A 51 10.78 -8.41 -3.30
CA LYS A 51 9.81 -8.73 -4.35
C LYS A 51 9.25 -10.15 -4.15
N GLU A 52 10.15 -11.11 -3.98
CA GLU A 52 9.74 -12.50 -3.79
C GLU A 52 8.89 -12.64 -2.52
N GLN A 53 9.39 -12.11 -1.41
CA GLN A 53 8.68 -12.18 -0.14
C GLN A 53 7.27 -11.63 -0.28
N LEU A 54 7.15 -10.53 -1.02
CA LEU A 54 5.84 -9.89 -1.22
C LEU A 54 4.92 -10.79 -2.04
N LEU A 55 5.45 -11.34 -3.13
CA LEU A 55 4.68 -12.22 -4.00
C LEU A 55 4.05 -13.36 -3.19
N ASP A 56 4.86 -14.02 -2.38
CA ASP A 56 4.39 -15.13 -1.56
C ASP A 56 3.63 -14.61 -0.34
N ALA A 57 3.89 -13.35 0.02
CA ALA A 57 3.23 -12.75 1.17
C ALA A 57 1.73 -12.62 0.93
N ILE A 58 1.36 -12.13 -0.25
CA ILE A 58 -0.04 -11.96 -0.59
C ILE A 58 -0.51 -13.03 -1.57
N TRP A 59 0.27 -13.25 -2.62
CA TRP A 59 -0.05 -14.25 -3.63
C TRP A 59 -1.56 -14.43 -3.75
N GLU A 60 -2.28 -13.33 -3.97
CA GLU A 60 -3.73 -13.37 -4.10
C GLU A 60 -4.14 -13.92 -5.46
N GLU A 61 -3.44 -13.49 -6.50
CA GLU A 61 -3.73 -13.94 -7.86
C GLU A 61 -3.16 -15.34 -8.10
N PRO A 62 -3.73 -16.04 -9.10
CA PRO A 62 -3.31 -17.39 -9.46
C PRO A 62 -1.92 -17.41 -10.09
N GLU A 63 -1.60 -18.52 -10.75
CA GLU A 63 -0.30 -18.66 -11.40
C GLU A 63 -0.06 -17.54 -12.41
N MET A 64 -1.15 -16.90 -12.83
CA MET A 64 -1.06 -15.81 -13.79
C MET A 64 -0.68 -14.50 -13.10
N VAL A 65 -0.41 -14.58 -11.79
CA VAL A 65 -0.03 -13.41 -11.02
C VAL A 65 1.24 -12.77 -11.57
N THR A 66 2.22 -13.61 -11.89
CA THR A 66 3.49 -13.13 -12.41
C THR A 66 4.21 -12.25 -11.40
N PRO A 67 5.55 -12.16 -11.54
CA PRO A 67 6.38 -11.35 -10.65
C PRO A 67 6.16 -9.85 -10.84
N ASN A 68 5.57 -9.49 -11.97
CA ASN A 68 5.29 -8.09 -12.28
C ASN A 68 4.13 -7.57 -11.44
N VAL A 69 3.42 -8.48 -10.79
CA VAL A 69 2.29 -8.11 -9.96
C VAL A 69 2.69 -7.11 -8.89
N ILE A 70 3.93 -7.22 -8.41
CA ILE A 70 4.45 -6.32 -7.39
C ILE A 70 4.63 -4.91 -7.95
N GLU A 71 5.39 -4.80 -9.03
CA GLU A 71 5.65 -3.51 -9.65
C GLU A 71 4.35 -2.86 -10.13
N VAL A 72 3.47 -3.68 -10.69
CA VAL A 72 2.18 -3.20 -11.18
C VAL A 72 1.30 -2.70 -10.04
N ALA A 73 1.43 -3.35 -8.88
CA ALA A 73 0.65 -2.96 -7.71
C ALA A 73 1.09 -1.61 -7.17
N ILE A 74 2.40 -1.41 -7.08
CA ILE A 74 2.95 -0.15 -6.58
C ILE A 74 2.65 0.99 -7.55
N ASN A 75 2.88 0.76 -8.84
CA ASN A 75 2.64 1.77 -9.86
C ASN A 75 1.16 2.12 -9.93
N GLN A 76 0.32 1.10 -10.08
CA GLN A 76 -1.12 1.30 -10.17
C GLN A 76 -1.64 2.05 -8.94
N ILE A 77 -1.30 1.55 -7.76
CA ILE A 77 -1.74 2.17 -6.51
C ILE A 77 -1.18 3.58 -6.39
N ARG A 78 0.10 3.75 -6.71
CA ARG A 78 0.75 5.05 -6.63
C ARG A 78 -0.05 6.10 -7.39
N GLN A 79 -0.46 5.76 -8.60
CA GLN A 79 -1.24 6.69 -9.42
C GLN A 79 -2.68 6.78 -8.94
N LYS A 80 -3.09 5.80 -8.14
CA LYS A 80 -4.45 5.77 -7.59
C LYS A 80 -4.46 6.23 -6.14
N MET A 81 -3.30 6.65 -5.65
CA MET A 81 -3.19 7.13 -4.27
C MET A 81 -2.10 8.20 -4.16
N ASP A 82 -0.86 7.79 -4.37
CA ASP A 82 0.27 8.71 -4.29
C ASP A 82 0.08 9.89 -5.23
N LYS A 83 -0.66 9.68 -6.31
CA LYS A 83 -0.93 10.73 -7.29
C LYS A 83 -1.95 11.72 -6.74
N PRO A 84 -3.15 11.22 -6.41
CA PRO A 84 -4.24 12.04 -5.88
C PRO A 84 -3.95 12.54 -4.47
N LEU A 85 -3.06 11.84 -3.77
CA LEU A 85 -2.69 12.21 -2.41
C LEU A 85 -1.31 12.89 -2.38
N GLY A 86 -0.63 12.86 -3.52
CA GLY A 86 0.70 13.47 -3.60
C GLY A 86 1.59 13.06 -2.44
N ILE A 87 1.74 11.76 -2.25
CA ILE A 87 2.58 11.25 -1.17
C ILE A 87 3.28 9.95 -1.59
N SER A 88 4.09 9.40 -0.69
CA SER A 88 4.82 8.17 -0.97
C SER A 88 4.38 7.05 -0.03
N THR A 89 4.11 5.88 -0.60
CA THR A 89 3.67 4.74 0.19
C THR A 89 4.69 3.60 0.09
N VAL A 90 5.14 3.32 -1.12
CA VAL A 90 6.11 2.25 -1.34
C VAL A 90 7.34 2.77 -2.08
N GLU A 91 8.52 2.46 -1.56
CA GLU A 91 9.77 2.90 -2.17
C GLU A 91 10.52 1.71 -2.78
N THR A 92 10.58 1.68 -4.11
CA THR A 92 11.27 0.59 -4.81
C THR A 92 12.78 0.75 -4.71
N VAL A 93 13.43 -0.19 -4.04
CA VAL A 93 14.88 -0.15 -3.88
C VAL A 93 15.53 -1.37 -4.55
N ARG A 94 16.67 -1.12 -5.20
CA ARG A 94 17.40 -2.19 -5.87
C ARG A 94 17.95 -3.20 -4.87
N ARG A 95 18.11 -2.76 -3.63
CA ARG A 95 18.63 -3.62 -2.58
C ARG A 95 17.71 -4.80 -2.33
N ARG A 96 16.53 -4.52 -1.79
CA ARG A 96 15.55 -5.56 -1.50
C ARG A 96 14.50 -5.65 -2.62
N GLY A 97 13.74 -4.57 -2.80
CA GLY A 97 12.73 -4.54 -3.83
C GLY A 97 11.71 -3.44 -3.61
N TYR A 98 10.91 -3.57 -2.56
CA TYR A 98 9.89 -2.58 -2.24
C TYR A 98 9.74 -2.40 -0.74
N ARG A 99 9.68 -1.15 -0.29
CA ARG A 99 9.53 -0.86 1.13
C ARG A 99 8.29 -0.02 1.39
N PHE A 100 7.42 -0.50 2.26
CA PHE A 100 6.19 0.20 2.60
C PHE A 100 6.38 1.06 3.84
N CYS A 101 6.48 2.37 3.65
CA CYS A 101 6.66 3.30 4.76
C CYS A 101 5.94 4.62 4.49
N TYR A 102 4.84 4.84 5.19
CA TYR A 102 4.06 6.06 5.02
C TYR A 102 4.65 7.20 5.85
N PRO A 103 5.20 8.21 5.15
CA PRO A 103 5.80 9.37 5.80
C PRO A 103 4.75 10.27 6.47
N LYS A 104 5.12 11.53 6.69
CA LYS A 104 4.22 12.48 7.33
C LYS A 104 4.57 13.92 6.91
N PRO A 105 5.77 14.37 7.29
CA PRO A 105 6.25 15.71 6.96
C PRO A 105 6.55 15.88 5.48
N ALA A 106 5.53 15.70 4.65
CA ALA A 106 5.68 15.84 3.21
C ALA A 106 6.39 17.14 2.85
N CYS A 107 7.61 17.02 2.31
CA CYS A 107 8.39 18.18 1.93
C CYS A 107 8.36 18.39 0.42
N GLU A 108 7.42 19.22 -0.03
CA GLU A 108 7.27 19.51 -1.45
C GLU A 108 7.49 20.99 -1.74
N GLU A 109 8.68 21.33 -2.23
CA GLU A 109 9.02 22.70 -2.55
C GLU A 109 8.28 23.17 -3.81
N GLY A 1 -11.50 0.49 22.88
CA GLY A 1 -12.25 0.75 21.67
C GLY A 1 -11.78 -0.09 20.49
N SER A 2 -11.81 -1.40 20.66
CA SER A 2 -11.38 -2.32 19.62
C SER A 2 -12.54 -3.20 19.14
N GLY A 3 -12.48 -3.62 17.89
CA GLY A 3 -13.52 -4.46 17.35
C GLY A 3 -14.07 -3.93 16.03
N SER A 4 -13.18 -3.45 15.18
CA SER A 4 -13.58 -2.89 13.88
C SER A 4 -12.41 -2.92 12.91
N ASN A 5 -12.73 -3.12 11.63
CA ASN A 5 -11.71 -3.15 10.59
C ASN A 5 -11.07 -1.77 10.39
N VAL A 6 -9.96 -1.54 11.08
CA VAL A 6 -9.27 -0.26 10.99
C VAL A 6 -7.77 -0.43 11.29
N ILE A 7 -6.94 -0.14 10.30
CA ILE A 7 -5.50 -0.25 10.46
C ILE A 7 -4.81 1.10 10.29
N GLU A 8 -3.84 1.39 11.15
CA GLU A 8 -3.12 2.65 11.08
C GLU A 8 -1.62 2.40 10.86
N ILE A 9 -1.04 3.11 9.89
CA ILE A 9 0.38 2.96 9.59
C ILE A 9 1.09 4.31 9.67
N GLY A 10 1.90 4.47 10.72
CA GLY A 10 2.64 5.70 10.90
C GLY A 10 1.73 6.88 11.21
N ASP A 11 1.22 7.53 10.15
CA ASP A 11 0.34 8.67 10.32
C ASP A 11 -0.84 8.59 9.36
N LEU A 12 -1.05 7.40 8.79
CA LEU A 12 -2.15 7.19 7.85
C LEU A 12 -3.10 6.11 8.37
N THR A 13 -4.40 6.37 8.24
CA THR A 13 -5.41 5.42 8.69
C THR A 13 -6.26 4.93 7.52
N ILE A 14 -6.21 3.62 7.27
CA ILE A 14 -6.98 3.02 6.18
C ILE A 14 -7.80 1.84 6.67
N SER A 15 -8.98 1.67 6.11
CA SER A 15 -9.86 0.57 6.49
C SER A 15 -10.00 -0.44 5.36
N PRO A 16 -9.64 -1.70 5.65
CA PRO A 16 -9.70 -2.80 4.68
C PRO A 16 -11.14 -3.18 4.33
N ASP A 17 -11.98 -3.26 5.34
CA ASP A 17 -13.38 -3.61 5.15
C ASP A 17 -14.10 -2.57 4.30
N GLU A 18 -13.88 -1.30 4.64
CA GLU A 18 -14.50 -0.20 3.92
C GLU A 18 -13.62 0.27 2.76
N GLU A 19 -12.51 -0.44 2.56
CA GLU A 19 -11.57 -0.09 1.49
C GLU A 19 -11.45 1.42 1.33
N LYS A 20 -11.21 2.11 2.45
CA LYS A 20 -11.07 3.55 2.44
C LYS A 20 -9.73 3.98 3.01
N ILE A 21 -9.25 5.14 2.60
CA ILE A 21 -7.97 5.67 3.06
C ILE A 21 -8.12 7.08 3.62
N ILE A 22 -7.52 7.31 4.78
CA ILE A 22 -7.59 8.62 5.42
C ILE A 22 -6.18 9.18 5.67
N TYR A 23 -5.88 10.31 5.05
CA TYR A 23 -4.59 10.95 5.21
C TYR A 23 -4.74 12.46 5.35
N LYS A 24 -4.23 12.99 6.47
CA LYS A 24 -4.31 14.42 6.73
C LYS A 24 -5.74 14.91 6.66
N GLY A 25 -6.67 14.06 7.09
CA GLY A 25 -8.08 14.43 7.07
C GLY A 25 -8.72 14.22 5.71
N ARG A 26 -7.92 13.76 4.75
CA ARG A 26 -8.42 13.52 3.41
C ARG A 26 -8.86 12.07 3.23
N GLU A 27 -10.11 11.87 2.83
CA GLU A 27 -10.64 10.53 2.64
C GLU A 27 -10.64 10.16 1.16
N VAL A 28 -10.04 9.02 0.84
CA VAL A 28 -9.97 8.54 -0.54
C VAL A 28 -10.25 7.04 -0.62
N GLU A 29 -11.30 6.69 -1.34
CA GLU A 29 -11.68 5.29 -1.50
C GLU A 29 -11.11 4.71 -2.79
N VAL A 30 -10.32 3.65 -2.66
CA VAL A 30 -9.70 3.00 -3.81
C VAL A 30 -10.19 1.56 -3.96
N LYS A 31 -10.80 1.26 -5.09
CA LYS A 31 -11.31 -0.09 -5.36
C LYS A 31 -10.48 -0.78 -6.44
N GLY A 32 -9.16 -0.84 -6.21
CA GLY A 32 -8.29 -1.48 -7.17
C GLY A 32 -7.93 -2.90 -6.79
N LYS A 33 -7.31 -3.63 -7.70
CA LYS A 33 -6.91 -5.00 -7.45
C LYS A 33 -5.78 -5.07 -6.44
N PRO A 34 -4.74 -4.26 -6.66
CA PRO A 34 -3.57 -4.20 -5.77
C PRO A 34 -3.89 -3.58 -4.42
N PHE A 35 -5.03 -2.88 -4.35
CA PHE A 35 -5.45 -2.23 -3.12
C PHE A 35 -5.35 -3.19 -1.94
N GLU A 36 -5.47 -4.48 -2.21
CA GLU A 36 -5.39 -5.50 -1.17
C GLU A 36 -3.94 -5.71 -0.74
N VAL A 37 -3.07 -6.01 -1.70
CA VAL A 37 -1.66 -6.24 -1.42
C VAL A 37 -1.02 -5.02 -0.76
N LEU A 38 -1.47 -3.84 -1.17
CA LEU A 38 -0.96 -2.60 -0.62
C LEU A 38 -1.43 -2.38 0.82
N THR A 39 -2.74 -2.42 1.01
CA THR A 39 -3.33 -2.24 2.33
C THR A 39 -2.75 -3.24 3.33
N HIS A 40 -2.85 -4.53 2.99
CA HIS A 40 -2.33 -5.58 3.85
C HIS A 40 -0.87 -5.34 4.21
N LEU A 41 -0.04 -5.13 3.19
CA LEU A 41 1.38 -4.87 3.39
C LEU A 41 1.60 -3.61 4.22
N ALA A 42 0.63 -2.70 4.18
CA ALA A 42 0.71 -1.45 4.92
C ALA A 42 0.70 -1.72 6.42
N ARG A 43 -0.11 -2.68 6.84
CA ARG A 43 -0.22 -3.03 8.26
C ARG A 43 0.41 -4.39 8.53
N HIS A 44 0.93 -5.02 7.48
CA HIS A 44 1.57 -6.33 7.61
C HIS A 44 3.09 -6.21 7.44
N ARG A 45 3.51 -5.45 6.44
CA ARG A 45 4.93 -5.26 6.17
C ARG A 45 5.46 -4.01 6.87
N ASP A 46 4.74 -2.91 6.72
CA ASP A 46 5.12 -1.65 7.34
C ASP A 46 6.64 -1.54 7.43
N GLN A 47 7.32 -1.74 6.30
CA GLN A 47 8.77 -1.66 6.25
C GLN A 47 9.30 -2.13 4.90
N ILE A 48 10.59 -2.44 4.85
CA ILE A 48 11.21 -2.90 3.62
C ILE A 48 10.81 -4.34 3.30
N VAL A 49 10.30 -4.55 2.09
CA VAL A 49 9.87 -5.88 1.67
C VAL A 49 10.50 -6.26 0.33
N SER A 50 10.63 -7.56 0.09
CA SER A 50 11.23 -8.05 -1.15
C SER A 50 10.15 -8.30 -2.21
N LYS A 51 10.58 -8.40 -3.46
CA LYS A 51 9.65 -8.65 -4.56
C LYS A 51 9.09 -10.07 -4.51
N GLU A 52 9.99 -11.04 -4.40
CA GLU A 52 9.59 -12.44 -4.32
C GLU A 52 8.82 -12.72 -3.03
N GLN A 53 9.42 -12.34 -1.91
CA GLN A 53 8.81 -12.55 -0.60
C GLN A 53 7.40 -11.96 -0.56
N LEU A 54 7.26 -10.74 -1.03
CA LEU A 54 5.97 -10.06 -1.05
C LEU A 54 4.98 -10.80 -1.94
N LEU A 55 5.41 -11.13 -3.15
CA LEU A 55 4.57 -11.85 -4.09
C LEU A 55 3.92 -13.06 -3.44
N ASP A 56 4.72 -13.87 -2.76
CA ASP A 56 4.23 -15.06 -2.09
C ASP A 56 3.56 -14.69 -0.76
N ALA A 57 3.90 -13.52 -0.24
CA ALA A 57 3.33 -13.06 1.01
C ALA A 57 1.83 -12.84 0.89
N ILE A 58 1.41 -12.22 -0.22
CA ILE A 58 0.00 -11.96 -0.46
C ILE A 58 -0.59 -12.98 -1.43
N TRP A 59 0.11 -13.22 -2.52
CA TRP A 59 -0.34 -14.17 -3.53
C TRP A 59 -1.86 -14.11 -3.68
N GLU A 60 -2.41 -12.91 -3.73
CA GLU A 60 -3.84 -12.72 -3.87
C GLU A 60 -4.32 -13.16 -5.25
N GLU A 61 -3.43 -13.05 -6.24
CA GLU A 61 -3.76 -13.44 -7.61
C GLU A 61 -3.69 -14.95 -7.77
N PRO A 62 -4.40 -15.46 -8.80
CA PRO A 62 -4.44 -16.90 -9.09
C PRO A 62 -3.11 -17.42 -9.62
N GLU A 63 -3.12 -18.63 -10.17
CA GLU A 63 -1.92 -19.24 -10.71
C GLU A 63 -1.31 -18.38 -11.80
N MET A 64 -2.12 -17.47 -12.36
CA MET A 64 -1.66 -16.58 -13.41
C MET A 64 -0.77 -15.47 -12.84
N VAL A 65 -0.68 -15.42 -11.51
CA VAL A 65 0.13 -14.42 -10.85
C VAL A 65 1.53 -14.35 -11.44
N THR A 66 1.92 -13.18 -11.92
CA THR A 66 3.24 -12.99 -12.51
C THR A 66 4.15 -12.18 -11.59
N PRO A 67 5.45 -12.15 -11.92
CA PRO A 67 6.44 -11.41 -11.13
C PRO A 67 6.26 -9.90 -11.24
N ASN A 68 5.44 -9.47 -12.20
CA ASN A 68 5.19 -8.05 -12.40
C ASN A 68 4.03 -7.57 -11.53
N VAL A 69 3.33 -8.52 -10.93
CA VAL A 69 2.19 -8.19 -10.07
C VAL A 69 2.58 -7.18 -9.00
N ILE A 70 3.81 -7.28 -8.52
CA ILE A 70 4.31 -6.38 -7.49
C ILE A 70 4.48 -4.97 -8.04
N GLU A 71 5.28 -4.84 -9.09
CA GLU A 71 5.53 -3.54 -9.72
C GLU A 71 4.22 -2.92 -10.20
N VAL A 72 3.34 -3.74 -10.76
CA VAL A 72 2.05 -3.26 -11.26
C VAL A 72 1.19 -2.74 -10.11
N ALA A 73 1.29 -3.39 -8.96
CA ALA A 73 0.51 -2.98 -7.79
C ALA A 73 0.96 -1.61 -7.28
N ILE A 74 2.27 -1.42 -7.17
CA ILE A 74 2.82 -0.16 -6.70
C ILE A 74 2.49 0.98 -7.67
N ASN A 75 2.74 0.74 -8.96
CA ASN A 75 2.46 1.74 -9.98
C ASN A 75 0.98 2.07 -10.06
N GLN A 76 0.16 1.02 -10.16
CA GLN A 76 -1.30 1.20 -10.24
C GLN A 76 -1.82 1.93 -9.01
N ILE A 77 -1.42 1.47 -7.83
CA ILE A 77 -1.85 2.07 -6.58
C ILE A 77 -1.33 3.50 -6.45
N ARG A 78 0.00 3.64 -6.55
CA ARG A 78 0.63 4.96 -6.45
C ARG A 78 0.02 5.93 -7.46
N GLN A 79 -0.35 5.41 -8.62
CA GLN A 79 -0.94 6.23 -9.67
C GLN A 79 -2.39 6.58 -9.35
N LYS A 80 -3.01 5.77 -8.50
CA LYS A 80 -4.40 5.99 -8.10
C LYS A 80 -4.48 6.49 -6.67
N MET A 81 -3.32 6.73 -6.05
CA MET A 81 -3.26 7.22 -4.69
C MET A 81 -2.19 8.29 -4.53
N ASP A 82 -0.93 7.89 -4.70
CA ASP A 82 0.19 8.81 -4.58
C ASP A 82 0.06 9.94 -5.60
N LYS A 83 -0.58 9.65 -6.73
CA LYS A 83 -0.76 10.64 -7.78
C LYS A 83 -1.73 11.73 -7.34
N PRO A 84 -2.97 11.32 -6.98
CA PRO A 84 -4.01 12.25 -6.54
C PRO A 84 -3.71 12.84 -5.17
N LEU A 85 -3.18 12.02 -4.27
CA LEU A 85 -2.85 12.46 -2.92
C LEU A 85 -1.46 13.09 -2.89
N GLY A 86 -0.75 13.02 -4.01
CA GLY A 86 0.58 13.59 -4.09
C GLY A 86 1.43 13.23 -2.90
N ILE A 87 1.36 11.97 -2.48
CA ILE A 87 2.13 11.50 -1.33
C ILE A 87 2.91 10.24 -1.69
N SER A 88 3.68 9.73 -0.73
CA SER A 88 4.49 8.53 -0.94
C SER A 88 3.92 7.36 -0.16
N THR A 89 4.26 6.15 -0.58
CA THR A 89 3.79 4.94 0.08
C THR A 89 4.82 3.83 0.01
N VAL A 90 5.27 3.51 -1.20
CA VAL A 90 6.27 2.47 -1.40
C VAL A 90 7.47 3.00 -2.18
N GLU A 91 8.66 2.59 -1.76
CA GLU A 91 9.89 3.02 -2.43
C GLU A 91 10.62 1.83 -3.06
N THR A 92 10.69 1.83 -4.38
CA THR A 92 11.37 0.75 -5.10
C THR A 92 12.88 0.84 -4.94
N VAL A 93 13.47 -0.14 -4.28
CA VAL A 93 14.90 -0.17 -4.06
C VAL A 93 15.53 -1.39 -4.74
N ARG A 94 16.70 -1.18 -5.34
CA ARG A 94 17.40 -2.27 -6.02
C ARG A 94 17.93 -3.29 -5.02
N ARG A 95 17.89 -2.94 -3.75
CA ARG A 95 18.37 -3.82 -2.69
C ARG A 95 17.45 -5.03 -2.54
N ARG A 96 16.28 -4.81 -1.95
CA ARG A 96 15.31 -5.88 -1.75
C ARG A 96 14.22 -5.85 -2.83
N GLY A 97 13.66 -4.67 -3.04
CA GLY A 97 12.61 -4.52 -4.04
C GLY A 97 11.73 -3.32 -3.79
N TYR A 98 10.88 -3.40 -2.77
CA TYR A 98 9.98 -2.31 -2.43
C TYR A 98 9.83 -2.18 -0.91
N ARG A 99 9.81 -0.95 -0.43
CA ARG A 99 9.67 -0.68 1.00
C ARG A 99 8.38 0.06 1.29
N PHE A 100 7.55 -0.53 2.15
CA PHE A 100 6.27 0.08 2.51
C PHE A 100 6.43 0.99 3.72
N CYS A 101 6.44 2.30 3.47
CA CYS A 101 6.58 3.27 4.55
C CYS A 101 5.75 4.52 4.27
N TYR A 102 4.65 4.66 4.99
CA TYR A 102 3.75 5.80 4.82
C TYR A 102 4.27 7.01 5.60
N PRO A 103 4.69 8.06 4.86
CA PRO A 103 5.20 9.29 5.46
C PRO A 103 4.11 10.10 6.16
N LYS A 104 4.39 11.38 6.38
CA LYS A 104 3.42 12.26 7.04
C LYS A 104 3.61 13.70 6.58
N PRO A 105 4.79 14.27 6.88
CA PRO A 105 5.13 15.65 6.50
C PRO A 105 5.31 15.82 5.00
N ALA A 106 4.25 15.53 4.25
CA ALA A 106 4.30 15.65 2.79
C ALA A 106 4.87 17.01 2.38
N CYS A 107 4.50 18.05 3.11
CA CYS A 107 4.98 19.40 2.82
C CYS A 107 6.45 19.55 3.21
N GLU A 108 7.33 19.46 2.23
CA GLU A 108 8.76 19.59 2.46
C GLU A 108 9.35 20.75 1.67
N GLU A 109 10.65 20.98 1.83
CA GLU A 109 11.32 22.07 1.12
C GLU A 109 11.63 21.67 -0.32
#